data_8DHL
#
_entry.id   8DHL
#
_cell.length_a   77.983
_cell.length_b   119.209
_cell.length_c   209.883
_cell.angle_alpha   90.000
_cell.angle_beta   90.000
_cell.angle_gamma   90.000
#
_symmetry.space_group_name_H-M   'P 21 21 21'
#
loop_
_entity.id
_entity.type
_entity.pdbx_description
1 polymer 'Glycosyl hydrolase family 2, sugar binding domain protein'
2 non-polymer 1,2-ETHANEDIOL
3 non-polymer 'CALCIUM ION'
4 non-polymer 'SODIUM ION'
5 water water
#
_entity_poly.entity_id   1
_entity_poly.type   'polypeptide(L)'
_entity_poly.pdbx_seq_one_letter_code
;MHHHHHHSSGVDLGTENLYFQSNALAGQSADGGRCQIAFNSGWLFSKNEANAVLPDRTTAGWQAVQLPHTWNDKDVLADG
RRGYYRGVGWYKKRFRLVPEKGKRYFLRFEGVNQTAEVFVNGKPAGEHTGGYTAFNVDLTPFLEASGEQYIAVKADNSHR
DDVPPLSADFTFFGGIYRPVHLITTGEQHFSMSDYGGPGIYITTPRVTPHGADVTITYHLQNCSDAPQALTLETVIRKDV
ASALATKNTAVTISAFGDTVVTVTCSDVRNFDLWSPDHPAMYYVESLLKQSGKRVDNLSQPLGFRWFRFDPEKGFFINGK
NIKLMGANRHQDRIPYGNALSNDMHRQDLSLLKEMGGNFLRNAHYPQADEVLDQADRLGFAVWEEIPLVNEVTVGPRHTE
NTTVMLKEMIKQHYNHPSVVIWAYMNEIYWAHRYKPQEEIAGRNRATLELARRLEHIVRELDPYRYTAMAMHNDPAYEET
GLGDIPMIAGWNLYHGWYYGIYEDFGTFMDEQRRKYPKRIHLISEYGAGSDVRLYSEKPEKFDFTVEEQTRFTRSITTQI
LDRPYIAGGALWNLADFSSERRVDATSHINNKGLVTADRKPKDAYYLMQALLSEKPVARLGYPFRNRWVHAATSPSDTLV
PVRMHAFSNQKSVSLYVDNRLFGEAEVKDGMAEWEMKLIPGRHLLSLAPNSPDTPEKQIDVRLIPFRPDGKEEAELAMNV
GANYAFIDTRTDLYWLPERTYEKGSWGVVGGEPLYVGGKVGTKEDILAVDEEDPLYQTMRVNPEGFGADLPDGTYEIELL
MVDYVKKSRRFADEDKGITYEPGQRVFGVSVNGTSILPEIDLGGSYGLNVPCRLTFRYTVTDNAGLSIKFHPVSGEPVLS
AVRIRKVEF
;
_entity_poly.pdbx_strand_id   A,B
#
# COMPACT_ATOMS: atom_id res chain seq x y z
N GLY A 32 38.29 28.54 -1.43
CA GLY A 32 37.26 27.88 -0.64
C GLY A 32 37.81 26.79 0.27
N GLY A 33 36.98 26.30 1.20
CA GLY A 33 37.42 25.43 2.27
C GLY A 33 36.89 24.01 2.27
N ARG A 34 35.72 23.77 2.85
CA ARG A 34 35.14 22.44 2.91
C ARG A 34 34.02 22.28 1.90
N CYS A 35 34.04 21.17 1.17
CA CYS A 35 33.00 20.83 0.22
C CYS A 35 32.37 19.51 0.64
N GLN A 36 31.04 19.45 0.59
CA GLN A 36 30.32 18.25 0.97
C GLN A 36 29.18 18.06 -0.02
N ILE A 37 29.16 16.90 -0.68
CA ILE A 37 28.06 16.54 -1.57
C ILE A 37 27.57 15.15 -1.23
N ALA A 38 26.35 14.87 -1.70
CA ALA A 38 25.74 13.57 -1.50
C ALA A 38 26.45 12.50 -2.33
N PHE A 39 26.53 11.29 -1.77
CA PHE A 39 27.20 10.16 -2.40
C PHE A 39 26.25 8.98 -2.48
N ASN A 40 24.96 9.25 -2.67
CA ASN A 40 23.91 8.23 -2.58
C ASN A 40 23.66 7.47 -3.85
N SER A 41 24.06 8.02 -4.99
CA SER A 41 23.65 7.48 -6.27
C SER A 41 24.71 6.56 -6.87
N GLY A 42 24.25 5.67 -7.73
CA GLY A 42 25.14 4.83 -8.51
C GLY A 42 25.60 3.56 -7.83
N TRP A 43 24.92 3.14 -6.77
CA TRP A 43 25.37 1.94 -6.08
C TRP A 43 24.72 0.68 -6.66
N LEU A 44 25.38 -0.45 -6.44
CA LEU A 44 24.87 -1.77 -6.77
C LEU A 44 24.82 -2.57 -5.47
N PHE A 45 23.79 -3.40 -5.34
CA PHE A 45 23.59 -4.18 -4.13
C PHE A 45 23.36 -5.65 -4.47
N SER A 46 23.93 -6.52 -3.65
CA SER A 46 23.63 -7.95 -3.76
C SER A 46 23.66 -8.58 -2.39
N LYS A 47 22.62 -9.37 -2.13
CA LYS A 47 22.46 -10.19 -0.96
C LYS A 47 23.19 -11.52 -1.07
N ASN A 48 23.66 -11.88 -2.28
CA ASN A 48 24.21 -13.21 -2.55
C ASN A 48 25.67 -13.16 -2.98
N GLU A 49 26.35 -12.05 -2.78
CA GLU A 49 27.74 -11.96 -3.20
C GLU A 49 28.64 -12.52 -2.10
N ALA A 50 29.63 -13.30 -2.51
CA ALA A 50 30.54 -13.88 -1.54
C ALA A 50 31.60 -12.86 -1.12
N ASN A 51 32.07 -12.05 -2.06
CA ASN A 51 33.16 -11.12 -1.84
C ASN A 51 33.29 -10.12 -2.98
N ALA A 52 33.24 -8.83 -2.68
CA ALA A 52 33.36 -7.80 -3.70
C ALA A 52 34.53 -6.86 -3.43
N VAL A 53 35.52 -7.30 -2.64
CA VAL A 53 36.63 -6.42 -2.28
C VAL A 53 37.35 -5.91 -3.53
N LEU A 54 37.66 -6.80 -4.45
CA LEU A 54 38.45 -6.40 -5.62
C LEU A 54 37.56 -5.70 -6.66
N PRO A 55 38.08 -4.66 -7.30
CA PRO A 55 37.31 -3.99 -8.38
C PRO A 55 36.69 -4.96 -9.38
N ASP A 56 35.38 -4.80 -9.61
CA ASP A 56 34.61 -5.76 -10.40
C ASP A 56 33.56 -5.00 -11.19
N ARG A 57 33.70 -4.99 -12.52
CA ARG A 57 32.78 -4.30 -13.41
C ARG A 57 31.43 -5.02 -13.58
N THR A 58 31.32 -6.29 -13.18
CA THR A 58 30.09 -7.06 -13.33
C THR A 58 28.91 -6.37 -12.64
N THR A 59 27.79 -6.23 -13.36
CA THR A 59 26.56 -5.79 -12.70
C THR A 59 25.39 -6.73 -12.90
N ALA A 60 25.49 -7.72 -13.79
CA ALA A 60 24.36 -8.63 -14.02
C ALA A 60 24.05 -9.38 -12.75
N GLY A 61 22.78 -9.38 -12.36
CA GLY A 61 22.39 -9.98 -11.13
C GLY A 61 22.48 -9.08 -9.91
N TRP A 62 23.14 -7.92 -10.02
CA TRP A 62 23.14 -6.93 -8.96
C TRP A 62 21.95 -5.99 -9.11
N GLN A 63 21.48 -5.48 -7.98
CA GLN A 63 20.36 -4.55 -7.96
C GLN A 63 20.89 -3.12 -7.91
N ALA A 64 20.40 -2.27 -8.80
CA ALA A 64 20.76 -0.87 -8.74
C ALA A 64 19.98 -0.24 -7.61
N VAL A 65 20.67 0.51 -6.75
CA VAL A 65 20.01 1.16 -5.63
C VAL A 65 20.54 2.57 -5.48
N GLN A 66 19.70 3.39 -4.87
CA GLN A 66 20.04 4.77 -4.51
C GLN A 66 19.86 4.88 -3.00
N LEU A 67 20.94 5.16 -2.29
CA LEU A 67 20.86 5.25 -0.84
C LEU A 67 19.99 6.44 -0.46
N PRO A 68 19.30 6.38 0.69
CA PRO A 68 19.27 5.30 1.67
C PRO A 68 18.63 4.01 1.17
N HIS A 69 19.20 2.89 1.62
CA HIS A 69 18.71 1.58 1.20
C HIS A 69 18.70 0.64 2.41
N THR A 70 17.62 -0.14 2.52
CA THR A 70 17.64 -1.32 3.36
C THR A 70 17.13 -2.51 2.56
N TRP A 71 17.69 -3.68 2.85
CA TRP A 71 17.24 -4.90 2.18
C TRP A 71 16.09 -5.57 2.91
N ASN A 72 15.68 -5.01 4.04
CA ASN A 72 14.59 -5.53 4.84
C ASN A 72 13.32 -4.67 4.73
N ASP A 73 13.15 -3.95 3.62
CA ASP A 73 11.97 -3.10 3.50
C ASP A 73 10.72 -3.92 3.26
N LYS A 74 10.85 -5.11 2.66
CA LYS A 74 9.70 -5.90 2.23
C LYS A 74 9.56 -7.27 2.89
N ASP A 75 10.66 -7.94 3.23
CA ASP A 75 10.54 -9.29 3.75
C ASP A 75 9.95 -9.31 5.16
N VAL A 76 9.83 -8.16 5.82
CA VAL A 76 9.09 -8.06 7.07
C VAL A 76 7.62 -7.78 6.76
N GLY A 83 11.03 -15.15 9.57
CA GLY A 83 11.73 -13.92 9.87
C GLY A 83 12.39 -13.26 8.67
N TYR A 84 12.86 -12.03 8.88
CA TYR A 84 13.47 -11.21 7.85
C TYR A 84 14.98 -11.46 7.77
N TYR A 85 15.55 -11.24 6.59
CA TYR A 85 16.92 -11.66 6.35
C TYR A 85 17.88 -10.86 7.22
N ARG A 86 18.65 -11.56 8.05
CA ARG A 86 19.74 -10.98 8.80
C ARG A 86 21.02 -11.66 8.34
N GLY A 87 21.92 -10.90 7.73
CA GLY A 87 23.15 -11.47 7.23
C GLY A 87 23.96 -10.42 6.51
N VAL A 88 24.85 -10.89 5.65
CA VAL A 88 25.76 -10.02 4.92
C VAL A 88 25.05 -9.49 3.68
N GLY A 89 25.27 -8.21 3.40
CA GLY A 89 24.93 -7.64 2.11
C GLY A 89 26.06 -6.78 1.60
N TRP A 90 26.28 -6.83 0.29
CA TRP A 90 27.39 -6.14 -0.35
C TRP A 90 26.90 -4.98 -1.21
N TYR A 91 27.58 -3.84 -1.11
CA TYR A 91 27.35 -2.68 -1.96
C TYR A 91 28.63 -2.37 -2.70
N LYS A 92 28.50 -1.93 -3.94
CA LYS A 92 29.68 -1.53 -4.70
C LYS A 92 29.32 -0.42 -5.67
N LYS A 93 30.33 0.36 -6.03
CA LYS A 93 30.14 1.54 -6.85
C LYS A 93 31.47 1.93 -7.49
N ARG A 94 31.41 2.38 -8.73
CA ARG A 94 32.55 3.02 -9.37
C ARG A 94 32.26 4.51 -9.48
N PHE A 95 33.29 5.33 -9.34
CA PHE A 95 33.08 6.77 -9.39
C PHE A 95 34.37 7.44 -9.84
N ARG A 96 34.24 8.67 -10.34
CA ARG A 96 35.39 9.42 -10.83
C ARG A 96 35.74 10.51 -9.82
N LEU A 97 37.01 10.55 -9.42
CA LEU A 97 37.49 11.59 -8.52
C LEU A 97 39.01 11.70 -8.71
N VAL A 98 39.46 12.78 -9.32
CA VAL A 98 40.88 13.04 -9.48
C VAL A 98 41.38 13.74 -8.20
N PRO A 99 42.28 13.14 -7.44
CA PRO A 99 42.80 13.84 -6.25
C PRO A 99 43.62 15.05 -6.66
N GLU A 100 43.25 16.21 -6.10
CA GLU A 100 44.01 17.44 -6.30
C GLU A 100 45.07 17.57 -5.21
N LYS A 101 46.13 18.32 -5.51
CA LYS A 101 47.17 18.56 -4.52
C LYS A 101 46.62 19.38 -3.35
N GLY A 102 46.99 18.99 -2.13
CA GLY A 102 46.58 19.70 -0.94
C GLY A 102 45.20 19.40 -0.41
N LYS A 103 44.49 18.42 -0.96
CA LYS A 103 43.11 18.14 -0.58
C LYS A 103 42.99 16.76 0.08
N ARG A 104 42.00 16.61 0.97
CA ARG A 104 41.66 15.34 1.60
C ARG A 104 40.21 14.97 1.31
N TYR A 105 39.97 13.67 1.14
CA TYR A 105 38.66 13.18 0.72
C TYR A 105 38.12 12.17 1.72
N PHE A 106 36.92 12.43 2.21
CA PHE A 106 36.29 11.56 3.18
C PHE A 106 34.94 11.09 2.65
N LEU A 107 34.55 9.90 3.06
CA LEU A 107 33.16 9.47 3.02
C LEU A 107 32.61 9.55 4.43
N ARG A 108 31.44 10.16 4.58
CA ARG A 108 30.73 10.11 5.85
C ARG A 108 29.48 9.27 5.67
N PHE A 109 29.41 8.16 6.41
CA PHE A 109 28.24 7.30 6.44
C PHE A 109 27.36 7.72 7.61
N GLU A 110 26.13 8.16 7.33
CA GLU A 110 25.25 8.55 8.43
C GLU A 110 24.76 7.35 9.21
N GLY A 111 24.74 6.16 8.60
CA GLY A 111 24.28 4.98 9.31
C GLY A 111 24.34 3.71 8.49
N VAL A 112 25.00 2.67 9.01
CA VAL A 112 24.99 1.34 8.39
C VAL A 112 24.67 0.34 9.49
N ASN A 113 23.60 -0.42 9.32
CA ASN A 113 23.20 -1.43 10.29
C ASN A 113 23.58 -2.82 9.82
N GLN A 114 24.42 -3.52 10.58
CA GLN A 114 24.87 -3.13 11.91
C GLN A 114 26.37 -2.89 11.98
N THR A 115 27.13 -3.70 11.23
CA THR A 115 28.57 -3.54 11.06
C THR A 115 28.87 -3.25 9.59
N ALA A 116 29.93 -2.49 9.34
CA ALA A 116 30.35 -2.18 7.99
C ALA A 116 31.86 -2.35 7.83
N GLU A 117 32.26 -2.90 6.70
CA GLU A 117 33.65 -2.88 6.28
C GLU A 117 33.71 -2.23 4.92
N VAL A 118 34.62 -1.27 4.77
CA VAL A 118 34.75 -0.47 3.56
C VAL A 118 36.05 -0.80 2.87
N PHE A 119 36.00 -0.98 1.55
CA PHE A 119 37.17 -1.28 0.74
C PHE A 119 37.22 -0.31 -0.42
N VAL A 120 38.38 0.33 -0.63
CA VAL A 120 38.58 1.29 -1.72
C VAL A 120 39.69 0.76 -2.63
N ASN A 121 39.34 0.47 -3.88
CA ASN A 121 40.29 -0.01 -4.88
C ASN A 121 40.98 -1.29 -4.41
N GLY A 122 40.26 -2.12 -3.67
CA GLY A 122 40.81 -3.37 -3.20
C GLY A 122 41.46 -3.33 -1.83
N LYS A 123 41.54 -2.17 -1.17
CA LYS A 123 42.23 -2.16 0.11
C LYS A 123 41.28 -1.80 1.25
N PRO A 124 41.42 -2.47 2.40
CA PRO A 124 40.58 -2.11 3.56
C PRO A 124 40.79 -0.66 3.95
N ALA A 125 39.70 0.09 4.06
CA ALA A 125 39.78 1.52 4.31
C ALA A 125 39.12 1.96 5.60
N GLY A 126 38.28 1.14 6.22
CA GLY A 126 37.64 1.49 7.46
C GLY A 126 36.58 0.49 7.85
N GLU A 127 36.28 0.38 9.15
CA GLU A 127 35.25 -0.53 9.62
C GLU A 127 34.46 0.18 10.70
N HIS A 128 33.22 -0.28 10.90
CA HIS A 128 32.41 0.30 11.94
C HIS A 128 31.45 -0.74 12.48
N THR A 129 31.25 -0.69 13.80
CA THR A 129 30.34 -1.54 14.54
C THR A 129 29.36 -0.62 15.24
N GLY A 130 28.07 -0.94 15.15
CA GLY A 130 27.01 -0.09 15.68
C GLY A 130 26.18 0.48 14.55
N GLY A 131 24.88 0.18 14.54
CA GLY A 131 24.02 0.50 13.42
C GLY A 131 23.33 1.84 13.50
N TYR A 132 23.65 2.69 14.48
CA TYR A 132 22.86 3.89 14.68
C TYR A 132 23.66 5.17 14.74
N THR A 133 24.98 5.12 14.57
CA THR A 133 25.83 6.29 14.67
C THR A 133 26.70 6.41 13.44
N ALA A 134 27.05 7.64 13.10
CA ALA A 134 27.78 7.94 11.86
C ALA A 134 29.26 7.58 11.99
N PHE A 135 29.92 7.44 10.85
CA PHE A 135 31.37 7.25 10.86
C PHE A 135 31.98 7.78 9.57
N ASN A 136 33.25 8.16 9.66
CA ASN A 136 34.00 8.74 8.55
C ASN A 136 35.04 7.77 8.05
N VAL A 137 35.24 7.75 6.74
CA VAL A 137 36.30 6.96 6.10
C VAL A 137 37.16 7.89 5.25
N ASP A 138 38.47 7.88 5.50
CA ASP A 138 39.41 8.68 4.73
C ASP A 138 39.74 7.94 3.44
N LEU A 139 39.33 8.50 2.29
CA LEU A 139 39.62 7.85 1.02
C LEU A 139 41.04 8.12 0.56
N THR A 140 41.63 9.25 0.95
CA THR A 140 42.84 9.78 0.32
C THR A 140 43.96 8.76 0.14
N PRO A 141 44.32 7.94 1.15
CA PRO A 141 45.45 7.01 0.94
C PRO A 141 45.22 6.01 -0.17
N PHE A 142 43.99 5.84 -0.64
CA PHE A 142 43.63 4.72 -1.48
C PHE A 142 43.15 5.13 -2.86
N LEU A 143 43.14 6.42 -3.16
CA LEU A 143 42.63 6.85 -4.45
C LEU A 143 43.66 6.60 -5.56
N GLU A 144 43.15 6.26 -6.73
CA GLU A 144 43.98 6.14 -7.92
C GLU A 144 44.21 7.51 -8.52
N ALA A 145 45.46 7.81 -8.88
CA ALA A 145 45.78 9.08 -9.51
C ALA A 145 45.01 9.24 -10.83
N SER A 146 44.67 8.13 -11.47
CA SER A 146 43.93 8.18 -12.72
C SER A 146 42.52 8.77 -12.54
N GLY A 147 42.00 8.80 -11.31
CA GLY A 147 40.64 9.22 -11.08
C GLY A 147 39.59 8.13 -11.14
N GLU A 148 39.94 6.92 -11.61
CA GLU A 148 38.98 5.83 -11.72
C GLU A 148 38.95 5.10 -10.39
N GLN A 149 37.85 5.22 -9.65
CA GLN A 149 37.76 4.67 -8.31
C GLN A 149 36.65 3.63 -8.23
N TYR A 150 36.84 2.73 -7.26
CA TYR A 150 35.91 1.65 -6.97
C TYR A 150 35.81 1.56 -5.46
N ILE A 151 34.60 1.32 -4.96
CA ILE A 151 34.39 1.11 -3.53
C ILE A 151 33.40 -0.02 -3.34
N ALA A 152 33.64 -0.83 -2.32
CA ALA A 152 32.67 -1.81 -1.88
C ALA A 152 32.48 -1.66 -0.38
N VAL A 153 31.27 -1.95 0.06
CA VAL A 153 30.93 -1.94 1.48
C VAL A 153 30.29 -3.28 1.80
N LYS A 154 30.84 -3.98 2.79
CA LYS A 154 30.25 -5.21 3.30
C LYS A 154 29.47 -4.85 4.55
N ALA A 155 28.15 -4.96 4.48
CA ALA A 155 27.28 -4.68 5.60
C ALA A 155 26.70 -5.98 6.13
N ASP A 156 26.50 -6.03 7.45
CA ASP A 156 26.06 -7.24 8.13
C ASP A 156 25.10 -6.84 9.25
N ASN A 157 23.89 -7.39 9.26
CA ASN A 157 22.94 -7.15 10.34
C ASN A 157 22.57 -8.43 11.08
N SER A 158 23.42 -9.46 11.03
CA SER A 158 23.15 -10.65 11.84
C SER A 158 23.51 -10.38 13.29
N HIS A 159 22.96 -11.22 14.17
CA HIS A 159 23.12 -11.06 15.61
C HIS A 159 24.57 -11.20 16.03
N ARG A 160 24.99 -10.35 16.97
CA ARG A 160 26.29 -10.47 17.61
C ARG A 160 26.14 -10.22 19.10
N ASP A 161 26.52 -11.22 19.91
CA ASP A 161 26.35 -11.14 21.35
C ASP A 161 26.96 -9.88 21.93
N ASP A 162 27.96 -9.31 21.28
CA ASP A 162 28.72 -8.19 21.83
C ASP A 162 28.24 -6.83 21.35
N VAL A 163 27.21 -6.78 20.51
CA VAL A 163 26.77 -5.51 19.92
C VAL A 163 25.27 -5.30 20.11
N PRO A 164 24.86 -4.41 21.00
CA PRO A 164 23.44 -4.12 21.15
C PRO A 164 22.95 -3.35 19.95
N PRO A 165 21.66 -3.42 19.64
CA PRO A 165 20.61 -4.09 20.41
C PRO A 165 20.63 -5.61 20.25
N LEU A 166 20.67 -6.33 21.37
CA LEU A 166 20.72 -7.78 21.33
C LEU A 166 19.35 -8.37 21.01
N SER A 167 18.29 -7.72 21.46
CA SER A 167 16.93 -8.12 21.15
C SER A 167 16.05 -6.94 21.51
N ALA A 168 14.93 -6.83 20.81
CA ALA A 168 13.99 -5.74 21.02
C ALA A 168 12.78 -6.07 20.18
N ASP A 169 11.74 -5.27 20.35
CA ASP A 169 10.52 -5.49 19.57
C ASP A 169 10.46 -4.60 18.34
N PHE A 170 11.58 -4.02 17.92
CA PHE A 170 11.62 -3.34 16.64
C PHE A 170 12.57 -4.06 15.69
N THR A 171 12.33 -3.88 14.40
CA THR A 171 13.07 -4.55 13.35
C THR A 171 14.47 -3.97 13.19
N PHE A 172 15.46 -4.86 13.02
CA PHE A 172 16.85 -4.46 12.80
C PHE A 172 17.18 -4.41 11.31
N PHE A 173 16.47 -3.53 10.57
CA PHE A 173 16.67 -3.42 9.13
C PHE A 173 18.15 -3.31 8.78
N GLY A 174 18.62 -4.12 7.86
CA GLY A 174 20.01 -4.08 7.45
C GLY A 174 20.28 -3.17 6.26
N GLY A 175 21.50 -2.63 6.21
CA GLY A 175 22.01 -1.99 5.02
C GLY A 175 22.44 -0.56 5.26
N ILE A 176 22.80 0.12 4.17
CA ILE A 176 23.19 1.53 4.26
C ILE A 176 21.91 2.36 4.22
N TYR A 177 21.25 2.47 5.36
CA TYR A 177 19.88 2.95 5.39
C TYR A 177 19.80 4.45 5.61
N ARG A 178 20.92 5.15 5.72
CA ARG A 178 21.00 6.60 5.85
C ARG A 178 21.97 7.11 4.79
N PRO A 179 21.90 8.39 4.44
CA PRO A 179 22.71 8.88 3.30
C PRO A 179 24.20 8.76 3.58
N VAL A 180 24.96 8.90 2.48
CA VAL A 180 26.42 8.90 2.50
C VAL A 180 26.88 10.15 1.77
N HIS A 181 27.95 10.77 2.29
CA HIS A 181 28.42 12.05 1.79
C HIS A 181 29.90 11.97 1.47
N LEU A 182 30.28 12.68 0.41
CA LEU A 182 31.66 12.83 0.00
C LEU A 182 32.10 14.22 0.46
N ILE A 183 33.15 14.26 1.27
CA ILE A 183 33.61 15.51 1.88
C ILE A 183 35.03 15.78 1.42
N THR A 184 35.25 16.98 0.90
CA THR A 184 36.58 17.44 0.52
C THR A 184 37.00 18.54 1.47
N THR A 185 38.21 18.42 2.01
CA THR A 185 38.79 19.45 2.86
C THR A 185 40.22 19.71 2.43
N GLY A 186 40.83 20.73 3.02
CA GLY A 186 42.26 20.91 2.91
C GLY A 186 42.97 19.94 3.82
N GLU A 187 44.29 19.97 3.76
CA GLU A 187 45.08 19.04 4.57
C GLU A 187 45.17 19.46 6.02
N GLN A 188 44.78 20.68 6.36
CA GLN A 188 44.53 21.07 7.74
C GLN A 188 43.02 21.23 7.88
N HIS A 189 42.43 20.57 8.88
CA HIS A 189 40.98 20.52 8.95
C HIS A 189 40.54 20.20 10.36
N PHE A 190 39.28 20.48 10.64
CA PHE A 190 38.67 19.98 11.86
C PHE A 190 38.63 18.45 11.80
N SER A 191 38.87 17.82 12.95
CA SER A 191 39.16 16.39 12.94
C SER A 191 38.00 15.58 12.39
N MET A 192 38.35 14.55 11.62
CA MET A 192 37.42 13.56 11.10
C MET A 192 37.48 12.26 11.88
N SER A 193 38.27 12.20 12.95
CA SER A 193 38.52 10.91 13.61
C SER A 193 38.12 10.90 15.08
N ASP A 194 37.26 11.82 15.52
CA ASP A 194 36.85 11.90 16.92
C ASP A 194 35.46 11.29 17.08
N TYR A 195 35.42 9.95 17.04
CA TYR A 195 34.16 9.20 17.22
C TYR A 195 33.08 9.67 16.28
N GLY A 196 33.46 10.07 15.07
CA GLY A 196 32.47 10.53 14.11
C GLY A 196 31.83 11.86 14.42
N GLY A 197 32.23 12.53 15.50
CA GLY A 197 31.68 13.82 15.83
C GLY A 197 32.24 14.92 14.94
N PRO A 198 31.72 16.13 15.11
CA PRO A 198 32.15 17.24 14.25
C PRO A 198 33.55 17.78 14.56
N GLY A 199 34.17 17.39 15.69
CA GLY A 199 35.45 17.98 16.06
C GLY A 199 35.34 19.40 16.54
N ILE A 200 34.13 19.91 16.69
CA ILE A 200 33.84 21.23 17.23
C ILE A 200 32.76 21.04 18.28
N TYR A 201 33.07 21.36 19.53
CA TYR A 201 32.17 21.05 20.64
C TYR A 201 31.89 22.31 21.44
N ILE A 202 30.63 22.72 21.44
CA ILE A 202 30.20 24.00 21.99
C ILE A 202 29.59 23.76 23.35
N THR A 203 29.95 24.60 24.30
CA THR A 203 29.44 24.53 25.65
C THR A 203 29.02 25.94 26.05
N THR A 204 27.94 26.05 26.84
CA THR A 204 27.50 27.33 27.40
C THR A 204 27.55 27.22 28.92
N PRO A 205 28.74 27.41 29.52
CA PRO A 205 28.87 27.22 30.98
C PRO A 205 28.15 28.28 31.81
N ARG A 206 27.77 29.41 31.24
CA ARG A 206 27.01 30.41 31.95
C ARG A 206 25.98 30.97 30.99
N VAL A 207 24.71 30.93 31.38
CA VAL A 207 23.65 31.54 30.60
C VAL A 207 22.70 32.26 31.53
N THR A 208 22.48 33.54 31.29
CA THR A 208 21.43 34.35 31.91
C THR A 208 20.65 35.00 30.78
N PRO A 209 19.56 35.72 31.08
CA PRO A 209 18.85 36.40 29.99
C PRO A 209 19.66 37.49 29.33
N HIS A 210 20.63 38.09 30.02
CA HIS A 210 21.31 39.28 29.56
C HIS A 210 22.74 39.03 29.07
N GLY A 211 23.23 37.80 29.19
CA GLY A 211 24.56 37.50 28.73
C GLY A 211 24.87 36.04 28.97
N ALA A 212 25.84 35.55 28.21
CA ALA A 212 26.24 34.16 28.31
C ALA A 212 27.74 34.02 28.01
N ASP A 213 28.33 32.95 28.52
CA ASP A 213 29.67 32.55 28.15
C ASP A 213 29.60 31.33 27.24
N VAL A 214 30.29 31.38 26.11
CA VAL A 214 30.33 30.28 25.15
C VAL A 214 31.76 29.82 25.00
N THR A 215 32.01 28.54 25.25
CA THR A 215 33.32 27.97 24.98
C THR A 215 33.20 26.95 23.85
N ILE A 216 34.14 26.99 22.91
CA ILE A 216 34.16 26.09 21.77
C ILE A 216 35.47 25.32 21.80
N THR A 217 35.40 24.00 21.87
CA THR A 217 36.59 23.15 21.89
C THR A 217 36.82 22.54 20.51
N TYR A 218 38.00 22.80 19.94
CA TYR A 218 38.32 22.42 18.56
C TYR A 218 39.33 21.28 18.54
N HIS A 219 39.03 20.24 17.76
CA HIS A 219 40.00 19.19 17.46
C HIS A 219 40.49 19.42 16.03
N LEU A 220 41.77 19.74 15.89
CA LEU A 220 42.36 20.09 14.61
C LEU A 220 43.38 19.05 14.17
N GLN A 221 43.44 18.80 12.87
CA GLN A 221 44.40 17.86 12.32
C GLN A 221 45.17 18.50 11.17
N ASN A 222 46.46 18.22 11.11
CA ASN A 222 47.32 18.61 9.99
C ASN A 222 47.84 17.34 9.33
N CYS A 223 47.48 17.14 8.06
CA CYS A 223 47.85 15.93 7.34
C CYS A 223 49.08 16.12 6.46
N SER A 224 49.61 17.33 6.38
CA SER A 224 50.78 17.63 5.57
C SER A 224 52.08 17.21 6.30
N ASP A 225 53.16 17.08 5.54
CA ASP A 225 54.46 16.71 6.09
C ASP A 225 55.27 17.92 6.54
N ALA A 226 54.68 19.10 6.56
CA ALA A 226 55.31 20.31 7.08
C ALA A 226 54.50 20.87 8.24
N PRO A 227 55.14 21.47 9.23
CA PRO A 227 54.40 22.25 10.22
C PRO A 227 53.63 23.36 9.51
N GLN A 228 52.54 23.82 10.13
CA GLN A 228 51.70 24.80 9.47
C GLN A 228 51.18 25.78 10.50
N ALA A 229 51.21 27.06 10.14
CA ALA A 229 50.65 28.13 10.94
C ALA A 229 49.27 28.49 10.38
N LEU A 230 48.24 28.43 11.24
CA LEU A 230 46.87 28.64 10.82
C LEU A 230 46.21 29.74 11.64
N THR A 231 45.10 30.25 11.11
CA THR A 231 44.21 31.05 11.90
C THR A 231 42.84 30.40 11.94
N LEU A 232 42.15 30.62 13.05
CA LEU A 232 40.86 30.05 13.33
C LEU A 232 39.91 31.20 13.64
N GLU A 233 38.89 31.39 12.81
CA GLU A 233 37.88 32.42 13.01
C GLU A 233 36.62 31.79 13.56
N THR A 234 36.16 32.28 14.71
CA THR A 234 34.99 31.77 15.40
C THR A 234 33.96 32.89 15.44
N VAL A 235 32.81 32.68 14.80
CA VAL A 235 31.77 33.69 14.75
C VAL A 235 30.45 33.08 15.25
N ILE A 236 29.81 33.77 16.18
CA ILE A 236 28.48 33.43 16.66
C ILE A 236 27.48 34.28 15.87
N ARG A 237 26.62 33.62 15.09
CA ARG A 237 25.74 34.28 14.14
C ARG A 237 24.29 33.90 14.41
N LYS A 238 23.39 34.86 14.22
CA LYS A 238 22.00 34.53 13.91
C LYS A 238 21.85 34.11 12.45
N ASP A 239 22.51 34.83 11.55
CA ASP A 239 22.38 34.63 10.12
C ASP A 239 23.64 35.23 9.47
N VAL A 240 23.67 35.22 8.13
CA VAL A 240 24.88 35.62 7.43
C VAL A 240 25.18 37.10 7.59
N ALA A 241 24.21 37.92 7.98
CA ALA A 241 24.41 39.36 8.04
C ALA A 241 24.70 39.89 9.44
N SER A 242 24.46 39.10 10.48
CA SER A 242 24.60 39.58 11.85
C SER A 242 25.39 38.59 12.69
N ALA A 243 26.37 39.11 13.42
CA ALA A 243 27.21 38.31 14.30
C ALA A 243 27.09 38.87 15.71
N LEU A 244 27.05 37.99 16.71
CA LEU A 244 27.00 38.38 18.10
C LEU A 244 28.36 38.38 18.79
N ALA A 245 29.35 37.71 18.22
CA ALA A 245 30.68 37.63 18.78
C ALA A 245 31.61 37.10 17.71
N THR A 246 32.84 37.60 17.70
CA THR A 246 33.85 37.16 16.75
C THR A 246 35.15 36.96 17.51
N LYS A 247 35.84 35.86 17.23
CA LYS A 247 37.11 35.59 17.87
C LYS A 247 38.07 35.06 16.82
N ASN A 248 39.33 35.39 17.00
CA ASN A 248 40.37 35.00 16.06
C ASN A 248 41.51 34.40 16.85
N THR A 249 41.89 33.18 16.47
CA THR A 249 42.83 32.38 17.24
C THR A 249 43.94 31.89 16.32
N ALA A 250 45.18 32.08 16.72
CA ALA A 250 46.32 31.56 16.00
C ALA A 250 46.69 30.21 16.57
N VAL A 251 47.03 29.28 15.68
CA VAL A 251 47.46 27.95 16.11
C VAL A 251 48.49 27.45 15.09
N THR A 252 49.52 26.79 15.59
CA THR A 252 50.52 26.17 14.74
C THR A 252 50.56 24.69 15.09
N ILE A 253 50.55 23.84 14.06
CA ILE A 253 50.51 22.40 14.22
C ILE A 253 51.71 21.79 13.52
N SER A 254 52.38 20.88 14.22
CA SER A 254 53.52 20.16 13.66
C SER A 254 53.08 19.23 12.53
N ALA A 255 54.06 18.78 11.76
CA ALA A 255 53.82 17.88 10.65
C ALA A 255 53.13 16.61 11.13
N PHE A 256 52.14 16.15 10.35
CA PHE A 256 51.31 14.99 10.73
C PHE A 256 50.73 15.14 12.13
N GLY A 257 50.47 16.38 12.55
CA GLY A 257 50.09 16.64 13.92
C GLY A 257 48.58 16.74 14.11
N ASP A 258 48.21 16.88 15.38
CA ASP A 258 46.84 17.16 15.79
C ASP A 258 46.91 17.92 17.11
N THR A 259 45.85 18.67 17.40
CA THR A 259 45.89 19.50 18.59
C THR A 259 44.46 19.87 18.96
N VAL A 260 44.25 20.15 20.24
CA VAL A 260 42.97 20.61 20.76
CA VAL A 260 42.95 20.61 20.75
C VAL A 260 43.12 22.04 21.26
N VAL A 261 42.28 22.94 20.78
CA VAL A 261 42.32 24.34 21.19
C VAL A 261 40.95 24.75 21.68
N THR A 262 40.91 25.48 22.79
CA THR A 262 39.68 25.94 23.40
C THR A 262 39.55 27.44 23.22
N VAL A 263 38.43 27.86 22.63
CA VAL A 263 38.13 29.26 22.38
C VAL A 263 36.96 29.65 23.26
N THR A 264 37.07 30.81 23.90
CA THR A 264 36.03 31.30 24.79
C THR A 264 35.51 32.64 24.29
N CYS A 265 34.21 32.72 24.08
CA CYS A 265 33.53 33.98 23.87
C CYS A 265 32.85 34.34 25.18
N SER A 266 33.47 35.26 25.93
CA SER A 266 32.92 35.68 27.22
C SER A 266 31.89 36.79 27.04
N ASP A 267 30.83 36.72 27.84
CA ASP A 267 29.83 37.78 27.97
C ASP A 267 29.20 38.14 26.62
N VAL A 268 28.80 37.11 25.86
CA VAL A 268 27.99 37.34 24.66
C VAL A 268 26.66 37.94 25.09
N ARG A 269 26.13 38.86 24.28
CA ARG A 269 24.89 39.55 24.60
C ARG A 269 23.97 39.62 23.40
N ASN A 270 22.75 40.09 23.66
CA ASN A 270 21.74 40.41 22.64
C ASN A 270 21.29 39.18 21.87
N PHE A 271 21.13 38.07 22.58
CA PHE A 271 20.58 36.85 22.01
C PHE A 271 19.20 36.62 22.59
N ASP A 272 18.41 35.81 21.89
CA ASP A 272 17.17 35.29 22.45
C ASP A 272 17.42 33.90 23.03
N LEU A 273 16.71 33.61 24.10
CA LEU A 273 16.81 32.31 24.76
C LEU A 273 16.06 31.24 23.98
N TRP A 274 16.59 30.02 24.00
CA TRP A 274 15.98 28.88 23.35
C TRP A 274 15.04 28.18 24.31
N SER A 275 13.84 27.85 23.85
CA SER A 275 12.92 26.97 24.56
C SER A 275 12.04 26.29 23.54
N PRO A 276 11.41 25.16 23.88
CA PRO A 276 10.46 24.54 22.94
C PRO A 276 9.43 25.52 22.42
N ASP A 277 8.89 26.36 23.30
CA ASP A 277 7.90 27.34 22.88
C ASP A 277 8.47 28.34 21.90
N HIS A 278 9.71 28.76 22.13
CA HIS A 278 10.32 29.87 21.40
C HIS A 278 11.74 29.45 21.08
N PRO A 279 11.91 28.61 20.05
CA PRO A 279 13.21 27.94 19.76
C PRO A 279 14.16 28.83 18.98
N ALA A 280 14.58 29.91 19.64
CA ALA A 280 15.51 30.87 19.04
C ALA A 280 16.87 30.22 18.82
N MET A 281 17.33 30.20 17.58
CA MET A 281 18.46 29.39 17.16
C MET A 281 19.58 30.28 16.65
N TYR A 282 20.81 29.93 16.98
CA TYR A 282 21.97 30.60 16.42
C TYR A 282 22.89 29.56 15.81
N TYR A 283 24.07 29.96 15.38
CA TYR A 283 25.06 28.97 14.98
C TYR A 283 26.45 29.56 15.14
N VAL A 284 27.43 28.68 15.11
CA VAL A 284 28.83 29.04 15.22
C VAL A 284 29.46 28.72 13.88
N GLU A 285 29.88 29.75 13.17
CA GLU A 285 30.66 29.60 11.95
C GLU A 285 32.13 29.48 12.33
N SER A 286 32.78 28.40 11.89
CA SER A 286 34.19 28.19 12.19
C SER A 286 34.97 28.07 10.89
N LEU A 287 35.95 28.96 10.72
CA LEU A 287 36.73 29.02 9.51
C LEU A 287 38.18 28.79 9.86
N LEU A 288 38.76 27.73 9.30
CA LEU A 288 40.17 27.44 9.48
C LEU A 288 40.91 27.93 8.24
N LYS A 289 41.90 28.79 8.45
CA LYS A 289 42.57 29.46 7.35
C LYS A 289 44.09 29.27 7.41
N GLN A 290 44.67 29.09 6.23
CA GLN A 290 46.10 28.98 6.01
C GLN A 290 46.44 30.01 4.94
N SER A 291 47.21 31.02 5.30
CA SER A 291 47.61 32.05 4.35
C SER A 291 46.42 32.90 3.92
N GLY A 292 45.46 33.10 4.81
CA GLY A 292 44.26 33.85 4.50
C GLY A 292 43.27 33.13 3.61
N LYS A 293 43.69 32.06 2.93
CA LYS A 293 42.79 31.23 2.15
C LYS A 293 42.16 30.20 3.08
N ARG A 294 40.85 30.05 3.01
CA ARG A 294 40.23 29.10 3.90
C ARG A 294 40.59 27.68 3.47
N VAL A 295 40.84 26.85 4.47
CA VAL A 295 41.24 25.48 4.21
C VAL A 295 40.26 24.46 4.81
N ASP A 296 39.44 24.87 5.77
CA ASP A 296 38.29 24.09 6.20
C ASP A 296 37.26 25.08 6.75
N ASN A 297 36.00 24.64 6.79
CA ASN A 297 34.98 25.44 7.44
C ASN A 297 33.82 24.52 7.79
N LEU A 298 33.17 24.84 8.91
CA LEU A 298 32.13 23.96 9.42
C LEU A 298 31.29 24.75 10.41
N SER A 299 30.00 24.85 10.13
CA SER A 299 29.05 25.51 11.02
C SER A 299 28.39 24.48 11.94
N GLN A 300 28.04 24.91 13.14
CA GLN A 300 27.41 24.06 14.13
C GLN A 300 26.32 24.84 14.84
N PRO A 301 25.26 24.16 15.28
CA PRO A 301 24.15 24.88 15.91
C PRO A 301 24.49 25.33 17.32
N LEU A 302 23.77 26.37 17.76
CA LEU A 302 23.92 26.91 19.10
C LEU A 302 22.58 27.46 19.56
N GLY A 303 22.16 27.04 20.74
CA GLY A 303 21.04 27.67 21.42
C GLY A 303 21.44 28.04 22.83
N PHE A 304 20.88 29.15 23.32
CA PHE A 304 21.18 29.66 24.64
C PHE A 304 20.06 29.26 25.59
N ARG A 305 20.39 28.46 26.59
CA ARG A 305 19.39 28.05 27.56
C ARG A 305 20.07 27.47 28.77
N TRP A 306 19.37 27.50 29.90
CA TRP A 306 19.75 26.75 31.08
C TRP A 306 18.50 26.05 31.59
N PHE A 307 18.68 24.89 32.20
CA PHE A 307 17.54 24.09 32.59
C PHE A 307 17.91 23.22 33.79
N ARG A 308 16.88 22.66 34.42
CA ARG A 308 17.07 21.72 35.52
C ARG A 308 15.78 20.95 35.75
N PHE A 309 15.92 19.84 36.47
CA PHE A 309 14.79 19.01 36.85
C PHE A 309 14.66 19.06 38.37
N ASP A 310 13.44 19.17 38.85
CA ASP A 310 13.19 19.23 40.29
C ASP A 310 12.30 18.08 40.72
N PRO A 311 12.56 17.46 41.87
CA PRO A 311 11.76 16.28 42.26
C PRO A 311 10.29 16.59 42.48
N GLU A 312 9.97 17.78 43.00
CA GLU A 312 8.57 18.12 43.27
C GLU A 312 7.87 18.73 42.06
N LYS A 313 8.53 19.58 41.29
CA LYS A 313 7.85 20.38 40.27
C LYS A 313 8.28 20.07 38.84
N GLY A 314 9.28 19.23 38.63
CA GLY A 314 9.61 18.85 37.27
C GLY A 314 10.61 19.73 36.57
N PHE A 315 10.38 19.97 35.27
CA PHE A 315 11.34 20.58 34.38
C PHE A 315 11.23 22.11 34.44
N PHE A 316 12.37 22.78 34.57
CA PHE A 316 12.47 24.22 34.41
C PHE A 316 13.45 24.51 33.28
N ILE A 317 13.08 25.40 32.37
CA ILE A 317 14.03 25.89 31.37
C ILE A 317 13.99 27.41 31.38
N ASN A 318 15.17 28.03 31.51
CA ASN A 318 15.29 29.49 31.58
C ASN A 318 14.42 30.05 32.69
N GLY A 319 14.38 29.33 33.82
CA GLY A 319 13.65 29.73 35.00
C GLY A 319 12.18 29.39 34.99
N LYS A 320 11.64 28.91 33.87
CA LYS A 320 10.22 28.68 33.74
C LYS A 320 9.89 27.20 33.87
N ASN A 321 8.95 26.87 34.74
CA ASN A 321 8.48 25.51 34.94
C ASN A 321 7.57 25.12 33.78
N ILE A 322 7.94 24.10 33.00
CA ILE A 322 7.04 23.63 31.94
C ILE A 322 6.88 22.12 31.98
N LYS A 323 5.72 21.66 31.50
CA LYS A 323 5.42 20.24 31.41
C LYS A 323 5.95 19.72 30.08
N LEU A 324 6.79 18.70 30.12
CA LEU A 324 7.29 18.06 28.91
C LEU A 324 6.30 16.97 28.48
N MET A 325 5.55 17.21 27.41
CA MET A 325 4.62 16.21 26.91
C MET A 325 4.82 16.05 25.41
N GLY A 326 4.98 14.82 24.95
CA GLY A 326 5.34 14.59 23.57
C GLY A 326 5.28 13.12 23.21
N ALA A 327 6.25 12.63 22.44
CA ALA A 327 6.16 11.26 21.96
C ALA A 327 7.54 10.67 21.71
N ASN A 328 7.60 9.35 21.80
CA ASN A 328 8.64 8.56 21.16
C ASN A 328 8.44 8.56 19.66
N ARG A 329 9.52 8.41 18.92
CA ARG A 329 9.45 8.33 17.46
C ARG A 329 10.46 7.30 16.97
N HIS A 330 9.96 6.26 16.32
CA HIS A 330 10.82 5.29 15.63
C HIS A 330 11.19 5.81 14.24
N GLN A 331 12.37 5.45 13.77
CA GLN A 331 12.87 5.95 12.49
C GLN A 331 12.48 5.05 11.32
N ASP A 332 11.30 4.44 11.33
CA ASP A 332 10.89 3.57 10.23
C ASP A 332 9.49 3.97 9.74
N ARG A 333 9.20 3.59 8.50
CA ARG A 333 7.90 3.87 7.87
C ARG A 333 7.62 2.79 6.83
N ILE A 334 6.64 1.95 7.13
CA ILE A 334 6.18 0.92 6.20
C ILE A 334 5.66 1.59 4.94
N PRO A 335 6.01 1.12 3.72
CA PRO A 335 6.77 -0.08 3.37
C PRO A 335 8.24 0.18 3.00
N TYR A 336 8.85 1.20 3.59
CA TYR A 336 10.21 1.58 3.26
C TYR A 336 11.24 1.13 4.29
N GLY A 337 10.84 0.36 5.31
CA GLY A 337 11.78 0.01 6.36
C GLY A 337 12.25 1.25 7.09
N ASN A 338 13.56 1.33 7.34
CA ASN A 338 14.16 2.51 7.96
C ASN A 338 14.92 3.37 6.95
N ALA A 339 14.78 3.11 5.65
CA ALA A 339 15.47 3.88 4.61
C ALA A 339 14.64 5.13 4.28
N LEU A 340 14.64 6.08 5.21
CA LEU A 340 13.75 7.22 5.11
C LEU A 340 14.45 8.44 4.51
N SER A 341 13.70 9.26 3.80
CA SER A 341 14.15 10.53 3.28
C SER A 341 14.09 11.60 4.37
N ASN A 342 14.93 12.63 4.20
CA ASN A 342 14.88 13.76 5.12
C ASN A 342 13.52 14.46 5.09
N ASP A 343 12.82 14.41 3.96
CA ASP A 343 11.44 14.91 3.90
C ASP A 343 10.55 14.17 4.90
N MET A 344 10.72 12.84 5.00
CA MET A 344 9.94 12.04 5.94
C MET A 344 10.26 12.40 7.39
N HIS A 345 11.54 12.64 7.71
CA HIS A 345 11.88 13.08 9.05
C HIS A 345 11.17 14.37 9.39
N ARG A 346 11.18 15.33 8.46
CA ARG A 346 10.57 16.62 8.74
C ARG A 346 9.08 16.49 8.88
N GLN A 347 8.46 15.62 8.07
CA GLN A 347 7.02 15.44 8.16
C GLN A 347 6.63 14.91 9.54
N ASP A 348 7.35 13.88 10.02
CA ASP A 348 7.09 13.30 11.33
C ASP A 348 7.15 14.36 12.42
N LEU A 349 8.26 15.10 12.47
CA LEU A 349 8.44 16.01 13.59
C LEU A 349 7.45 17.16 13.50
N SER A 350 7.11 17.57 12.28
CA SER A 350 6.05 18.53 12.08
C SER A 350 4.74 18.04 12.69
N LEU A 351 4.41 16.77 12.49
CA LEU A 351 3.18 16.21 13.06
C LEU A 351 3.20 16.31 14.57
N LEU A 352 4.36 16.03 15.18
CA LEU A 352 4.50 16.15 16.63
C LEU A 352 4.29 17.59 17.09
N LYS A 353 4.89 18.56 16.38
CA LYS A 353 4.75 19.95 16.77
C LYS A 353 3.32 20.44 16.67
N GLU A 354 2.63 20.08 15.57
CA GLU A 354 1.22 20.45 15.42
C GLU A 354 0.33 19.74 16.44
N MET A 355 0.83 18.66 17.05
CA MET A 355 0.12 18.05 18.16
C MET A 355 0.18 18.87 19.43
N GLY A 356 0.96 19.95 19.47
CA GLY A 356 1.24 20.60 20.75
C GLY A 356 2.37 19.98 21.54
N GLY A 357 3.07 19.00 20.96
CA GLY A 357 4.16 18.37 21.66
C GLY A 357 5.35 19.32 21.84
N ASN A 358 6.05 19.15 22.96
CA ASN A 358 7.28 19.90 23.21
C ASN A 358 8.41 18.98 23.68
N PHE A 359 8.24 17.68 23.50
CA PHE A 359 9.13 16.68 24.07
C PHE A 359 9.29 15.53 23.08
N LEU A 360 10.53 15.16 22.77
CA LEU A 360 10.81 14.12 21.80
C LEU A 360 11.80 13.12 22.39
N ARG A 361 11.42 11.85 22.43
CA ARG A 361 12.32 10.77 22.77
C ARG A 361 12.64 10.02 21.49
N ASN A 362 13.92 9.87 21.18
CA ASN A 362 14.28 9.25 19.91
C ASN A 362 14.24 7.72 19.96
N ALA A 363 13.18 7.15 20.56
CA ALA A 363 13.06 5.69 20.73
C ALA A 363 14.36 5.20 21.36
N HIS A 364 14.97 4.15 20.86
CA HIS A 364 16.03 3.49 21.62
C HIS A 364 17.41 3.70 21.04
N TYR A 365 17.59 4.65 20.12
CA TYR A 365 18.84 4.75 19.38
C TYR A 365 19.05 6.20 18.98
N PRO A 366 20.28 6.60 18.73
CA PRO A 366 20.51 7.93 18.15
C PRO A 366 19.96 7.97 16.74
N GLN A 367 19.44 9.14 16.36
CA GLN A 367 18.77 9.27 15.08
C GLN A 367 19.50 10.28 14.18
N ALA A 368 18.91 10.55 13.02
CA ALA A 368 19.60 11.30 11.99
C ALA A 368 19.77 12.76 12.41
N ASP A 369 20.83 13.39 11.88
CA ASP A 369 21.06 14.80 12.15
C ASP A 369 19.84 15.64 11.79
N GLU A 370 19.16 15.28 10.70
CA GLU A 370 17.96 16.01 10.33
C GLU A 370 16.98 16.05 11.49
N VAL A 371 16.80 14.92 12.18
CA VAL A 371 15.84 14.85 13.29
C VAL A 371 16.23 15.85 14.38
N LEU A 372 17.51 15.89 14.74
CA LEU A 372 17.97 16.81 15.78
C LEU A 372 17.92 18.25 15.32
N ASP A 373 18.24 18.50 14.04
CA ASP A 373 18.10 19.84 13.48
C ASP A 373 16.65 20.31 13.55
N GLN A 374 15.69 19.44 13.21
CA GLN A 374 14.29 19.84 13.29
C GLN A 374 13.86 20.08 14.73
N ALA A 375 14.36 19.28 15.67
CA ALA A 375 14.01 19.52 17.06
C ALA A 375 14.54 20.87 17.54
N ASP A 376 15.80 21.20 17.20
CA ASP A 376 16.32 22.53 17.50
C ASP A 376 15.40 23.60 16.93
N ARG A 377 14.99 23.42 15.68
CA ARG A 377 14.27 24.45 14.95
C ARG A 377 12.82 24.55 15.40
N LEU A 378 12.16 23.40 15.56
CA LEU A 378 10.73 23.38 15.85
C LEU A 378 10.44 23.62 17.33
N GLY A 379 11.35 23.20 18.21
CA GLY A 379 11.13 23.30 19.64
C GLY A 379 10.67 22.02 20.32
N PHE A 380 11.55 21.03 20.43
CA PHE A 380 11.35 19.90 21.32
C PHE A 380 12.57 19.77 22.22
N ALA A 381 12.33 19.59 23.52
CA ALA A 381 13.37 19.02 24.37
C ALA A 381 13.51 17.55 24.00
N VAL A 382 14.75 17.06 23.94
CA VAL A 382 15.02 15.75 23.38
C VAL A 382 15.70 14.86 24.42
N TRP A 383 15.21 13.62 24.50
CA TRP A 383 15.87 12.49 25.18
C TRP A 383 16.39 11.59 24.08
N GLU A 384 17.70 11.32 24.09
CA GLU A 384 18.32 10.41 23.14
C GLU A 384 19.18 9.38 23.88
N GLU A 385 19.10 8.11 23.44
CA GLU A 385 19.77 7.03 24.12
C GLU A 385 20.41 6.07 23.10
N ILE A 386 21.37 5.27 23.57
CA ILE A 386 21.93 4.19 22.76
C ILE A 386 21.17 2.89 23.05
N PRO A 387 21.14 1.93 22.11
CA PRO A 387 20.18 0.82 22.16
C PRO A 387 20.59 -0.41 22.97
N LEU A 388 20.98 -0.20 24.23
CA LEU A 388 21.07 -1.32 25.18
C LEU A 388 19.66 -1.63 25.66
N VAL A 389 19.03 -2.62 25.04
CA VAL A 389 17.63 -2.95 25.31
C VAL A 389 17.56 -4.38 25.84
N ASN A 390 16.63 -4.62 26.77
CA ASN A 390 16.15 -5.96 27.11
C ASN A 390 17.12 -6.82 27.92
N GLU A 391 18.43 -6.72 27.66
CA GLU A 391 19.38 -7.68 28.21
C GLU A 391 20.78 -7.13 28.02
N VAL A 392 21.71 -7.77 28.70
CA VAL A 392 23.11 -7.39 28.70
C VAL A 392 23.95 -8.63 28.42
N THR A 393 25.06 -8.46 27.70
CA THR A 393 26.02 -9.55 27.54
C THR A 393 27.18 -9.32 28.50
N VAL A 394 27.43 -10.28 29.39
CA VAL A 394 28.52 -10.12 30.35
C VAL A 394 29.84 -10.08 29.59
N GLY A 395 30.77 -9.26 30.06
CA GLY A 395 32.12 -9.31 29.54
C GLY A 395 32.62 -8.02 28.92
N PRO A 396 33.94 -7.93 28.72
CA PRO A 396 34.54 -6.66 28.29
C PRO A 396 34.35 -6.32 26.81
N ARG A 397 34.05 -7.27 25.93
CA ARG A 397 33.76 -6.88 24.54
C ARG A 397 32.45 -6.13 24.43
N HIS A 398 31.40 -6.62 25.09
CA HIS A 398 30.15 -5.87 25.10
C HIS A 398 30.32 -4.54 25.82
N THR A 399 31.14 -4.51 26.87
CA THR A 399 31.39 -3.24 27.55
C THR A 399 32.09 -2.25 26.65
N GLU A 400 33.10 -2.69 25.88
CA GLU A 400 33.83 -1.78 25.03
C GLU A 400 32.95 -1.21 23.92
N ASN A 401 32.23 -2.09 23.21
CA ASN A 401 31.37 -1.64 22.11
C ASN A 401 30.32 -0.66 22.61
N THR A 402 29.78 -0.94 23.79
CA THR A 402 28.78 -0.07 24.40
C THR A 402 29.36 1.29 24.75
N THR A 403 30.57 1.31 25.31
CA THR A 403 31.24 2.56 25.64
C THR A 403 31.51 3.40 24.39
N VAL A 404 32.00 2.75 23.33
CA VAL A 404 32.29 3.49 22.09
C VAL A 404 31.00 4.07 21.54
N MET A 405 29.91 3.31 21.58
CA MET A 405 28.66 3.81 21.04
C MET A 405 28.16 5.01 21.87
N LEU A 406 28.38 4.99 23.18
CA LEU A 406 27.93 6.12 23.99
C LEU A 406 28.70 7.39 23.61
N LYS A 407 30.01 7.27 23.45
CA LYS A 407 30.84 8.43 23.09
C LYS A 407 30.49 8.94 21.70
N GLU A 408 30.23 8.04 20.76
CA GLU A 408 29.79 8.47 19.43
C GLU A 408 28.50 9.29 19.51
N MET A 409 27.52 8.83 20.28
CA MET A 409 26.26 9.56 20.33
C MET A 409 26.46 10.95 20.93
N ILE A 410 27.14 11.01 22.07
CA ILE A 410 27.31 12.29 22.77
C ILE A 410 28.13 13.25 21.92
N LYS A 411 29.23 12.75 21.34
CA LYS A 411 30.06 13.63 20.52
C LYS A 411 29.35 14.06 19.26
N GLN A 412 28.61 13.14 18.62
CA GLN A 412 27.97 13.47 17.35
C GLN A 412 26.81 14.44 17.54
N HIS A 413 26.10 14.39 18.68
CA HIS A 413 24.96 15.26 18.88
C HIS A 413 25.19 16.30 19.98
N TYR A 414 26.45 16.45 20.39
CA TYR A 414 26.81 17.36 21.48
C TYR A 414 26.20 18.75 21.35
N ASN A 415 26.15 19.29 20.14
CA ASN A 415 25.87 20.72 20.00
C ASN A 415 24.40 21.04 19.86
N HIS A 416 23.53 20.05 19.77
CA HIS A 416 22.11 20.32 19.61
C HIS A 416 21.46 20.85 20.88
N PRO A 417 21.01 22.11 20.92
CA PRO A 417 20.42 22.64 22.15
C PRO A 417 19.14 21.94 22.57
N SER A 418 18.48 21.23 21.65
CA SER A 418 17.25 20.52 21.97
C SER A 418 17.50 19.34 22.92
N VAL A 419 18.70 18.75 22.88
CA VAL A 419 18.98 17.61 23.73
C VAL A 419 19.11 18.08 25.18
N VAL A 420 18.32 17.50 26.07
CA VAL A 420 18.46 17.75 27.49
C VAL A 420 18.78 16.48 28.27
N ILE A 421 18.58 15.30 27.68
CA ILE A 421 18.78 14.04 28.38
C ILE A 421 19.57 13.06 27.51
N TRP A 422 20.58 12.43 28.09
CA TRP A 422 21.24 11.27 27.51
C TRP A 422 20.84 10.04 28.32
N ALA A 423 20.51 8.93 27.64
CA ALA A 423 20.24 7.67 28.33
C ALA A 423 21.00 6.56 27.66
N TYR A 424 21.03 5.38 28.31
CA TYR A 424 21.81 4.29 27.74
C TYR A 424 21.27 2.88 28.03
N MET A 425 20.16 2.71 28.74
CA MET A 425 19.52 1.40 28.86
C MET A 425 18.01 1.56 28.82
N ASN A 426 17.34 0.63 28.15
CA ASN A 426 15.88 0.62 28.12
C ASN A 426 15.39 -0.77 28.47
N GLU A 427 14.63 -0.88 29.56
CA GLU A 427 14.02 -2.14 29.98
C GLU A 427 15.08 -3.25 30.07
N ILE A 428 16.22 -2.91 30.66
CA ILE A 428 17.38 -3.78 30.60
C ILE A 428 17.16 -5.11 31.32
N TYR A 429 16.05 -5.26 32.04
CA TYR A 429 15.74 -6.53 32.70
C TYR A 429 14.59 -7.26 32.05
N TRP A 430 14.05 -6.77 30.93
CA TRP A 430 12.86 -7.39 30.35
C TRP A 430 13.08 -8.86 30.05
N ALA A 431 14.25 -9.21 29.52
CA ALA A 431 14.51 -10.57 29.09
C ALA A 431 14.85 -11.53 30.21
N HIS A 432 14.86 -11.07 31.48
CA HIS A 432 15.17 -12.00 32.56
C HIS A 432 14.24 -13.21 32.53
N ARG A 433 12.94 -12.98 32.27
CA ARG A 433 11.94 -14.06 32.21
C ARG A 433 12.39 -15.21 31.34
N TYR A 434 13.13 -14.94 30.29
CA TYR A 434 13.51 -15.92 29.29
C TYR A 434 14.88 -16.53 29.54
N LYS A 435 15.59 -16.07 30.55
CA LYS A 435 16.96 -16.55 30.71
C LYS A 435 17.02 -17.68 31.73
N PRO A 436 18.01 -18.56 31.63
CA PRO A 436 18.21 -19.57 32.68
C PRO A 436 18.45 -18.91 34.03
N GLN A 437 17.67 -19.33 35.03
CA GLN A 437 17.73 -18.68 36.34
C GLN A 437 19.14 -18.67 36.94
N GLU A 438 20.02 -19.57 36.50
CA GLU A 438 21.39 -19.58 37.00
C GLU A 438 22.16 -18.33 36.57
N GLU A 439 21.80 -17.71 35.46
CA GLU A 439 22.55 -16.56 34.96
C GLU A 439 22.14 -15.26 35.61
N ILE A 440 21.02 -15.24 36.35
CA ILE A 440 20.35 -13.98 36.66
C ILE A 440 21.21 -13.13 37.59
N ALA A 441 21.79 -13.75 38.62
CA ALA A 441 22.66 -13.02 39.53
C ALA A 441 23.79 -12.34 38.76
N GLY A 442 24.46 -13.08 37.88
CA GLY A 442 25.57 -12.52 37.14
C GLY A 442 25.14 -11.44 36.16
N ARG A 443 23.95 -11.57 35.57
CA ARG A 443 23.49 -10.52 34.67
C ARG A 443 23.19 -9.24 35.43
N ASN A 444 22.60 -9.35 36.63
CA ASN A 444 22.35 -8.18 37.47
C ASN A 444 23.67 -7.49 37.82
N ARG A 445 24.70 -8.26 38.14
CA ARG A 445 25.98 -7.65 38.47
C ARG A 445 26.58 -6.96 37.26
N ALA A 446 26.49 -7.58 36.08
CA ALA A 446 27.04 -6.93 34.91
C ALA A 446 26.23 -5.69 34.55
N THR A 447 24.92 -5.74 34.78
CA THR A 447 24.07 -4.58 34.47
C THR A 447 24.41 -3.40 35.36
N LEU A 448 24.54 -3.65 36.67
CA LEU A 448 24.93 -2.59 37.60
C LEU A 448 26.29 -2.02 37.24
N GLU A 449 27.27 -2.88 36.97
CA GLU A 449 28.61 -2.40 36.66
C GLU A 449 28.64 -1.61 35.37
N LEU A 450 27.99 -2.10 34.31
CA LEU A 450 28.00 -1.33 33.06
C LEU A 450 27.26 -0.01 33.21
N ALA A 451 26.13 0.01 33.93
CA ALA A 451 25.40 1.27 34.10
C ALA A 451 26.26 2.32 34.80
N ARG A 452 27.08 1.91 35.75
CA ARG A 452 27.93 2.87 36.45
C ARG A 452 29.05 3.38 35.56
N ARG A 453 29.62 2.53 34.71
CA ARG A 453 30.63 3.01 33.78
C ARG A 453 30.02 4.02 32.81
N LEU A 454 28.85 3.70 32.26
CA LEU A 454 28.24 4.58 31.28
C LEU A 454 27.80 5.89 31.92
N GLU A 455 27.22 5.83 33.12
CA GLU A 455 26.82 7.03 33.85
C GLU A 455 28.01 7.94 34.05
N HIS A 456 29.14 7.38 34.47
CA HIS A 456 30.37 8.15 34.64
C HIS A 456 30.82 8.79 33.32
N ILE A 457 30.73 8.06 32.21
CA ILE A 457 31.21 8.63 30.95
C ILE A 457 30.35 9.84 30.55
N VAL A 458 29.01 9.70 30.63
CA VAL A 458 28.14 10.85 30.32
C VAL A 458 28.54 12.05 31.18
N ARG A 459 28.67 11.84 32.48
CA ARG A 459 28.89 12.98 33.36
C ARG A 459 30.24 13.65 33.06
N GLU A 460 31.21 12.88 32.57
CA GLU A 460 32.49 13.47 32.23
C GLU A 460 32.44 14.15 30.87
N LEU A 461 31.78 13.56 29.87
CA LEU A 461 31.78 14.18 28.55
C LEU A 461 30.85 15.39 28.48
N ASP A 462 29.81 15.44 29.30
CA ASP A 462 28.76 16.44 29.17
C ASP A 462 28.16 16.74 30.53
N PRO A 463 28.79 17.63 31.29
CA PRO A 463 28.26 18.04 32.60
C PRO A 463 26.98 18.87 32.53
N TYR A 464 26.49 19.26 31.34
CA TYR A 464 25.35 20.17 31.25
C TYR A 464 24.09 19.51 30.75
N ARG A 465 24.01 18.19 30.86
CA ARG A 465 22.78 17.50 30.49
C ARG A 465 22.51 16.44 31.56
N TYR A 466 21.29 15.95 31.59
CA TYR A 466 20.88 14.96 32.57
C TYR A 466 21.00 13.57 31.98
N THR A 467 21.27 12.63 32.86
CA THR A 467 21.20 11.21 32.53
C THR A 467 19.85 10.65 32.96
N ALA A 468 19.39 9.65 32.21
CA ALA A 468 18.12 9.02 32.51
C ALA A 468 18.24 7.55 32.15
N MET A 469 17.24 6.79 32.58
CA MET A 469 17.05 5.41 32.16
C MET A 469 15.56 5.10 32.13
N ALA A 470 15.13 4.33 31.14
CA ALA A 470 13.75 3.90 31.05
C ALA A 470 13.61 2.55 31.72
N MET A 471 12.79 2.48 32.76
CA MET A 471 12.52 1.23 33.44
C MET A 471 11.09 0.81 33.15
N HIS A 472 10.73 -0.42 33.51
CA HIS A 472 9.37 -0.90 33.27
C HIS A 472 8.86 -1.63 34.51
N ASN A 473 7.61 -2.10 34.40
CA ASN A 473 6.88 -2.66 35.53
C ASN A 473 7.38 -4.06 35.82
N ASP A 474 8.54 -4.13 36.50
CA ASP A 474 9.19 -5.39 36.86
C ASP A 474 9.96 -5.18 38.15
N PRO A 475 9.88 -6.10 39.12
CA PRO A 475 10.50 -5.85 40.42
C PRO A 475 12.03 -5.87 40.43
N ALA A 476 12.70 -6.26 39.33
CA ALA A 476 14.16 -6.30 39.36
C ALA A 476 14.80 -4.92 39.55
N TYR A 477 14.14 -3.85 39.11
CA TYR A 477 14.73 -2.51 39.29
C TYR A 477 14.81 -2.14 40.76
N GLU A 478 13.70 -2.31 41.49
CA GLU A 478 13.72 -2.18 42.94
C GLU A 478 14.81 -3.03 43.57
N GLU A 479 14.85 -4.31 43.20
CA GLU A 479 15.69 -5.26 43.94
C GLU A 479 17.18 -5.02 43.70
N THR A 480 17.56 -4.55 42.52
CA THR A 480 18.98 -4.30 42.24
C THR A 480 19.40 -2.86 42.47
N GLY A 481 18.47 -1.95 42.75
CA GLY A 481 18.81 -0.55 42.95
C GLY A 481 19.29 0.16 41.70
N LEU A 482 19.03 -0.41 40.53
CA LEU A 482 19.53 0.16 39.28
C LEU A 482 19.03 1.60 39.09
N GLY A 483 17.80 1.88 39.52
CA GLY A 483 17.23 3.20 39.34
C GLY A 483 17.93 4.31 40.13
N ASP A 484 18.86 3.96 41.03
CA ASP A 484 19.65 4.94 41.79
C ASP A 484 20.79 5.56 40.99
N ILE A 485 21.13 4.99 39.83
CA ILE A 485 22.38 5.35 39.16
C ILE A 485 22.21 6.57 38.27
N PRO A 486 21.17 6.69 37.43
CA PRO A 486 21.02 7.90 36.61
C PRO A 486 20.39 9.04 37.41
N MET A 487 20.43 10.23 36.81
CA MET A 487 19.84 11.37 37.50
C MET A 487 18.32 11.35 37.42
N ILE A 488 17.75 10.68 36.42
CA ILE A 488 16.31 10.71 36.19
C ILE A 488 15.82 9.29 36.10
N ALA A 489 14.71 9.00 36.80
CA ALA A 489 14.04 7.71 36.77
C ALA A 489 12.88 7.79 35.77
N GLY A 490 13.02 7.10 34.65
CA GLY A 490 11.99 7.04 33.64
C GLY A 490 11.26 5.72 33.74
N TRP A 491 9.96 5.73 33.51
CA TRP A 491 9.16 4.52 33.60
C TRP A 491 8.32 4.32 32.35
N ASN A 492 8.42 3.14 31.74
CA ASN A 492 7.56 2.71 30.64
C ASN A 492 6.38 1.96 31.24
N LEU A 493 5.20 2.59 31.24
CA LEU A 493 4.05 2.11 31.99
C LEU A 493 2.83 1.94 31.10
N TYR A 494 2.06 0.89 31.38
CA TYR A 494 1.03 0.49 30.44
C TYR A 494 -0.25 0.03 31.15
N HIS A 495 -0.52 0.58 32.35
CA HIS A 495 -1.68 0.20 33.17
C HIS A 495 -2.98 0.37 32.40
N GLY A 496 -3.80 -0.69 32.41
CA GLY A 496 -5.00 -0.73 31.61
C GLY A 496 -4.80 -1.27 30.21
N TRP A 497 -3.55 -1.49 29.80
CA TRP A 497 -3.25 -2.15 28.53
C TRP A 497 -2.57 -3.49 28.80
N TYR A 498 -1.31 -3.51 29.20
CA TYR A 498 -0.66 -4.79 29.48
C TYR A 498 -1.04 -5.36 30.83
N TYR A 499 -1.43 -4.53 31.80
CA TYR A 499 -1.76 -5.02 33.13
C TYR A 499 -2.65 -4.00 33.81
N GLY A 500 -3.37 -4.45 34.85
CA GLY A 500 -4.14 -3.59 35.73
C GLY A 500 -5.21 -2.79 34.98
N ILE A 501 -5.64 -1.71 35.62
CA ILE A 501 -6.59 -0.75 35.08
C ILE A 501 -5.90 0.62 35.06
N TYR A 502 -6.51 1.58 34.37
CA TYR A 502 -5.87 2.90 34.17
C TYR A 502 -5.45 3.52 35.49
N GLU A 503 -6.29 3.42 36.52
CA GLU A 503 -6.02 4.13 37.76
C GLU A 503 -4.83 3.54 38.51
N ASP A 504 -4.44 2.31 38.19
CA ASP A 504 -3.24 1.74 38.76
C ASP A 504 -2.00 2.51 38.35
N PHE A 505 -2.11 3.34 37.32
CA PHE A 505 -0.98 4.17 36.93
C PHE A 505 -0.67 5.20 38.00
N GLY A 506 -1.68 5.96 38.42
CA GLY A 506 -1.44 6.91 39.50
C GLY A 506 -0.98 6.24 40.77
N THR A 507 -1.55 5.07 41.07
CA THR A 507 -1.14 4.32 42.24
C THR A 507 0.33 3.97 42.17
N PHE A 508 0.78 3.54 41.00
CA PHE A 508 2.17 3.12 40.83
C PHE A 508 3.10 4.31 41.00
N MET A 509 2.78 5.42 40.34
CA MET A 509 3.70 6.56 40.36
C MET A 509 3.68 7.23 41.74
N ASP A 510 2.49 7.33 42.36
CA ASP A 510 2.44 7.92 43.70
C ASP A 510 3.28 7.12 44.68
N GLU A 511 3.35 5.80 44.49
CA GLU A 511 4.15 4.98 45.38
C GLU A 511 5.65 5.17 45.12
N GLN A 512 6.05 5.35 43.86
CA GLN A 512 7.45 5.68 43.56
C GLN A 512 7.85 7.01 44.18
N ARG A 513 7.00 8.04 44.00
CA ARG A 513 7.26 9.35 44.58
C ARG A 513 7.39 9.25 46.10
N ARG A 514 6.56 8.40 46.69
CA ARG A 514 6.54 8.17 48.12
C ARG A 514 7.81 7.47 48.58
N LYS A 515 8.32 6.51 47.79
CA LYS A 515 9.53 5.79 48.21
C LYS A 515 10.79 6.59 47.92
N TYR A 516 10.74 7.46 46.93
CA TYR A 516 11.92 8.15 46.42
C TYR A 516 11.61 9.64 46.25
N PRO A 517 11.40 10.36 47.36
CA PRO A 517 11.06 11.79 47.23
C PRO A 517 12.17 12.62 46.60
N LYS A 518 13.40 12.09 46.48
CA LYS A 518 14.48 12.82 45.83
C LYS A 518 14.68 12.45 44.37
N ARG A 519 13.98 11.44 43.87
CA ARG A 519 14.14 11.10 42.46
C ARG A 519 13.40 12.09 41.58
N ILE A 520 13.84 12.16 40.33
CA ILE A 520 13.14 12.90 39.29
C ILE A 520 12.43 11.87 38.44
N HIS A 521 11.11 12.01 38.33
CA HIS A 521 10.27 11.01 37.70
C HIS A 521 9.78 11.52 36.35
N LEU A 522 9.81 10.62 35.37
CA LEU A 522 9.44 10.92 34.00
C LEU A 522 8.86 9.66 33.37
N ILE A 523 7.75 9.80 32.65
CA ILE A 523 7.12 8.69 31.96
C ILE A 523 7.72 8.62 30.55
N SER A 524 8.74 7.77 30.37
CA SER A 524 9.41 7.69 29.08
C SER A 524 8.58 6.96 28.01
N GLU A 525 7.57 6.18 28.40
CA GLU A 525 6.68 5.50 27.47
C GLU A 525 5.33 5.29 28.12
N TYR A 526 4.27 5.62 27.40
CA TYR A 526 2.93 5.15 27.74
C TYR A 526 2.08 5.20 26.47
N GLY A 527 1.25 4.19 26.28
CA GLY A 527 0.45 4.12 25.07
C GLY A 527 -0.37 2.84 25.03
N ALA A 528 -1.39 2.87 24.17
CA ALA A 528 -2.18 1.69 23.83
C ALA A 528 -2.24 1.53 22.31
N GLY A 529 -2.59 0.32 21.85
CA GLY A 529 -2.67 0.05 20.42
C GLY A 529 -4.03 0.37 19.83
N SER A 530 -4.09 0.47 18.50
CA SER A 530 -5.38 0.68 17.83
C SER A 530 -5.29 0.31 16.35
N ASP A 531 -6.32 -0.36 15.89
CA ASP A 531 -6.55 -0.69 14.49
C ASP A 531 -7.70 0.19 14.02
N VAL A 532 -7.46 1.02 13.00
CA VAL A 532 -8.47 2.02 12.60
C VAL A 532 -9.65 1.39 11.86
N ARG A 533 -9.76 0.06 11.88
CA ARG A 533 -10.92 -0.66 11.38
C ARG A 533 -11.84 -1.17 12.49
N LEU A 534 -11.47 -0.97 13.76
CA LEU A 534 -12.15 -1.59 14.90
C LEU A 534 -12.82 -0.52 15.76
N TYR A 535 -14.12 -0.71 16.04
CA TYR A 535 -14.90 0.30 16.73
C TYR A 535 -15.88 -0.40 17.66
N SER A 536 -16.06 0.19 18.84
CA SER A 536 -16.91 -0.39 19.89
C SER A 536 -17.53 0.72 20.72
N GLU A 537 -18.82 0.60 21.01
CA GLU A 537 -19.41 1.39 22.07
C GLU A 537 -19.09 0.84 23.46
N LYS A 538 -18.48 -0.34 23.52
CA LYS A 538 -18.06 -0.99 24.77
C LYS A 538 -16.60 -1.39 24.64
N PRO A 539 -15.71 -0.42 24.53
CA PRO A 539 -14.28 -0.76 24.45
C PRO A 539 -13.83 -1.47 25.71
N GLU A 540 -12.84 -2.33 25.55
CA GLU A 540 -12.32 -3.07 26.68
C GLU A 540 -10.83 -3.30 26.43
N LYS A 541 -10.16 -3.70 27.48
CA LYS A 541 -8.71 -3.82 27.49
C LYS A 541 -8.23 -4.72 26.35
N PHE A 542 -7.29 -4.20 25.57
CA PHE A 542 -6.57 -4.95 24.55
C PHE A 542 -7.45 -5.33 23.37
N ASP A 543 -8.59 -4.67 23.14
CA ASP A 543 -9.39 -5.03 21.96
C ASP A 543 -8.92 -4.33 20.69
N PHE A 544 -7.97 -3.39 20.79
CA PHE A 544 -7.42 -2.67 19.65
C PHE A 544 -8.43 -1.75 18.96
N THR A 545 -9.55 -1.46 19.60
CA THR A 545 -10.46 -0.48 19.03
C THR A 545 -9.87 0.93 19.15
N VAL A 546 -10.30 1.79 18.22
CA VAL A 546 -9.96 3.21 18.30
C VAL A 546 -10.40 3.81 19.62
N GLU A 547 -11.63 3.48 20.07
CA GLU A 547 -12.16 4.12 21.27
C GLU A 547 -11.38 3.72 22.52
N GLU A 548 -10.95 2.46 22.61
CA GLU A 548 -10.13 2.02 23.73
C GLU A 548 -8.80 2.77 23.78
N GLN A 549 -8.11 2.93 22.64
CA GLN A 549 -6.87 3.71 22.67
C GLN A 549 -7.13 5.14 23.13
N THR A 550 -8.21 5.76 22.64
CA THR A 550 -8.57 7.10 23.07
C THR A 550 -8.77 7.17 24.58
N ARG A 551 -9.52 6.21 25.14
CA ARG A 551 -9.79 6.28 26.56
C ARG A 551 -8.52 6.04 27.38
N PHE A 552 -7.70 5.07 26.99
CA PHE A 552 -6.41 4.90 27.65
C PHE A 552 -5.60 6.20 27.60
N THR A 553 -5.48 6.78 26.42
CA THR A 553 -4.65 7.97 26.29
C THR A 553 -5.20 9.11 27.13
N ARG A 554 -6.52 9.23 27.20
CA ARG A 554 -7.13 10.30 27.95
C ARG A 554 -6.83 10.15 29.44
N SER A 555 -6.98 8.93 29.96
CA SER A 555 -6.80 8.69 31.39
C SER A 555 -5.35 8.93 31.83
N ILE A 556 -4.38 8.31 31.14
CA ILE A 556 -3.00 8.40 31.62
C ILE A 556 -2.48 9.82 31.48
N THR A 557 -2.74 10.47 30.33
CA THR A 557 -2.28 11.86 30.16
C THR A 557 -2.84 12.75 31.26
N THR A 558 -4.13 12.60 31.56
CA THR A 558 -4.76 13.32 32.65
C THR A 558 -4.06 13.06 33.98
N GLN A 559 -3.81 11.79 34.28
CA GLN A 559 -3.13 11.46 35.52
C GLN A 559 -1.73 12.03 35.56
N ILE A 560 -1.09 12.21 34.40
CA ILE A 560 0.22 12.84 34.38
C ILE A 560 0.08 14.33 34.59
N LEU A 561 -0.86 14.96 33.89
CA LEU A 561 -1.09 16.39 34.04
C LEU A 561 -1.44 16.75 35.47
N ASP A 562 -2.13 15.84 36.19
CA ASP A 562 -2.51 16.13 37.57
C ASP A 562 -1.34 16.07 38.54
N ARG A 563 -0.12 15.75 38.11
CA ARG A 563 0.98 15.45 39.03
C ARG A 563 2.24 16.23 38.69
N PRO A 564 2.44 17.41 39.32
CA PRO A 564 3.68 18.18 39.07
C PRO A 564 4.98 17.38 39.20
N TYR A 565 5.03 16.40 40.09
CA TYR A 565 6.28 15.69 40.31
C TYR A 565 6.65 14.83 39.11
N ILE A 566 5.71 14.54 38.23
CA ILE A 566 6.03 13.82 37.01
C ILE A 566 6.49 14.86 36.00
N ALA A 567 7.79 14.85 35.71
CA ALA A 567 8.37 15.93 34.89
C ALA A 567 7.80 15.94 33.49
N GLY A 568 7.37 14.78 33.00
CA GLY A 568 6.70 14.74 31.71
C GLY A 568 6.41 13.32 31.26
N GLY A 569 5.96 13.22 30.01
CA GLY A 569 5.55 11.94 29.45
C GLY A 569 5.70 11.95 27.94
N ALA A 570 6.05 10.79 27.40
CA ALA A 570 6.15 10.59 25.95
C ALA A 570 5.28 9.41 25.55
N LEU A 571 4.30 9.65 24.68
CA LEU A 571 3.49 8.56 24.18
C LEU A 571 4.33 7.57 23.37
N TRP A 572 4.10 6.29 23.62
CA TRP A 572 4.58 5.22 22.76
C TRP A 572 3.43 4.88 21.82
N ASN A 573 3.50 5.26 20.55
CA ASN A 573 4.64 5.71 19.74
C ASN A 573 4.04 6.72 18.75
N LEU A 574 4.84 7.54 18.06
CA LEU A 574 4.25 8.53 17.16
C LEU A 574 3.39 7.87 16.08
N ALA A 575 3.91 6.79 15.47
CA ALA A 575 3.28 6.13 14.33
C ALA A 575 3.32 4.61 14.46
N ASP A 576 2.35 3.95 13.84
CA ASP A 576 2.43 2.50 13.67
C ASP A 576 3.75 2.15 13.02
N PHE A 577 4.43 1.12 13.54
CA PHE A 577 5.74 0.75 13.02
C PHE A 577 5.82 -0.76 12.89
N SER A 578 6.92 -1.24 12.31
CA SER A 578 7.08 -2.67 12.09
C SER A 578 7.94 -3.25 13.22
N SER A 579 7.49 -4.38 13.76
CA SER A 579 7.97 -4.83 15.04
C SER A 579 8.14 -6.35 15.05
N GLU A 580 8.81 -6.85 16.09
CA GLU A 580 8.97 -8.27 16.39
C GLU A 580 9.27 -9.12 15.16
N ASN A 590 2.65 -3.54 14.33
CA ASN A 590 2.53 -2.94 15.65
C ASN A 590 1.77 -1.62 15.64
N ASN A 591 0.52 -1.70 16.09
CA ASN A 591 -0.48 -0.67 15.90
C ASN A 591 -0.52 0.34 17.04
N LYS A 592 0.65 0.75 17.56
CA LYS A 592 0.71 1.59 18.75
C LYS A 592 0.74 3.08 18.45
N GLY A 593 0.70 3.46 17.18
CA GLY A 593 0.87 4.86 16.84
C GLY A 593 -0.34 5.72 17.17
N LEU A 594 -0.06 7.01 17.39
CA LEU A 594 -1.07 8.05 17.31
C LEU A 594 -1.46 8.35 15.88
N VAL A 595 -0.59 8.05 14.92
CA VAL A 595 -0.91 8.14 13.50
C VAL A 595 -0.59 6.79 12.86
N THR A 596 -1.19 6.55 11.70
CA THR A 596 -0.98 5.32 10.97
C THR A 596 0.44 5.26 10.38
N ALA A 597 0.76 4.11 9.79
CA ALA A 597 2.08 3.94 9.19
C ALA A 597 2.35 4.99 8.13
N ASP A 598 1.35 5.37 7.32
CA ASP A 598 1.56 6.44 6.37
C ASP A 598 1.18 7.80 6.93
N ARG A 599 1.22 7.96 8.25
CA ARG A 599 1.25 9.27 8.90
C ARG A 599 -0.10 9.95 8.88
N LYS A 600 -1.21 9.18 8.87
CA LYS A 600 -2.50 9.87 8.99
C LYS A 600 -2.98 9.79 10.44
N PRO A 601 -3.38 10.91 11.02
CA PRO A 601 -3.71 10.93 12.45
C PRO A 601 -4.92 10.07 12.79
N LYS A 602 -4.80 9.33 13.89
CA LYS A 602 -5.93 8.66 14.51
C LYS A 602 -6.59 9.58 15.53
N ASP A 603 -7.74 9.14 16.05
CA ASP A 603 -8.46 9.89 17.08
C ASP A 603 -7.54 10.35 18.19
N ALA A 604 -6.66 9.44 18.67
CA ALA A 604 -5.85 9.76 19.83
C ALA A 604 -4.92 10.93 19.56
N TYR A 605 -4.49 11.10 18.30
CA TYR A 605 -3.67 12.25 17.97
C TYR A 605 -4.43 13.53 18.25
N TYR A 606 -5.70 13.58 17.81
CA TYR A 606 -6.50 14.78 18.00
C TYR A 606 -6.88 14.97 19.46
N LEU A 607 -7.00 13.87 20.20
CA LEU A 607 -7.14 13.96 21.64
C LEU A 607 -5.93 14.69 22.23
N MET A 608 -4.72 14.27 21.88
CA MET A 608 -3.55 14.93 22.48
C MET A 608 -3.47 16.38 22.04
N GLN A 609 -3.83 16.67 20.80
CA GLN A 609 -3.79 18.06 20.36
C GLN A 609 -4.74 18.91 21.19
N ALA A 610 -5.91 18.36 21.54
CA ALA A 610 -6.82 19.10 22.41
C ALA A 610 -6.29 19.19 23.83
N LEU A 611 -5.57 18.17 24.29
CA LEU A 611 -5.05 18.22 25.65
C LEU A 611 -3.82 19.11 25.77
N LEU A 612 -3.06 19.27 24.70
CA LEU A 612 -1.75 19.90 24.76
C LEU A 612 -1.65 21.25 24.08
N SER A 613 -2.42 21.49 23.01
CA SER A 613 -2.19 22.71 22.23
C SER A 613 -2.61 23.96 22.98
N GLU A 614 -1.89 25.06 22.71
CA GLU A 614 -2.26 26.36 23.23
C GLU A 614 -3.16 27.13 22.27
N LYS A 615 -3.17 26.78 20.98
CA LYS A 615 -4.18 27.30 20.08
C LYS A 615 -5.55 26.70 20.44
N PRO A 616 -6.63 27.39 20.09
CA PRO A 616 -7.96 26.79 20.28
C PRO A 616 -8.16 25.60 19.37
N VAL A 617 -8.85 24.59 19.89
CA VAL A 617 -9.01 23.32 19.17
C VAL A 617 -10.46 22.87 19.34
N ALA A 618 -11.09 22.47 18.23
CA ALA A 618 -12.41 21.85 18.27
C ALA A 618 -12.61 21.10 16.97
N ARG A 619 -12.66 19.78 17.02
CA ARG A 619 -12.85 19.02 15.79
C ARG A 619 -13.49 17.68 16.09
N LEU A 620 -14.17 17.14 15.08
CA LEU A 620 -14.86 15.87 15.22
C LEU A 620 -13.86 14.72 15.31
N GLY A 621 -14.25 13.67 16.01
CA GLY A 621 -13.47 12.46 16.03
C GLY A 621 -13.76 11.59 14.83
N TYR A 622 -13.36 10.33 14.95
CA TYR A 622 -13.56 9.32 13.92
C TYR A 622 -13.07 9.70 12.52
N PRO A 623 -11.79 10.11 12.38
CA PRO A 623 -11.28 10.43 11.03
C PRO A 623 -11.28 9.24 10.08
N PHE A 624 -11.20 8.02 10.59
CA PHE A 624 -11.15 6.82 9.76
C PHE A 624 -12.48 6.08 9.70
N ARG A 625 -13.60 6.70 10.09
CA ARG A 625 -14.89 6.02 10.12
C ARG A 625 -15.98 6.89 9.52
N ASN A 626 -16.78 6.30 8.65
CA ASN A 626 -17.90 7.00 8.04
C ASN A 626 -19.17 6.17 8.05
N ARG A 627 -19.10 4.92 8.50
CA ARG A 627 -20.24 4.01 8.49
C ARG A 627 -20.59 3.57 9.91
N TRP A 628 -21.89 3.57 10.19
CA TRP A 628 -22.46 3.00 11.41
C TRP A 628 -23.55 2.03 11.00
N VAL A 629 -23.53 0.82 11.56
CA VAL A 629 -24.59 -0.14 11.33
C VAL A 629 -25.06 -0.64 12.68
N HIS A 630 -26.36 -0.78 12.84
CA HIS A 630 -26.95 -1.21 14.09
C HIS A 630 -27.97 -2.29 13.78
N ALA A 631 -27.87 -3.42 14.47
CA ALA A 631 -28.90 -4.45 14.43
C ALA A 631 -29.98 -4.12 15.44
N ALA A 632 -31.21 -3.96 14.97
CA ALA A 632 -32.32 -3.55 15.82
C ALA A 632 -32.47 -4.49 17.01
N THR A 633 -32.80 -3.93 18.18
CA THR A 633 -33.01 -4.74 19.36
C THR A 633 -34.47 -5.06 19.62
N SER A 634 -35.40 -4.54 18.83
CA SER A 634 -36.80 -4.92 18.94
C SER A 634 -37.50 -4.59 17.63
N PRO A 635 -38.65 -5.21 17.36
CA PRO A 635 -39.33 -4.98 16.07
C PRO A 635 -39.76 -3.56 15.84
N SER A 636 -39.81 -2.74 16.89
CA SER A 636 -40.30 -1.37 16.75
C SER A 636 -39.17 -0.36 16.54
N ASP A 637 -37.92 -0.81 16.51
CA ASP A 637 -36.80 0.10 16.26
C ASP A 637 -36.90 0.74 14.88
N THR A 638 -36.63 2.03 14.80
CA THR A 638 -36.55 2.71 13.51
C THR A 638 -35.30 3.57 13.35
N LEU A 639 -34.50 3.74 14.40
CA LEU A 639 -33.42 4.71 14.44
C LEU A 639 -32.10 3.99 14.72
N VAL A 640 -31.00 4.60 14.28
CA VAL A 640 -29.66 4.05 14.50
C VAL A 640 -29.01 4.85 15.62
N PRO A 641 -28.63 4.21 16.73
CA PRO A 641 -27.90 4.94 17.78
C PRO A 641 -26.48 5.25 17.31
N VAL A 642 -26.08 6.53 17.40
CA VAL A 642 -24.76 6.96 16.99
C VAL A 642 -24.20 7.83 18.12
N ARG A 643 -23.17 7.34 18.80
CA ARG A 643 -22.43 8.13 19.77
C ARG A 643 -21.33 8.89 19.04
N MET A 644 -21.38 10.21 19.09
CA MET A 644 -20.36 11.02 18.45
C MET A 644 -19.54 11.76 19.48
N HIS A 645 -18.29 12.06 19.15
CA HIS A 645 -17.42 12.81 20.04
C HIS A 645 -16.59 13.81 19.26
N ALA A 646 -16.10 14.82 19.97
CA ALA A 646 -15.24 15.86 19.42
C ALA A 646 -14.08 16.08 20.38
N PHE A 647 -12.96 16.53 19.84
CA PHE A 647 -11.81 16.83 20.67
C PHE A 647 -11.69 18.34 20.73
N SER A 648 -11.61 18.87 21.96
CA SER A 648 -11.63 20.31 22.16
C SER A 648 -10.89 20.71 23.43
N ASN A 649 -10.39 21.94 23.44
CA ASN A 649 -9.93 22.57 24.66
C ASN A 649 -10.80 23.75 25.04
N GLN A 650 -12.00 23.85 24.47
CA GLN A 650 -12.93 24.91 24.81
C GLN A 650 -13.79 24.47 25.99
N LYS A 651 -14.61 25.38 26.51
CA LYS A 651 -15.46 25.00 27.62
C LYS A 651 -16.59 24.09 27.14
N SER A 652 -17.14 24.39 25.96
CA SER A 652 -18.19 23.55 25.38
C SER A 652 -18.14 23.63 23.86
N VAL A 653 -18.90 22.75 23.22
CA VAL A 653 -18.90 22.58 21.77
C VAL A 653 -20.30 22.16 21.35
N SER A 654 -20.71 22.55 20.15
CA SER A 654 -22.04 22.21 19.65
C SER A 654 -21.96 21.36 18.39
N LEU A 655 -22.81 20.34 18.33
CA LEU A 655 -22.87 19.40 17.22
C LEU A 655 -24.05 19.77 16.32
N TYR A 656 -23.79 19.81 15.01
CA TYR A 656 -24.82 20.08 14.02
C TYR A 656 -25.01 18.86 13.13
N VAL A 657 -26.27 18.47 12.94
CA VAL A 657 -26.66 17.39 12.03
C VAL A 657 -27.36 18.04 10.85
N ASP A 658 -26.85 17.81 9.64
CA ASP A 658 -27.36 18.42 8.42
C ASP A 658 -27.51 19.92 8.62
N ASN A 659 -26.54 20.49 9.32
CA ASN A 659 -26.42 21.93 9.58
C ASN A 659 -27.54 22.46 10.44
N ARG A 660 -28.20 21.61 11.22
CA ARG A 660 -29.14 22.06 12.23
C ARG A 660 -28.64 21.67 13.61
N LEU A 661 -28.84 22.55 14.59
CA LEU A 661 -28.29 22.31 15.92
C LEU A 661 -28.88 21.02 16.50
N PHE A 662 -28.00 20.13 16.94
CA PHE A 662 -28.40 18.97 17.71
C PHE A 662 -28.30 19.24 19.19
N GLY A 663 -27.15 19.72 19.66
CA GLY A 663 -27.00 20.02 21.06
C GLY A 663 -25.64 20.57 21.41
N GLU A 664 -25.59 21.33 22.50
CA GLU A 664 -24.34 21.77 23.10
C GLU A 664 -23.90 20.78 24.16
N ALA A 665 -22.58 20.60 24.29
CA ALA A 665 -22.03 19.63 25.23
C ALA A 665 -20.80 20.18 25.94
N GLU A 666 -20.67 19.87 27.23
CA GLU A 666 -19.55 20.35 28.02
C GLU A 666 -18.31 19.51 27.72
N VAL A 667 -17.18 20.19 27.55
CA VAL A 667 -15.91 19.50 27.36
C VAL A 667 -15.35 19.12 28.72
N LYS A 668 -14.94 17.87 28.86
CA LYS A 668 -14.16 17.42 30.01
C LYS A 668 -12.97 16.61 29.50
N ASP A 669 -11.77 17.01 29.93
CA ASP A 669 -10.54 16.30 29.61
C ASP A 669 -10.40 16.08 28.10
N GLY A 670 -10.64 17.16 27.36
CA GLY A 670 -10.38 17.18 25.94
C GLY A 670 -11.45 16.58 25.06
N MET A 671 -12.60 16.18 25.60
CA MET A 671 -13.64 15.52 24.79
C MET A 671 -15.01 16.09 25.08
N ALA A 672 -15.81 16.21 24.02
CA ALA A 672 -17.24 16.41 24.10
C ALA A 672 -17.91 15.25 23.39
N GLU A 673 -19.15 14.96 23.80
CA GLU A 673 -19.85 13.74 23.44
C GLU A 673 -21.34 14.00 23.25
N TRP A 674 -21.93 13.36 22.23
CA TRP A 674 -23.36 13.43 22.00
C TRP A 674 -23.88 12.03 21.68
N GLU A 675 -25.09 11.72 22.19
CA GLU A 675 -25.81 10.48 21.93
C GLU A 675 -26.95 10.75 20.95
N MET A 676 -26.78 10.32 19.71
CA MET A 676 -27.73 10.57 18.65
C MET A 676 -28.48 9.30 18.29
N LYS A 677 -29.75 9.49 17.93
CA LYS A 677 -30.56 8.46 17.31
C LYS A 677 -31.02 8.99 15.95
N LEU A 678 -30.44 8.48 14.87
CA LEU A 678 -30.62 9.04 13.55
C LEU A 678 -31.50 8.19 12.66
N ILE A 679 -32.23 8.86 11.77
CA ILE A 679 -32.94 8.16 10.70
C ILE A 679 -31.91 7.49 9.80
N PRO A 680 -32.13 6.25 9.36
CA PRO A 680 -31.17 5.60 8.46
C PRO A 680 -31.02 6.39 7.17
N GLY A 681 -29.77 6.58 6.75
CA GLY A 681 -29.46 7.36 5.58
C GLY A 681 -28.09 8.03 5.72
N ARG A 682 -27.86 9.00 4.87
CA ARG A 682 -26.68 9.84 4.93
C ARG A 682 -26.96 11.09 5.72
N HIS A 683 -25.92 11.58 6.38
CA HIS A 683 -26.04 12.77 7.20
C HIS A 683 -24.73 13.53 7.16
N LEU A 684 -24.83 14.83 7.39
CA LEU A 684 -23.67 15.69 7.55
C LEU A 684 -23.53 16.05 9.01
N LEU A 685 -22.31 15.92 9.54
CA LEU A 685 -22.00 16.36 10.89
C LEU A 685 -21.00 17.51 10.80
N SER A 686 -21.07 18.42 11.77
CA SER A 686 -20.20 19.60 11.82
C SER A 686 -20.31 20.29 13.17
N LEU A 687 -19.32 21.11 13.48
CA LEU A 687 -19.28 21.84 14.74
C LEU A 687 -19.76 23.28 14.63
N ALA A 688 -20.08 23.74 13.42
CA ALA A 688 -20.74 25.02 13.16
C ALA A 688 -21.79 24.83 12.07
N PRO A 689 -22.82 25.67 12.04
CA PRO A 689 -23.82 25.57 10.96
C PRO A 689 -23.30 26.25 9.69
N ASN A 690 -23.29 25.50 8.59
CA ASN A 690 -22.86 26.01 7.29
C ASN A 690 -21.52 26.73 7.41
N SER A 691 -20.50 25.97 7.82
CA SER A 691 -19.19 26.56 8.08
C SER A 691 -18.64 27.15 6.79
N PRO A 692 -18.02 28.33 6.84
CA PRO A 692 -17.48 28.94 5.62
C PRO A 692 -16.14 28.38 5.18
N ASP A 693 -15.49 27.54 6.00
CA ASP A 693 -14.15 27.06 5.67
C ASP A 693 -13.89 25.61 6.05
N THR A 694 -14.82 24.93 6.71
CA THR A 694 -14.63 23.53 7.11
C THR A 694 -15.68 22.63 6.45
N PRO A 695 -15.30 21.72 5.57
CA PRO A 695 -16.31 20.83 4.98
C PRO A 695 -16.83 19.89 6.04
N GLU A 696 -18.13 19.58 5.96
CA GLU A 696 -18.76 18.67 6.89
C GLU A 696 -18.20 17.25 6.76
N LYS A 697 -18.44 16.45 7.79
CA LYS A 697 -18.16 15.02 7.76
C LYS A 697 -19.41 14.28 7.29
N GLN A 698 -19.27 13.47 6.24
CA GLN A 698 -20.43 12.72 5.79
C GLN A 698 -20.41 11.34 6.43
N ILE A 699 -21.55 10.93 6.97
CA ILE A 699 -21.68 9.62 7.56
C ILE A 699 -22.86 8.89 6.94
N ASP A 700 -22.84 7.58 7.12
CA ASP A 700 -23.74 6.64 6.46
C ASP A 700 -24.18 5.70 7.57
N VAL A 701 -25.46 5.75 7.97
CA VAL A 701 -25.95 4.98 9.11
C VAL A 701 -27.11 4.09 8.65
N ARG A 702 -27.08 2.83 9.07
CA ARG A 702 -28.00 1.82 8.58
C ARG A 702 -28.55 1.02 9.75
N LEU A 703 -29.79 0.58 9.59
CA LEU A 703 -30.48 -0.26 10.56
C LEU A 703 -30.75 -1.62 9.96
N ILE A 704 -30.37 -2.67 10.66
CA ILE A 704 -30.75 -4.02 10.25
C ILE A 704 -32.03 -4.36 10.99
N PRO A 705 -33.07 -4.83 10.30
CA PRO A 705 -34.35 -5.07 11.00
C PRO A 705 -34.19 -6.15 12.04
N PHE A 706 -35.08 -6.11 13.02
CA PHE A 706 -35.07 -7.13 14.06
C PHE A 706 -35.26 -8.50 13.45
N ARG A 707 -36.26 -8.62 12.56
CA ARG A 707 -36.49 -9.85 11.80
C ARG A 707 -35.69 -9.76 10.50
N PRO A 708 -34.62 -10.53 10.35
CA PRO A 708 -33.74 -10.36 9.19
C PRO A 708 -34.32 -10.98 7.92
N ASP A 709 -33.87 -10.45 6.78
CA ASP A 709 -34.09 -11.12 5.49
C ASP A 709 -32.81 -11.35 4.69
N GLY A 710 -31.65 -10.96 5.21
CA GLY A 710 -30.40 -11.22 4.54
C GLY A 710 -30.20 -10.50 3.23
N LYS A 711 -31.00 -9.49 2.94
CA LYS A 711 -30.85 -8.69 1.73
C LYS A 711 -29.74 -7.64 1.93
N LEU A 716 -26.03 -9.21 6.62
CA LEU A 716 -25.88 -9.99 7.88
C LEU A 716 -24.48 -10.54 8.17
N ALA A 717 -23.61 -9.72 8.74
CA ALA A 717 -22.24 -10.10 9.04
C ALA A 717 -21.97 -9.85 10.52
N MET A 718 -21.50 -10.85 11.24
CA MET A 718 -21.35 -10.71 12.68
C MET A 718 -20.00 -11.21 13.15
N ASN A 719 -19.33 -10.38 13.93
CA ASN A 719 -18.11 -10.75 14.61
C ASN A 719 -18.49 -11.40 15.94
N VAL A 720 -18.29 -12.70 16.05
CA VAL A 720 -18.68 -13.46 17.22
C VAL A 720 -17.59 -13.38 18.28
N GLY A 721 -17.98 -13.28 19.55
CA GLY A 721 -17.01 -13.31 20.63
C GLY A 721 -16.41 -11.97 21.01
N ALA A 722 -16.98 -10.86 20.53
CA ALA A 722 -16.40 -9.54 20.75
C ALA A 722 -17.50 -8.49 20.69
N ASN A 723 -17.32 -7.39 21.40
CA ASN A 723 -18.25 -6.28 21.32
C ASN A 723 -17.79 -5.17 20.37
N TYR A 724 -16.85 -5.46 19.46
CA TYR A 724 -16.44 -4.45 18.50
C TYR A 724 -16.82 -4.86 17.08
N ALA A 725 -17.03 -3.84 16.26
CA ALA A 725 -17.21 -4.02 14.83
C ALA A 725 -15.85 -4.07 14.16
N PHE A 726 -15.77 -4.82 13.06
CA PHE A 726 -14.60 -4.84 12.18
C PHE A 726 -15.06 -4.41 10.79
N ILE A 727 -14.56 -3.28 10.34
CA ILE A 727 -14.95 -2.70 9.07
C ILE A 727 -13.81 -2.98 8.08
N ASP A 728 -14.02 -3.93 7.17
CA ASP A 728 -12.97 -4.39 6.26
C ASP A 728 -12.85 -3.40 5.10
N THR A 729 -11.72 -2.70 5.05
CA THR A 729 -11.51 -1.59 4.15
C THR A 729 -11.37 -2.01 2.69
N ARG A 730 -11.12 -3.30 2.40
CA ARG A 730 -10.91 -3.72 1.02
C ARG A 730 -12.17 -3.52 0.18
N THR A 731 -13.35 -3.89 0.72
CA THR A 731 -14.59 -3.79 -0.02
C THR A 731 -15.70 -3.14 0.79
N ASP A 732 -15.38 -2.48 1.91
CA ASP A 732 -16.35 -1.78 2.74
C ASP A 732 -17.38 -2.76 3.32
N LEU A 733 -16.86 -3.81 3.95
CA LEU A 733 -17.66 -4.87 4.54
C LEU A 733 -17.68 -4.68 6.06
N TYR A 734 -18.86 -4.43 6.61
CA TYR A 734 -19.03 -4.06 8.01
C TYR A 734 -19.45 -5.28 8.80
N TRP A 735 -18.54 -5.82 9.61
CA TRP A 735 -18.86 -6.94 10.49
C TRP A 735 -19.36 -6.37 11.83
N LEU A 736 -20.59 -6.76 12.21
CA LEU A 736 -21.24 -6.22 13.40
C LEU A 736 -20.64 -6.79 14.68
N PRO A 737 -20.75 -6.08 15.80
CA PRO A 737 -20.43 -6.70 17.09
C PRO A 737 -21.39 -7.84 17.39
N GLU A 738 -20.96 -8.75 18.26
CA GLU A 738 -21.75 -9.98 18.48
C GLU A 738 -23.11 -9.67 19.09
N ARG A 739 -24.07 -10.55 18.81
CA ARG A 739 -25.38 -10.47 19.40
C ARG A 739 -25.92 -11.88 19.64
N THR A 740 -26.46 -12.08 20.83
CA THR A 740 -27.06 -13.36 21.20
C THR A 740 -28.40 -13.53 20.50
N TYR A 741 -28.66 -14.74 20.03
CA TYR A 741 -29.91 -14.98 19.33
C TYR A 741 -31.08 -14.86 20.29
N GLU A 742 -32.18 -14.28 19.81
CA GLU A 742 -33.45 -14.34 20.50
C GLU A 742 -34.56 -14.59 19.49
N LYS A 743 -35.66 -15.17 19.96
CA LYS A 743 -36.74 -15.61 19.07
C LYS A 743 -37.23 -14.44 18.22
N GLY A 744 -37.46 -14.71 16.93
CA GLY A 744 -37.87 -13.69 16.01
C GLY A 744 -36.74 -12.94 15.34
N SER A 745 -35.49 -13.15 15.76
CA SER A 745 -34.37 -12.38 15.23
C SER A 745 -33.23 -13.27 14.71
N TRP A 746 -31.98 -12.91 15.04
CA TRP A 746 -30.80 -13.63 14.59
C TRP A 746 -29.64 -13.39 15.57
N GLY A 747 -28.74 -14.36 15.66
CA GLY A 747 -27.56 -14.22 16.47
C GLY A 747 -26.99 -15.56 16.89
N VAL A 748 -25.90 -15.49 17.68
CA VAL A 748 -25.22 -16.70 18.12
C VAL A 748 -25.99 -17.31 19.30
N VAL A 749 -26.03 -18.64 19.38
CA VAL A 749 -26.71 -19.37 20.44
C VAL A 749 -25.66 -19.97 21.37
N GLY A 750 -25.68 -19.61 22.65
CA GLY A 750 -24.84 -20.24 23.65
C GLY A 750 -23.37 -19.87 23.55
N GLY A 751 -22.57 -20.46 24.44
CA GLY A 751 -21.13 -20.29 24.43
C GLY A 751 -20.64 -19.18 25.35
N GLU A 752 -19.33 -19.13 25.53
CA GLU A 752 -18.65 -18.10 26.31
C GLU A 752 -17.63 -17.36 25.45
N PRO A 753 -17.49 -16.05 25.64
CA PRO A 753 -16.43 -15.31 24.93
C PRO A 753 -15.05 -15.78 25.38
N LEU A 754 -14.15 -15.92 24.41
CA LEU A 754 -12.79 -16.37 24.70
C LEU A 754 -11.99 -15.22 25.31
N TYR A 755 -11.36 -15.50 26.46
CA TYR A 755 -10.40 -14.62 27.11
C TYR A 755 -9.12 -15.40 27.34
N VAL A 756 -7.99 -14.79 27.04
CA VAL A 756 -6.70 -15.44 27.22
C VAL A 756 -5.84 -14.51 28.05
N GLY A 757 -5.30 -15.01 29.15
CA GLY A 757 -4.56 -14.15 30.06
C GLY A 757 -5.39 -12.96 30.51
N GLY A 758 -6.69 -13.15 30.70
CA GLY A 758 -7.52 -12.05 31.17
C GLY A 758 -7.84 -10.98 30.15
N LYS A 759 -7.61 -11.25 28.87
CA LYS A 759 -7.87 -10.27 27.81
C LYS A 759 -8.69 -10.94 26.71
N VAL A 760 -9.56 -10.16 26.05
CA VAL A 760 -10.53 -10.75 25.15
C VAL A 760 -9.83 -11.36 23.94
N GLY A 761 -10.20 -12.60 23.62
CA GLY A 761 -9.64 -13.29 22.46
C GLY A 761 -8.15 -13.61 22.59
N THR A 762 -7.64 -14.24 21.54
CA THR A 762 -6.22 -14.53 21.42
C THR A 762 -5.49 -13.42 20.63
N LYS A 763 -4.24 -13.16 21.02
CA LYS A 763 -3.43 -12.15 20.34
C LYS A 763 -2.42 -12.76 19.38
N GLU A 764 -2.39 -14.08 19.26
CA GLU A 764 -1.50 -14.75 18.33
C GLU A 764 -1.82 -14.40 16.87
N ASP A 765 -0.79 -14.44 16.02
CA ASP A 765 -0.94 -14.16 14.60
C ASP A 765 -1.78 -15.25 13.94
N ILE A 766 -2.85 -14.85 13.28
CA ILE A 766 -3.68 -15.80 12.57
C ILE A 766 -2.99 -16.13 11.25
N LEU A 767 -2.61 -17.39 11.09
CA LEU A 767 -1.88 -17.79 9.89
C LEU A 767 -2.77 -17.69 8.65
N ALA A 768 -2.13 -17.46 7.50
CA ALA A 768 -2.76 -17.57 6.18
C ALA A 768 -3.70 -16.43 5.81
N VAL A 769 -4.09 -15.58 6.74
CA VAL A 769 -4.88 -14.39 6.40
C VAL A 769 -4.17 -13.19 7.00
N ASP A 770 -4.17 -12.08 6.26
CA ASP A 770 -3.57 -10.84 6.75
C ASP A 770 -4.64 -9.94 7.36
N GLU A 771 -5.67 -9.60 6.59
CA GLU A 771 -6.52 -8.50 6.98
C GLU A 771 -7.57 -8.88 8.02
N GLU A 772 -7.89 -10.16 8.18
CA GLU A 772 -9.06 -10.57 8.96
C GLU A 772 -8.73 -11.07 10.37
N ASP A 773 -7.49 -10.91 10.82
CA ASP A 773 -7.12 -11.33 12.17
C ASP A 773 -8.04 -10.88 13.30
N PRO A 774 -8.54 -9.62 13.36
CA PRO A 774 -9.41 -9.24 14.47
C PRO A 774 -10.75 -9.97 14.44
N LEU A 775 -11.19 -10.43 13.27
CA LEU A 775 -12.34 -11.32 13.17
C LEU A 775 -12.04 -12.65 13.83
N TYR A 776 -10.98 -13.32 13.37
CA TYR A 776 -10.71 -14.68 13.83
C TYR A 776 -10.25 -14.72 15.29
N GLN A 777 -9.53 -13.70 15.75
CA GLN A 777 -8.90 -13.76 17.08
C GLN A 777 -9.91 -13.76 18.22
N THR A 778 -11.12 -13.25 18.01
CA THR A 778 -12.17 -13.30 19.02
C THR A 778 -13.18 -14.36 18.62
N MET A 779 -13.80 -14.98 19.61
CA MET A 779 -14.60 -16.16 19.36
C MET A 779 -15.37 -16.56 20.61
N ARG A 780 -16.48 -17.26 20.38
CA ARG A 780 -17.17 -17.92 21.48
C ARG A 780 -16.69 -19.36 21.56
N VAL A 781 -16.51 -19.83 22.79
CA VAL A 781 -16.13 -21.21 23.05
C VAL A 781 -17.37 -21.94 23.52
N ASN A 782 -17.59 -23.14 22.97
CA ASN A 782 -18.73 -24.01 23.22
C ASN A 782 -20.09 -23.41 22.84
N PRO A 783 -20.22 -22.69 21.73
CA PRO A 783 -21.55 -22.24 21.33
C PRO A 783 -22.38 -23.43 20.88
N GLU A 784 -23.69 -23.36 21.07
CA GLU A 784 -24.56 -24.40 20.53
C GLU A 784 -24.77 -24.22 19.04
N GLY A 785 -24.72 -22.98 18.57
CA GLY A 785 -24.92 -22.76 17.15
C GLY A 785 -25.26 -21.31 16.88
N PHE A 786 -26.08 -21.11 15.86
CA PHE A 786 -26.40 -19.79 15.35
C PHE A 786 -27.77 -19.87 14.73
N GLY A 787 -28.60 -18.87 14.99
CA GLY A 787 -29.96 -18.88 14.51
C GLY A 787 -30.27 -17.60 13.76
N ALA A 788 -31.19 -17.71 12.80
CA ALA A 788 -31.67 -16.52 12.10
C ALA A 788 -33.06 -16.83 11.56
N ASP A 789 -34.07 -16.02 11.93
CA ASP A 789 -35.45 -16.29 11.49
C ASP A 789 -35.69 -15.68 10.10
N LEU A 790 -35.05 -16.27 9.11
CA LEU A 790 -35.12 -15.84 7.72
C LEU A 790 -36.36 -16.36 7.00
N PRO A 791 -36.91 -15.58 6.08
CA PRO A 791 -37.90 -16.13 5.13
C PRO A 791 -37.31 -17.25 4.29
N ASP A 792 -38.21 -18.08 3.78
CA ASP A 792 -37.86 -19.14 2.84
C ASP A 792 -37.04 -18.57 1.69
N GLY A 793 -36.05 -19.31 1.26
CA GLY A 793 -35.15 -18.83 0.22
C GLY A 793 -33.79 -19.49 0.36
N THR A 794 -32.86 -19.02 -0.46
CA THR A 794 -31.53 -19.59 -0.57
C THR A 794 -30.51 -18.57 -0.07
N TYR A 795 -29.58 -19.02 0.79
CA TYR A 795 -28.64 -18.14 1.46
C TYR A 795 -27.24 -18.70 1.35
N GLU A 796 -26.27 -17.83 1.15
CA GLU A 796 -24.87 -18.20 1.30
C GLU A 796 -24.47 -17.96 2.75
N ILE A 797 -23.90 -18.98 3.37
CA ILE A 797 -23.56 -19.00 4.80
C ILE A 797 -22.07 -19.20 4.95
N GLU A 798 -21.45 -18.42 5.82
CA GLU A 798 -20.03 -18.55 6.13
C GLU A 798 -19.85 -18.65 7.64
N LEU A 799 -19.09 -19.64 8.07
CA LEU A 799 -18.68 -19.77 9.46
C LEU A 799 -17.17 -19.68 9.49
N LEU A 800 -16.65 -18.74 10.29
CA LEU A 800 -15.22 -18.56 10.48
C LEU A 800 -14.82 -19.14 11.83
N MET A 801 -13.81 -20.03 11.81
CA MET A 801 -13.39 -20.81 12.97
C MET A 801 -11.87 -20.97 12.99
N VAL A 802 -11.28 -20.95 14.18
CA VAL A 802 -9.84 -21.18 14.33
C VAL A 802 -9.57 -21.65 15.76
N ASP A 803 -8.66 -22.60 15.89
CA ASP A 803 -8.21 -23.05 17.20
C ASP A 803 -7.03 -22.20 17.69
N TYR A 804 -7.00 -21.94 18.99
CA TYR A 804 -6.06 -21.01 19.63
C TYR A 804 -5.11 -21.74 20.59
N VAL A 805 -3.94 -21.15 20.81
CA VAL A 805 -2.86 -21.85 21.54
C VAL A 805 -3.22 -22.28 22.97
N ILE A 818 4.10 -25.33 12.19
CA ILE A 818 2.68 -25.47 12.56
C ILE A 818 2.47 -26.58 13.59
N THR A 819 1.76 -26.24 14.68
CA THR A 819 1.42 -27.18 15.73
C THR A 819 0.09 -27.85 15.40
N TYR A 820 0.07 -29.18 15.35
CA TYR A 820 -1.15 -29.96 15.17
C TYR A 820 -1.51 -30.67 16.47
N GLU A 821 -2.77 -30.54 16.89
CA GLU A 821 -3.31 -31.16 18.09
C GLU A 821 -4.51 -32.03 17.72
N PRO A 822 -4.27 -33.20 17.14
CA PRO A 822 -5.39 -34.00 16.63
C PRO A 822 -6.31 -34.51 17.74
N GLY A 823 -7.56 -34.74 17.37
CA GLY A 823 -8.55 -35.31 18.27
C GLY A 823 -8.82 -34.50 19.53
N GLN A 824 -8.43 -33.23 19.54
CA GLN A 824 -8.67 -32.38 20.69
C GLN A 824 -9.92 -31.55 20.57
N ARG A 825 -10.16 -30.97 19.40
CA ARG A 825 -11.31 -30.10 19.13
C ARG A 825 -11.94 -30.53 17.82
N VAL A 826 -12.93 -31.41 17.90
CA VAL A 826 -13.62 -31.95 16.72
C VAL A 826 -15.11 -31.79 16.93
N PHE A 827 -15.80 -31.30 15.92
CA PHE A 827 -17.25 -31.13 16.00
C PHE A 827 -17.83 -31.11 14.59
N GLY A 828 -19.12 -31.42 14.51
CA GLY A 828 -19.85 -31.35 13.27
C GLY A 828 -20.74 -30.11 13.22
N VAL A 829 -21.22 -29.83 12.01
CA VAL A 829 -22.10 -28.69 11.77
C VAL A 829 -23.31 -29.21 11.01
N SER A 830 -24.50 -28.80 11.43
CA SER A 830 -25.71 -29.13 10.69
C SER A 830 -26.55 -27.88 10.55
N VAL A 831 -27.42 -27.90 9.55
CA VAL A 831 -28.34 -26.81 9.26
C VAL A 831 -29.72 -27.41 9.08
N ASN A 832 -30.64 -27.06 9.98
CA ASN A 832 -32.02 -27.54 9.93
C ASN A 832 -32.07 -29.07 9.79
N GLY A 833 -31.25 -29.76 10.59
CA GLY A 833 -31.21 -31.19 10.56
C GLY A 833 -30.38 -31.81 9.45
N THR A 834 -30.02 -31.03 8.43
CA THR A 834 -29.14 -31.50 7.35
C THR A 834 -27.68 -31.42 7.80
N SER A 835 -26.97 -32.54 7.74
CA SER A 835 -25.56 -32.55 8.09
C SER A 835 -24.75 -31.88 6.99
N ILE A 836 -23.93 -30.91 7.36
CA ILE A 836 -23.12 -30.15 6.41
C ILE A 836 -21.69 -30.62 6.41
N LEU A 837 -21.06 -30.60 7.58
CA LEU A 837 -19.68 -31.08 7.71
C LEU A 837 -19.69 -32.06 8.86
N PRO A 838 -19.69 -33.36 8.55
CA PRO A 838 -19.75 -34.38 9.62
C PRO A 838 -18.70 -34.21 10.71
N GLU A 839 -17.50 -33.70 10.38
CA GLU A 839 -16.49 -33.49 11.40
C GLU A 839 -15.47 -32.48 10.91
N ILE A 840 -15.26 -31.44 11.72
CA ILE A 840 -14.15 -30.51 11.56
C ILE A 840 -13.16 -30.82 12.67
N ASP A 841 -11.93 -31.18 12.30
CA ASP A 841 -10.84 -31.34 13.27
C ASP A 841 -9.95 -30.11 13.17
N LEU A 842 -10.28 -29.09 13.97
CA LEU A 842 -9.59 -27.82 13.86
C LEU A 842 -8.12 -27.95 14.22
N GLY A 843 -7.82 -28.47 15.40
CA GLY A 843 -6.43 -28.65 15.79
C GLY A 843 -5.70 -29.70 14.95
N GLY A 844 -6.41 -30.70 14.45
CA GLY A 844 -5.82 -31.81 13.74
C GLY A 844 -5.54 -31.58 12.26
N SER A 845 -6.58 -31.29 11.47
CA SER A 845 -6.39 -31.16 10.02
C SER A 845 -5.90 -29.77 9.62
N TYR A 846 -6.20 -28.74 10.40
CA TYR A 846 -5.80 -27.37 10.07
C TYR A 846 -4.60 -26.91 10.89
N GLY A 847 -4.64 -27.05 12.21
CA GLY A 847 -3.51 -26.66 13.03
C GLY A 847 -3.82 -25.38 13.82
N LEU A 848 -3.16 -25.25 14.98
CA LEU A 848 -3.37 -24.08 15.81
C LEU A 848 -3.06 -22.81 15.02
N ASN A 849 -3.94 -21.82 15.14
CA ASN A 849 -3.86 -20.55 14.44
C ASN A 849 -4.05 -20.67 12.93
N VAL A 850 -4.48 -21.83 12.43
CA VAL A 850 -4.80 -21.99 11.02
C VAL A 850 -6.31 -21.82 10.85
N PRO A 851 -6.77 -20.77 10.18
CA PRO A 851 -8.20 -20.52 10.10
C PRO A 851 -8.91 -21.50 9.17
N CYS A 852 -10.18 -21.77 9.49
CA CYS A 852 -11.04 -22.59 8.67
C CYS A 852 -12.29 -21.77 8.36
N ARG A 853 -12.55 -21.55 7.08
CA ARG A 853 -13.69 -20.74 6.64
C ARG A 853 -14.65 -21.65 5.89
N LEU A 854 -15.73 -22.06 6.54
CA LEU A 854 -16.74 -22.95 5.94
C LEU A 854 -17.77 -22.10 5.22
N THR A 855 -17.81 -22.21 3.90
CA THR A 855 -18.73 -21.46 3.04
C THR A 855 -19.59 -22.44 2.23
N PHE A 856 -20.90 -22.19 2.21
CA PHE A 856 -21.81 -23.07 1.49
C PHE A 856 -23.14 -22.35 1.34
N ARG A 857 -24.01 -22.91 0.51
CA ARG A 857 -25.36 -22.41 0.32
C ARG A 857 -26.38 -23.42 0.87
N TYR A 858 -27.50 -22.88 1.34
CA TYR A 858 -28.59 -23.65 1.94
C TYR A 858 -29.91 -23.00 1.58
N THR A 859 -30.92 -23.81 1.33
CA THR A 859 -32.24 -23.34 0.95
C THR A 859 -33.19 -23.58 2.10
N VAL A 860 -33.69 -22.50 2.68
CA VAL A 860 -34.65 -22.55 3.78
C VAL A 860 -36.05 -22.82 3.23
N THR A 861 -36.73 -23.80 3.82
CA THR A 861 -38.01 -24.27 3.32
C THR A 861 -39.00 -24.42 4.48
N ASP A 862 -40.29 -24.31 4.18
CA ASP A 862 -41.36 -24.63 5.13
C ASP A 862 -41.38 -23.70 6.35
N ASN A 863 -41.04 -22.42 6.16
CA ASN A 863 -41.04 -21.42 7.24
C ASN A 863 -40.23 -21.90 8.45
N ALA A 864 -39.22 -22.74 8.21
CA ALA A 864 -38.41 -23.26 9.30
C ALA A 864 -37.43 -22.24 9.87
N GLY A 865 -37.14 -21.15 9.16
CA GLY A 865 -36.05 -20.32 9.61
C GLY A 865 -34.72 -21.01 9.33
N LEU A 866 -33.67 -20.43 9.90
CA LEU A 866 -32.30 -20.93 9.74
C LEU A 866 -31.72 -21.30 11.10
N SER A 867 -31.47 -22.59 11.32
CA SER A 867 -30.90 -23.04 12.58
C SER A 867 -29.59 -23.79 12.30
N ILE A 868 -28.46 -23.16 12.61
CA ILE A 868 -27.15 -23.77 12.47
C ILE A 868 -26.75 -24.35 13.82
N LYS A 869 -26.38 -25.64 13.83
CA LYS A 869 -26.12 -26.40 15.05
C LYS A 869 -24.73 -27.01 15.04
N PHE A 870 -24.03 -26.90 16.16
CA PHE A 870 -22.75 -27.55 16.39
C PHE A 870 -22.96 -28.87 17.13
N HIS A 871 -22.18 -29.88 16.74
CA HIS A 871 -22.31 -31.23 17.30
C HIS A 871 -20.99 -31.64 17.91
N PRO A 872 -20.81 -31.49 19.22
CA PRO A 872 -19.52 -31.81 19.80
C PRO A 872 -19.17 -33.27 19.58
N VAL A 873 -17.91 -33.49 19.26
CA VAL A 873 -17.33 -34.82 19.18
C VAL A 873 -16.19 -34.98 20.17
N SER A 874 -15.37 -33.94 20.31
CA SER A 874 -14.20 -33.96 21.16
C SER A 874 -13.91 -32.52 21.53
N GLY A 875 -13.79 -32.23 22.82
CA GLY A 875 -13.59 -30.85 23.18
C GLY A 875 -14.86 -30.03 22.96
N GLU A 876 -14.66 -28.75 22.68
CA GLU A 876 -15.77 -27.83 22.52
C GLU A 876 -15.68 -27.10 21.19
N PRO A 877 -16.82 -26.82 20.56
CA PRO A 877 -16.82 -26.02 19.33
C PRO A 877 -16.37 -24.60 19.61
N VAL A 878 -15.92 -23.93 18.54
CA VAL A 878 -15.56 -22.52 18.60
C VAL A 878 -16.13 -21.84 17.37
N LEU A 879 -16.38 -20.53 17.48
CA LEU A 879 -16.92 -19.77 16.36
C LEU A 879 -16.45 -18.32 16.45
N SER A 880 -15.82 -17.84 15.38
CA SER A 880 -15.24 -16.49 15.35
C SER A 880 -16.11 -15.46 14.63
N ALA A 881 -16.86 -15.86 13.60
CA ALA A 881 -17.67 -14.91 12.85
C ALA A 881 -18.67 -15.67 12.00
N VAL A 882 -19.76 -14.99 11.63
CA VAL A 882 -20.81 -15.54 10.80
C VAL A 882 -21.21 -14.51 9.77
N ARG A 883 -21.37 -14.94 8.53
CA ARG A 883 -22.01 -14.11 7.53
C ARG A 883 -23.08 -14.91 6.80
N ILE A 884 -24.21 -14.24 6.51
CA ILE A 884 -25.34 -14.83 5.80
C ILE A 884 -25.80 -13.83 4.75
N ARG A 885 -25.80 -14.25 3.47
CA ARG A 885 -26.25 -13.42 2.36
C ARG A 885 -27.38 -14.13 1.62
N LYS A 886 -28.45 -13.41 1.33
CA LYS A 886 -29.45 -13.94 0.41
C LYS A 886 -28.87 -14.02 -1.00
N VAL A 887 -29.04 -15.17 -1.66
CA VAL A 887 -28.70 -15.33 -3.07
C VAL A 887 -29.92 -15.89 -3.80
N GLU A 888 -29.90 -15.75 -5.12
CA GLU A 888 -31.08 -16.14 -5.90
C GLU A 888 -31.26 -17.66 -5.94
N PHE A 889 -30.17 -18.41 -5.99
CA PHE A 889 -30.23 -19.87 -5.98
C PHE A 889 -28.87 -20.45 -5.65
N GLY B 33 -29.13 -35.10 -1.45
CA GLY B 33 -28.76 -34.84 -2.83
C GLY B 33 -27.33 -34.35 -3.13
N ARG B 34 -27.18 -33.06 -3.39
CA ARG B 34 -25.87 -32.48 -3.68
C ARG B 34 -25.46 -31.61 -2.51
N CYS B 35 -24.23 -31.78 -2.05
CA CYS B 35 -23.65 -30.94 -1.02
C CYS B 35 -22.38 -30.34 -1.59
N GLN B 36 -22.20 -29.04 -1.38
CA GLN B 36 -21.01 -28.33 -1.85
C GLN B 36 -20.51 -27.41 -0.74
N ILE B 37 -19.25 -27.57 -0.37
CA ILE B 37 -18.64 -26.69 0.62
C ILE B 37 -17.30 -26.21 0.09
N ALA B 38 -16.90 -25.02 0.54
CA ALA B 38 -15.59 -24.50 0.22
C ALA B 38 -14.52 -25.45 0.74
N PHE B 39 -13.40 -25.49 0.02
CA PHE B 39 -12.29 -26.36 0.34
C PHE B 39 -10.99 -25.56 0.37
N ASN B 40 -11.06 -24.30 0.82
CA ASN B 40 -9.97 -23.35 0.69
C ASN B 40 -9.02 -23.33 1.86
N SER B 41 -9.37 -23.94 2.98
CA SER B 41 -8.56 -23.80 4.18
C SER B 41 -7.63 -24.98 4.36
N GLY B 42 -6.57 -24.74 5.13
CA GLY B 42 -5.65 -25.77 5.57
C GLY B 42 -4.59 -26.21 4.57
N TRP B 43 -4.36 -25.45 3.50
CA TRP B 43 -3.35 -25.82 2.52
C TRP B 43 -1.98 -25.30 2.94
N LEU B 44 -0.93 -25.95 2.39
CA LEU B 44 0.45 -25.57 2.55
C LEU B 44 1.08 -25.40 1.18
N PHE B 45 1.91 -24.37 1.04
CA PHE B 45 2.45 -24.01 -0.26
C PHE B 45 3.97 -23.92 -0.17
N SER B 46 4.64 -24.42 -1.19
CA SER B 46 6.08 -24.24 -1.29
C SER B 46 6.47 -24.05 -2.75
N LYS B 47 7.28 -23.03 -2.98
CA LYS B 47 7.82 -22.74 -4.29
C LYS B 47 9.11 -23.52 -4.56
N ASN B 48 9.73 -24.13 -3.54
CA ASN B 48 11.01 -24.83 -3.67
C ASN B 48 10.88 -26.32 -3.43
N GLU B 49 9.78 -26.93 -3.82
CA GLU B 49 9.55 -28.32 -3.49
C GLU B 49 9.78 -29.17 -4.72
N ALA B 50 10.57 -30.23 -4.57
CA ALA B 50 10.85 -31.10 -5.69
C ALA B 50 9.64 -31.95 -6.05
N ASN B 51 8.92 -32.44 -5.04
CA ASN B 51 7.89 -33.44 -5.27
C ASN B 51 7.14 -33.77 -3.98
N ALA B 52 5.83 -33.53 -3.95
CA ALA B 52 5.03 -33.80 -2.77
C ALA B 52 3.91 -34.81 -3.06
N VAL B 53 4.13 -35.69 -4.06
CA VAL B 53 3.12 -36.68 -4.44
C VAL B 53 2.74 -37.57 -3.26
N LEU B 54 3.75 -38.06 -2.51
CA LEU B 54 3.52 -39.04 -1.45
C LEU B 54 3.10 -38.35 -0.15
N PRO B 55 2.11 -38.90 0.56
CA PRO B 55 1.72 -38.35 1.86
C PRO B 55 2.92 -38.09 2.75
N ASP B 56 3.00 -36.87 3.26
CA ASP B 56 4.19 -36.37 3.93
C ASP B 56 3.77 -35.34 4.98
N ARG B 57 4.10 -35.62 6.25
CA ARG B 57 3.63 -34.80 7.36
C ARG B 57 4.43 -33.53 7.63
N THR B 58 5.68 -33.43 7.15
CA THR B 58 6.52 -32.28 7.50
C THR B 58 5.90 -30.98 7.01
N THR B 59 6.13 -29.89 7.77
CA THR B 59 5.69 -28.56 7.39
C THR B 59 6.80 -27.53 7.41
N ALA B 60 8.00 -27.90 7.84
CA ALA B 60 9.12 -26.96 7.82
C ALA B 60 9.40 -26.51 6.39
N GLY B 61 9.47 -25.18 6.20
CA GLY B 61 9.71 -24.63 4.89
C GLY B 61 8.48 -24.54 4.01
N TRP B 62 7.29 -24.76 4.57
CA TRP B 62 6.05 -24.62 3.85
C TRP B 62 5.31 -23.42 4.39
N GLN B 63 4.59 -22.72 3.53
CA GLN B 63 3.79 -21.58 3.91
C GLN B 63 2.34 -22.04 4.04
N ALA B 64 1.69 -21.69 5.16
CA ALA B 64 0.27 -21.94 5.31
C ALA B 64 -0.50 -20.92 4.50
N VAL B 65 -1.43 -21.38 3.68
CA VAL B 65 -2.20 -20.46 2.85
C VAL B 65 -3.67 -20.83 2.89
N GLN B 66 -4.50 -19.82 2.63
CA GLN B 66 -5.93 -20.02 2.45
C GLN B 66 -6.25 -19.59 1.03
N LEU B 67 -6.73 -20.54 0.23
CA LEU B 67 -7.08 -20.22 -1.14
C LEU B 67 -8.21 -19.20 -1.11
N PRO B 68 -8.37 -18.39 -2.17
CA PRO B 68 -7.52 -18.31 -3.37
C PRO B 68 -6.11 -17.77 -3.08
N HIS B 69 -5.15 -18.23 -3.89
CA HIS B 69 -3.75 -17.93 -3.64
C HIS B 69 -2.98 -17.83 -4.97
N THR B 70 -2.10 -16.85 -5.04
CA THR B 70 -1.09 -16.81 -6.09
C THR B 70 0.25 -16.48 -5.46
N TRP B 71 1.29 -17.08 -6.00
CA TRP B 71 2.64 -16.77 -5.56
C TRP B 71 3.23 -15.55 -6.25
N ASN B 72 2.49 -14.90 -7.16
CA ASN B 72 3.00 -13.74 -7.87
C ASN B 72 2.31 -12.44 -7.42
N ASP B 73 1.87 -12.37 -6.17
CA ASP B 73 1.17 -11.14 -5.80
C ASP B 73 2.15 -10.00 -5.59
N LYS B 74 3.33 -10.28 -5.04
CA LYS B 74 4.32 -9.24 -4.75
C LYS B 74 5.44 -9.13 -5.79
N ASP B 75 5.96 -10.24 -6.32
CA ASP B 75 7.14 -10.13 -7.17
C ASP B 75 6.82 -9.60 -8.56
N VAL B 76 5.56 -9.25 -8.84
CA VAL B 76 5.20 -8.53 -10.07
C VAL B 76 5.25 -7.02 -9.92
N LEU B 77 5.45 -6.50 -8.71
CA LEU B 77 5.45 -5.07 -8.49
C LEU B 77 6.88 -4.51 -8.63
N ALA B 78 7.08 -3.26 -8.20
CA ALA B 78 8.38 -2.59 -8.26
C ALA B 78 9.28 -3.10 -7.14
N ASP B 79 9.85 -4.29 -7.34
CA ASP B 79 10.61 -4.97 -6.29
C ASP B 79 12.12 -5.00 -6.59
N GLY B 80 12.60 -4.18 -7.52
CA GLY B 80 14.01 -4.11 -7.84
C GLY B 80 14.52 -5.17 -8.79
N ARG B 81 13.67 -6.11 -9.20
CA ARG B 81 14.07 -7.23 -10.06
C ARG B 81 13.00 -7.38 -11.13
N ARG B 82 13.26 -6.87 -12.33
CA ARG B 82 12.33 -7.07 -13.44
C ARG B 82 12.03 -8.55 -13.57
N GLY B 83 10.77 -8.88 -13.83
CA GLY B 83 10.35 -10.25 -13.99
C GLY B 83 9.70 -10.79 -12.72
N TYR B 84 9.15 -11.99 -12.86
CA TYR B 84 8.47 -12.65 -11.74
C TYR B 84 8.57 -14.14 -11.94
N TYR B 85 8.37 -14.89 -10.87
CA TYR B 85 8.60 -16.32 -10.92
C TYR B 85 7.51 -17.00 -11.73
N ARG B 86 7.91 -17.66 -12.81
CA ARG B 86 7.05 -18.54 -13.58
C ARG B 86 7.69 -19.92 -13.51
N GLY B 87 6.95 -20.88 -12.96
CA GLY B 87 7.50 -22.20 -12.74
C GLY B 87 6.59 -23.04 -11.87
N VAL B 88 7.15 -24.09 -11.31
CA VAL B 88 6.37 -25.02 -10.50
C VAL B 88 6.18 -24.47 -9.09
N GLY B 89 4.98 -24.66 -8.56
CA GLY B 89 4.67 -24.45 -7.16
C GLY B 89 3.80 -25.59 -6.68
N TRP B 90 4.05 -26.09 -5.47
CA TRP B 90 3.34 -27.24 -4.93
C TRP B 90 2.45 -26.83 -3.76
N TYR B 91 1.26 -27.41 -3.73
CA TYR B 91 0.29 -27.27 -2.65
C TYR B 91 0.06 -28.64 -2.06
N LYS B 92 -0.15 -28.72 -0.75
CA LYS B 92 -0.57 -29.98 -0.18
C LYS B 92 -1.47 -29.71 1.01
N LYS B 93 -2.21 -30.74 1.41
CA LYS B 93 -3.15 -30.57 2.51
C LYS B 93 -3.58 -31.93 3.00
N ARG B 94 -3.73 -32.06 4.32
CA ARG B 94 -4.38 -33.22 4.93
C ARG B 94 -5.79 -32.84 5.34
N PHE B 95 -6.73 -33.78 5.21
CA PHE B 95 -8.11 -33.45 5.52
C PHE B 95 -8.84 -34.72 5.93
N ARG B 96 -9.93 -34.54 6.69
CA ARG B 96 -10.79 -35.65 7.09
C ARG B 96 -11.94 -35.81 6.10
N LEU B 97 -12.14 -37.03 5.64
CA LEU B 97 -13.31 -37.32 4.82
C LEU B 97 -13.51 -38.82 4.90
N VAL B 98 -14.54 -39.25 5.62
CA VAL B 98 -14.94 -40.66 5.65
C VAL B 98 -15.91 -40.90 4.50
N PRO B 99 -15.54 -41.68 3.50
CA PRO B 99 -16.45 -41.91 2.35
C PRO B 99 -17.65 -42.76 2.75
N GLU B 100 -18.82 -42.26 2.41
CA GLU B 100 -20.08 -42.89 2.76
C GLU B 100 -20.54 -43.79 1.61
N LYS B 101 -21.18 -44.91 1.97
CA LYS B 101 -21.74 -45.80 0.96
C LYS B 101 -22.74 -45.03 0.10
N GLY B 102 -22.61 -45.16 -1.21
CA GLY B 102 -23.55 -44.54 -2.10
C GLY B 102 -23.30 -43.09 -2.41
N LYS B 103 -22.13 -42.55 -2.03
CA LYS B 103 -21.78 -41.17 -2.32
C LYS B 103 -20.58 -41.10 -3.27
N ARG B 104 -20.53 -40.05 -4.07
CA ARG B 104 -19.33 -39.69 -4.81
C ARG B 104 -18.83 -38.34 -4.33
N TYR B 105 -17.52 -38.15 -4.38
CA TYR B 105 -16.88 -36.93 -3.91
C TYR B 105 -16.02 -36.36 -5.03
N PHE B 106 -16.19 -35.06 -5.28
CA PHE B 106 -15.41 -34.34 -6.27
C PHE B 106 -14.79 -33.10 -5.65
N LEU B 107 -13.62 -32.71 -6.17
CA LEU B 107 -13.14 -31.35 -6.00
C LEU B 107 -13.41 -30.59 -7.28
N ARG B 108 -13.96 -29.37 -7.16
CA ARG B 108 -14.05 -28.45 -8.27
C ARG B 108 -13.06 -27.31 -8.06
N PHE B 109 -12.11 -27.20 -9.00
CA PHE B 109 -11.14 -26.12 -9.05
C PHE B 109 -11.68 -25.03 -9.96
N GLU B 110 -11.99 -23.86 -9.38
CA GLU B 110 -12.52 -22.78 -10.21
C GLU B 110 -11.46 -22.21 -11.14
N GLY B 111 -10.18 -22.42 -10.80
CA GLY B 111 -9.15 -22.03 -11.74
C GLY B 111 -7.76 -22.18 -11.15
N VAL B 112 -6.85 -22.76 -11.92
CA VAL B 112 -5.45 -22.91 -11.55
C VAL B 112 -4.64 -22.54 -12.78
N ASN B 113 -3.72 -21.58 -12.64
CA ASN B 113 -2.91 -21.11 -13.75
C ASN B 113 -1.47 -21.61 -13.56
N GLN B 114 -0.92 -22.26 -14.58
CA GLN B 114 -1.55 -22.53 -15.86
C GLN B 114 -1.94 -24.01 -16.00
N THR B 115 -1.07 -24.93 -15.57
CA THR B 115 -1.39 -26.35 -15.55
C THR B 115 -1.46 -26.86 -14.11
N ALA B 116 -2.20 -27.96 -13.96
CA ALA B 116 -2.42 -28.54 -12.65
C ALA B 116 -2.38 -30.05 -12.77
N GLU B 117 -1.69 -30.68 -11.82
CA GLU B 117 -1.68 -32.13 -11.64
C GLU B 117 -2.06 -32.38 -10.20
N VAL B 118 -3.11 -33.17 -9.99
CA VAL B 118 -3.66 -33.42 -8.66
C VAL B 118 -3.33 -34.85 -8.28
N PHE B 119 -2.87 -35.05 -7.05
CA PHE B 119 -2.52 -36.36 -6.53
C PHE B 119 -3.20 -36.56 -5.18
N VAL B 120 -3.95 -37.65 -5.05
CA VAL B 120 -4.66 -37.97 -3.82
C VAL B 120 -4.08 -39.24 -3.25
N ASN B 121 -3.63 -39.16 -1.99
CA ASN B 121 -3.03 -40.29 -1.29
C ASN B 121 -1.96 -40.97 -2.13
N GLY B 122 -1.12 -40.17 -2.76
CA GLY B 122 -0.03 -40.64 -3.60
C GLY B 122 -0.42 -41.05 -5.01
N LYS B 123 -1.68 -40.92 -5.41
CA LYS B 123 -2.00 -41.42 -6.73
C LYS B 123 -2.39 -40.29 -7.66
N PRO B 124 -2.00 -40.34 -8.93
CA PRO B 124 -2.49 -39.34 -9.88
C PRO B 124 -4.01 -39.42 -9.97
N ALA B 125 -4.67 -38.28 -9.78
CA ALA B 125 -6.12 -38.23 -9.76
C ALA B 125 -6.71 -37.31 -10.81
N GLY B 126 -5.94 -36.40 -11.38
CA GLY B 126 -6.45 -35.52 -12.42
C GLY B 126 -5.41 -34.50 -12.81
N GLU B 127 -5.60 -33.95 -14.00
CA GLU B 127 -4.76 -32.85 -14.43
C GLU B 127 -5.55 -31.96 -15.37
N HIS B 128 -5.13 -30.70 -15.46
CA HIS B 128 -5.81 -29.73 -16.30
C HIS B 128 -4.80 -28.79 -16.96
N THR B 129 -5.17 -28.28 -18.13
CA THR B 129 -4.34 -27.34 -18.88
C THR B 129 -5.18 -26.13 -19.20
N GLY B 130 -4.64 -24.95 -18.92
CA GLY B 130 -5.37 -23.70 -19.11
C GLY B 130 -5.70 -23.02 -17.79
N GLY B 131 -5.42 -21.74 -17.69
CA GLY B 131 -5.46 -21.09 -16.39
C GLY B 131 -6.72 -20.32 -16.06
N TYR B 132 -7.79 -20.47 -16.85
CA TYR B 132 -8.94 -19.58 -16.75
C TYR B 132 -10.27 -20.32 -16.76
N THR B 133 -10.26 -21.64 -16.85
CA THR B 133 -11.49 -22.41 -16.84
C THR B 133 -11.45 -23.43 -15.70
N ALA B 134 -12.62 -23.81 -15.22
CA ALA B 134 -12.76 -24.71 -14.09
C ALA B 134 -12.51 -26.17 -14.50
N PHE B 135 -12.22 -27.01 -13.50
CA PHE B 135 -12.14 -28.44 -13.76
C PHE B 135 -12.52 -29.22 -12.51
N ASN B 136 -13.02 -30.44 -12.72
CA ASN B 136 -13.48 -31.35 -11.69
C ASN B 136 -12.53 -32.53 -11.58
N VAL B 137 -12.37 -33.03 -10.35
CA VAL B 137 -11.53 -34.19 -10.06
C VAL B 137 -12.34 -35.10 -9.16
N ASP B 138 -12.59 -36.33 -9.61
CA ASP B 138 -13.28 -37.32 -8.80
C ASP B 138 -12.33 -37.87 -7.76
N LEU B 139 -12.64 -37.63 -6.47
CA LEU B 139 -11.80 -38.10 -5.38
C LEU B 139 -12.05 -39.56 -5.05
N THR B 140 -13.24 -40.06 -5.36
CA THR B 140 -13.75 -41.28 -4.73
C THR B 140 -12.85 -42.50 -4.86
N PRO B 141 -12.27 -42.82 -6.03
CA PRO B 141 -11.45 -44.04 -6.12
C PRO B 141 -10.16 -44.01 -5.29
N PHE B 142 -9.73 -42.85 -4.79
CA PHE B 142 -8.45 -42.73 -4.10
C PHE B 142 -8.55 -42.47 -2.61
N LEU B 143 -9.76 -42.38 -2.06
CA LEU B 143 -9.93 -42.02 -0.66
C LEU B 143 -9.64 -43.22 0.23
N GLU B 144 -8.91 -42.97 1.31
CA GLU B 144 -8.78 -43.95 2.39
C GLU B 144 -10.12 -44.12 3.09
N ALA B 145 -10.54 -45.37 3.26
CA ALA B 145 -11.81 -45.64 3.92
C ALA B 145 -11.83 -45.11 5.36
N SER B 146 -10.71 -45.18 6.06
CA SER B 146 -10.70 -44.78 7.45
C SER B 146 -10.78 -43.26 7.62
N GLY B 147 -10.66 -42.48 6.56
CA GLY B 147 -11.00 -41.07 6.60
C GLY B 147 -9.86 -40.08 6.58
N GLU B 148 -8.60 -40.50 6.79
CA GLU B 148 -7.48 -39.55 6.84
C GLU B 148 -6.90 -39.43 5.43
N GLN B 149 -7.06 -38.27 4.81
CA GLN B 149 -6.72 -38.10 3.40
C GLN B 149 -5.58 -37.09 3.22
N TYR B 150 -4.84 -37.28 2.15
CA TYR B 150 -3.77 -36.37 1.76
C TYR B 150 -3.97 -36.02 0.28
N ILE B 151 -3.77 -34.75 -0.05
CA ILE B 151 -3.85 -34.28 -1.43
C ILE B 151 -2.68 -33.34 -1.66
N ALA B 152 -2.14 -33.39 -2.88
CA ALA B 152 -1.13 -32.46 -3.33
C ALA B 152 -1.50 -32.00 -4.73
N VAL B 153 -1.22 -30.73 -5.01
CA VAL B 153 -1.47 -30.14 -6.32
C VAL B 153 -0.15 -29.56 -6.80
N LYS B 154 0.29 -29.98 -7.99
CA LYS B 154 1.45 -29.42 -8.67
C LYS B 154 0.95 -28.42 -9.71
N ALA B 155 1.17 -27.12 -9.46
CA ALA B 155 0.77 -26.05 -10.36
C ALA B 155 1.99 -25.47 -11.06
N ASP B 156 1.77 -24.87 -12.23
CA ASP B 156 2.91 -24.43 -13.04
C ASP B 156 2.45 -23.30 -13.95
N ASN B 157 3.13 -22.16 -13.91
CA ASN B 157 2.79 -21.07 -14.81
C ASN B 157 3.95 -20.69 -15.73
N SER B 158 4.86 -21.64 -15.97
CA SER B 158 5.83 -21.51 -17.08
C SER B 158 5.12 -21.27 -18.40
N HIS B 159 5.84 -20.65 -19.32
CA HIS B 159 5.40 -20.52 -20.71
C HIS B 159 5.37 -21.88 -21.37
N ARG B 160 4.29 -22.16 -22.09
CA ARG B 160 4.14 -23.38 -22.89
C ARG B 160 3.68 -22.94 -24.27
N ASP B 161 4.46 -23.29 -25.30
CA ASP B 161 4.15 -22.81 -26.64
C ASP B 161 2.80 -23.28 -27.13
N ASP B 162 2.26 -24.36 -26.59
CA ASP B 162 0.99 -24.88 -27.06
C ASP B 162 -0.19 -24.46 -26.18
N VAL B 163 0.02 -23.57 -25.21
CA VAL B 163 -1.05 -23.17 -24.29
C VAL B 163 -1.13 -21.64 -24.19
N PRO B 164 -2.14 -21.02 -24.79
CA PRO B 164 -2.32 -19.57 -24.63
C PRO B 164 -2.85 -19.24 -23.25
N PRO B 165 -2.62 -18.00 -22.75
CA PRO B 165 -1.97 -16.91 -23.50
C PRO B 165 -0.44 -17.06 -23.67
N LEU B 166 0.00 -16.90 -24.92
CA LEU B 166 1.42 -17.03 -25.24
C LEU B 166 2.20 -15.76 -24.89
N SER B 167 1.61 -14.60 -25.14
CA SER B 167 2.13 -13.33 -24.69
C SER B 167 0.94 -12.37 -24.71
N ALA B 168 1.04 -11.30 -23.91
CA ALA B 168 -0.11 -10.45 -23.67
C ALA B 168 0.33 -9.29 -22.81
N ASP B 169 -0.51 -8.25 -22.80
CA ASP B 169 -0.36 -7.10 -21.91
C ASP B 169 -1.04 -7.33 -20.55
N PHE B 170 -0.79 -8.49 -19.93
CA PHE B 170 -1.17 -8.71 -18.55
C PHE B 170 -0.31 -9.82 -17.95
N THR B 171 -0.38 -9.97 -16.63
CA THR B 171 0.51 -10.83 -15.87
C THR B 171 -0.07 -12.23 -15.74
N PHE B 172 0.80 -13.23 -15.89
CA PHE B 172 0.37 -14.63 -15.78
C PHE B 172 0.62 -15.15 -14.36
N PHE B 173 -0.23 -14.69 -13.43
CA PHE B 173 -0.13 -15.06 -12.02
C PHE B 173 -0.28 -16.56 -11.84
N GLY B 174 0.69 -17.21 -11.19
CA GLY B 174 0.63 -18.64 -10.98
C GLY B 174 -0.10 -19.03 -9.71
N GLY B 175 -0.74 -20.20 -9.73
CA GLY B 175 -1.27 -20.80 -8.52
C GLY B 175 -2.74 -21.12 -8.59
N ILE B 176 -3.27 -21.56 -7.46
CA ILE B 176 -4.71 -21.88 -7.35
C ILE B 176 -5.38 -20.58 -6.93
N TYR B 177 -5.58 -19.69 -7.91
CA TYR B 177 -5.93 -18.31 -7.62
C TYR B 177 -7.43 -18.08 -7.53
N ARG B 178 -8.22 -19.13 -7.69
CA ARG B 178 -9.66 -19.15 -7.48
C ARG B 178 -10.02 -20.24 -6.47
N PRO B 179 -11.20 -20.14 -5.83
CA PRO B 179 -11.53 -21.11 -4.78
C PRO B 179 -11.65 -22.53 -5.30
N VAL B 180 -11.62 -23.47 -4.35
CA VAL B 180 -11.84 -24.90 -4.59
C VAL B 180 -13.02 -25.34 -3.73
N HIS B 181 -13.83 -26.25 -4.26
CA HIS B 181 -15.01 -26.76 -3.58
C HIS B 181 -14.97 -28.27 -3.44
N LEU B 182 -15.49 -28.77 -2.31
CA LEU B 182 -15.73 -30.19 -2.15
C LEU B 182 -17.22 -30.46 -2.40
N ILE B 183 -17.51 -31.30 -3.38
CA ILE B 183 -18.86 -31.58 -3.82
C ILE B 183 -19.18 -33.04 -3.57
N THR B 184 -20.30 -33.30 -2.92
CA THR B 184 -20.77 -34.65 -2.64
C THR B 184 -22.07 -34.90 -3.39
N THR B 185 -22.15 -36.00 -4.13
CA THR B 185 -23.38 -36.41 -4.78
C THR B 185 -23.66 -37.88 -4.50
N GLY B 186 -24.84 -38.31 -4.91
CA GLY B 186 -25.14 -39.72 -4.98
C GLY B 186 -24.39 -40.38 -6.14
N GLU B 187 -24.65 -41.69 -6.33
CA GLU B 187 -23.95 -42.45 -7.36
C GLU B 187 -24.55 -42.26 -8.73
N GLN B 188 -25.71 -41.62 -8.83
CA GLN B 188 -26.25 -41.13 -10.08
C GLN B 188 -26.28 -39.62 -10.00
N HIS B 189 -25.76 -38.94 -11.03
CA HIS B 189 -25.59 -37.51 -10.84
C HIS B 189 -25.47 -36.80 -12.18
N PHE B 190 -25.73 -35.49 -12.14
CA PHE B 190 -25.39 -34.64 -13.28
C PHE B 190 -23.90 -34.71 -13.51
N SER B 191 -23.52 -34.86 -14.78
CA SER B 191 -22.14 -35.23 -15.09
C SER B 191 -21.17 -34.21 -14.52
N MET B 192 -20.05 -34.72 -14.02
CA MET B 192 -18.91 -33.93 -13.61
C MET B 192 -17.80 -33.96 -14.65
N SER B 193 -17.98 -34.66 -15.78
CA SER B 193 -16.88 -34.81 -16.73
C SER B 193 -17.15 -34.19 -18.09
N ASP B 194 -18.06 -33.21 -18.18
CA ASP B 194 -18.37 -32.57 -19.45
C ASP B 194 -17.69 -31.20 -19.52
N TYR B 195 -16.37 -31.23 -19.76
CA TYR B 195 -15.54 -30.04 -19.90
C TYR B 195 -15.74 -29.08 -18.73
N GLY B 196 -15.94 -29.63 -17.54
CA GLY B 196 -16.13 -28.80 -16.38
C GLY B 196 -17.43 -28.01 -16.36
N GLY B 197 -18.31 -28.21 -17.34
CA GLY B 197 -19.59 -27.55 -17.33
C GLY B 197 -20.55 -28.20 -16.37
N PRO B 198 -21.70 -27.57 -16.14
CA PRO B 198 -22.63 -28.10 -15.12
C PRO B 198 -23.33 -29.39 -15.55
N GLY B 199 -23.23 -29.77 -16.83
CA GLY B 199 -24.00 -30.92 -17.29
C GLY B 199 -25.47 -30.63 -17.42
N ILE B 200 -25.87 -29.38 -17.26
CA ILE B 200 -27.23 -28.92 -17.46
C ILE B 200 -27.15 -27.71 -18.36
N TYR B 201 -27.75 -27.79 -19.56
CA TYR B 201 -27.57 -26.75 -20.57
C TYR B 201 -28.92 -26.24 -21.04
N ILE B 202 -29.19 -24.98 -20.74
CA ILE B 202 -30.47 -24.33 -20.95
C ILE B 202 -30.38 -23.48 -22.19
N THR B 203 -31.32 -23.68 -23.11
CA THR B 203 -31.47 -22.82 -24.28
C THR B 203 -32.91 -22.35 -24.38
N THR B 204 -33.10 -21.15 -24.94
CA THR B 204 -34.42 -20.61 -25.21
C THR B 204 -34.58 -20.45 -26.72
N PRO B 205 -34.89 -21.54 -27.44
CA PRO B 205 -34.98 -21.47 -28.90
C PRO B 205 -36.13 -20.61 -29.41
N ARG B 206 -37.01 -20.14 -28.54
CA ARG B 206 -38.08 -19.24 -28.97
C ARG B 206 -38.44 -18.38 -27.78
N VAL B 207 -38.33 -17.07 -27.93
CA VAL B 207 -38.73 -16.14 -26.89
C VAL B 207 -39.62 -15.09 -27.53
N THR B 208 -40.78 -14.90 -26.94
CA THR B 208 -41.87 -14.10 -27.43
C THR B 208 -42.46 -13.40 -26.21
N PRO B 209 -43.08 -12.23 -26.38
CA PRO B 209 -43.75 -11.62 -25.23
C PRO B 209 -44.89 -12.47 -24.66
N HIS B 210 -45.62 -13.19 -25.50
CA HIS B 210 -46.70 -14.06 -25.04
C HIS B 210 -46.26 -15.51 -24.78
N GLY B 211 -44.98 -15.82 -24.82
CA GLY B 211 -44.59 -17.18 -24.51
C GLY B 211 -43.21 -17.53 -25.00
N ALA B 212 -42.63 -18.57 -24.40
CA ALA B 212 -41.30 -18.99 -24.77
C ALA B 212 -41.17 -20.51 -24.62
N ASP B 213 -40.21 -21.07 -25.34
CA ASP B 213 -39.80 -22.45 -25.18
C ASP B 213 -38.44 -22.50 -24.52
N VAL B 214 -38.29 -23.37 -23.53
CA VAL B 214 -37.04 -23.63 -22.85
C VAL B 214 -36.70 -25.10 -23.03
N THR B 215 -35.51 -25.39 -23.53
CA THR B 215 -35.04 -26.76 -23.61
C THR B 215 -33.86 -26.91 -22.66
N ILE B 216 -33.85 -28.00 -21.91
CA ILE B 216 -32.81 -28.27 -20.94
C ILE B 216 -32.17 -29.60 -21.30
N THR B 217 -30.89 -29.57 -21.65
CA THR B 217 -30.16 -30.78 -22.02
C THR B 217 -29.33 -31.25 -20.83
N TYR B 218 -29.56 -32.48 -20.39
CA TYR B 218 -28.95 -33.04 -19.18
C TYR B 218 -28.00 -34.16 -19.55
N HIS B 219 -26.77 -34.08 -19.03
CA HIS B 219 -25.82 -35.17 -19.12
C HIS B 219 -25.80 -35.89 -17.75
N LEU B 220 -26.26 -37.14 -17.72
CA LEU B 220 -26.35 -37.92 -16.49
C LEU B 220 -25.30 -39.03 -16.43
N GLN B 221 -24.97 -39.43 -15.21
CA GLN B 221 -23.92 -40.43 -15.00
C GLN B 221 -24.42 -41.43 -13.96
N ASN B 222 -24.10 -42.71 -14.15
CA ASN B 222 -24.40 -43.75 -13.16
C ASN B 222 -23.13 -44.52 -12.82
N CYS B 223 -22.59 -44.30 -11.62
CA CYS B 223 -21.43 -45.03 -11.12
C CYS B 223 -21.79 -46.34 -10.45
N SER B 224 -23.07 -46.70 -10.40
CA SER B 224 -23.49 -47.96 -9.79
C SER B 224 -23.21 -49.13 -10.72
N ASP B 225 -23.01 -50.30 -10.12
CA ASP B 225 -22.85 -51.52 -10.90
C ASP B 225 -24.18 -52.12 -11.34
N ALA B 226 -25.30 -51.46 -11.07
CA ALA B 226 -26.61 -51.92 -11.47
C ALA B 226 -27.31 -50.85 -12.30
N PRO B 227 -28.12 -51.23 -13.28
CA PRO B 227 -28.97 -50.24 -13.96
C PRO B 227 -29.90 -49.56 -12.94
N GLN B 228 -30.26 -48.33 -13.23
CA GLN B 228 -31.06 -47.54 -12.30
C GLN B 228 -32.18 -46.85 -13.06
N ALA B 229 -33.38 -46.92 -12.50
CA ALA B 229 -34.53 -46.17 -12.98
C ALA B 229 -34.66 -44.92 -12.13
N LEU B 230 -34.48 -43.77 -12.75
CA LEU B 230 -34.46 -42.49 -12.06
C LEU B 230 -35.65 -41.64 -12.46
N THR B 231 -35.92 -40.62 -11.66
CA THR B 231 -36.77 -39.54 -12.11
C THR B 231 -35.97 -38.24 -12.06
N LEU B 232 -36.37 -37.31 -12.92
CA LEU B 232 -35.71 -36.02 -13.05
C LEU B 232 -36.78 -34.96 -13.03
N GLU B 233 -36.71 -34.06 -12.07
CA GLU B 233 -37.65 -32.96 -11.92
C GLU B 233 -36.99 -31.69 -12.42
N THR B 234 -37.72 -30.95 -13.26
CA THR B 234 -37.27 -29.71 -13.86
C THR B 234 -38.31 -28.65 -13.55
N VAL B 235 -37.92 -27.61 -12.83
CA VAL B 235 -38.84 -26.54 -12.42
C VAL B 235 -38.22 -25.22 -12.82
N ILE B 236 -38.96 -24.41 -13.58
CA ILE B 236 -38.58 -23.02 -13.84
C ILE B 236 -39.19 -22.17 -12.73
N ARG B 237 -38.36 -21.37 -12.07
CA ARG B 237 -38.77 -20.66 -10.87
C ARG B 237 -38.35 -19.20 -10.94
N LYS B 238 -39.22 -18.32 -10.42
CA LYS B 238 -38.78 -17.01 -9.96
C LYS B 238 -38.11 -17.13 -8.59
N ASP B 239 -38.64 -17.98 -7.71
CA ASP B 239 -38.12 -18.18 -6.38
C ASP B 239 -38.65 -19.51 -5.84
N VAL B 240 -38.40 -19.77 -4.55
CA VAL B 240 -38.76 -21.07 -3.98
C VAL B 240 -40.26 -21.23 -3.88
N ALA B 241 -41.01 -20.11 -3.96
CA ALA B 241 -42.45 -20.12 -3.83
C ALA B 241 -43.19 -20.13 -5.15
N SER B 242 -42.53 -19.92 -6.28
CA SER B 242 -43.23 -19.67 -7.55
C SER B 242 -42.59 -20.47 -8.66
N ALA B 243 -43.37 -21.38 -9.24
CA ALA B 243 -42.98 -22.14 -10.41
C ALA B 243 -43.70 -21.64 -11.64
N LEU B 244 -42.96 -21.47 -12.73
CA LEU B 244 -43.52 -21.10 -14.03
C LEU B 244 -43.83 -22.33 -14.87
N ALA B 245 -43.05 -23.40 -14.69
CA ALA B 245 -43.25 -24.65 -15.41
C ALA B 245 -42.60 -25.75 -14.59
N THR B 246 -43.14 -26.97 -14.74
CA THR B 246 -42.74 -28.15 -13.98
C THR B 246 -42.78 -29.39 -14.88
N LYS B 247 -41.73 -30.21 -14.82
CA LYS B 247 -41.67 -31.43 -15.61
C LYS B 247 -41.14 -32.55 -14.74
N ASN B 248 -41.56 -33.78 -15.07
CA ASN B 248 -41.17 -34.98 -14.34
C ASN B 248 -40.87 -36.04 -15.38
N THR B 249 -39.61 -36.47 -15.45
CA THR B 249 -39.13 -37.26 -16.56
C THR B 249 -38.52 -38.55 -16.02
N ALA B 250 -38.89 -39.69 -16.59
CA ALA B 250 -38.30 -40.96 -16.22
C ALA B 250 -37.05 -41.19 -17.08
N VAL B 251 -35.94 -41.50 -16.42
CA VAL B 251 -34.68 -41.85 -17.07
C VAL B 251 -34.19 -43.15 -16.47
N THR B 252 -33.76 -44.08 -17.32
CA THR B 252 -33.07 -45.27 -16.87
C THR B 252 -31.67 -45.24 -17.48
N ILE B 253 -30.65 -45.47 -16.65
CA ILE B 253 -29.26 -45.50 -17.11
C ILE B 253 -28.72 -46.87 -16.80
N SER B 254 -27.91 -47.41 -17.71
CA SER B 254 -27.32 -48.72 -17.48
C SER B 254 -26.21 -48.65 -16.43
N ALA B 255 -25.78 -49.82 -16.00
CA ALA B 255 -24.69 -49.94 -15.04
C ALA B 255 -23.44 -49.27 -15.59
N PHE B 256 -22.79 -48.47 -14.75
CA PHE B 256 -21.60 -47.73 -15.13
C PHE B 256 -21.83 -46.89 -16.39
N GLY B 257 -23.09 -46.48 -16.60
CA GLY B 257 -23.49 -45.86 -17.84
C GLY B 257 -23.66 -44.36 -17.74
N ASP B 258 -23.98 -43.76 -18.87
CA ASP B 258 -24.18 -42.32 -18.93
C ASP B 258 -25.15 -42.06 -20.07
N THR B 259 -25.88 -40.95 -19.98
CA THR B 259 -26.83 -40.64 -21.04
C THR B 259 -27.08 -39.15 -21.09
N VAL B 260 -27.56 -38.69 -22.24
CA VAL B 260 -28.00 -37.33 -22.46
C VAL B 260 -29.51 -37.36 -22.64
N VAL B 261 -30.22 -36.46 -21.98
CA VAL B 261 -31.68 -36.41 -22.08
C VAL B 261 -32.10 -34.96 -22.22
N THR B 262 -32.99 -34.69 -23.17
CA THR B 262 -33.49 -33.35 -23.45
C THR B 262 -34.90 -33.19 -22.91
N VAL B 263 -35.13 -32.16 -22.11
CA VAL B 263 -36.44 -31.83 -21.56
C VAL B 263 -36.88 -30.52 -22.16
N THR B 264 -38.13 -30.45 -22.62
CA THR B 264 -38.64 -29.24 -23.26
C THR B 264 -39.83 -28.74 -22.46
N CYS B 265 -39.74 -27.50 -21.99
CA CYS B 265 -40.87 -26.75 -21.45
C CYS B 265 -41.42 -25.87 -22.56
N SER B 266 -42.56 -26.25 -23.14
CA SER B 266 -43.18 -25.48 -24.21
C SER B 266 -44.16 -24.45 -23.66
N ASP B 267 -44.21 -23.28 -24.29
CA ASP B 267 -45.22 -22.26 -23.99
C ASP B 267 -45.26 -21.86 -22.51
N VAL B 268 -44.07 -21.58 -21.96
CA VAL B 268 -43.97 -20.99 -20.64
C VAL B 268 -44.55 -19.58 -20.69
N ARG B 269 -45.39 -19.24 -19.72
CA ARG B 269 -46.03 -17.95 -19.65
C ARG B 269 -45.60 -17.19 -18.41
N ASN B 270 -45.92 -15.89 -18.42
CA ASN B 270 -45.88 -15.03 -17.23
C ASN B 270 -44.46 -14.79 -16.73
N PHE B 271 -43.47 -14.75 -17.63
CA PHE B 271 -42.12 -14.30 -17.30
C PHE B 271 -41.95 -12.84 -17.70
N ASP B 272 -41.02 -12.17 -17.03
CA ASP B 272 -40.54 -10.85 -17.40
C ASP B 272 -39.25 -10.99 -18.21
N LEU B 273 -39.06 -10.10 -19.19
CA LEU B 273 -37.92 -10.22 -20.10
C LEU B 273 -36.64 -9.65 -19.49
N TRP B 274 -35.52 -10.30 -19.79
CA TRP B 274 -34.22 -9.85 -19.28
C TRP B 274 -33.59 -8.81 -20.22
N SER B 275 -33.06 -7.74 -19.65
CA SER B 275 -32.25 -6.78 -20.38
C SER B 275 -31.36 -6.05 -19.38
N PRO B 276 -30.28 -5.41 -19.83
CA PRO B 276 -29.40 -4.72 -18.87
C PRO B 276 -30.13 -3.70 -18.02
N ASP B 277 -31.13 -3.02 -18.58
CA ASP B 277 -31.91 -2.05 -17.84
C ASP B 277 -32.85 -2.72 -16.85
N HIS B 278 -33.42 -3.87 -17.21
CA HIS B 278 -34.38 -4.57 -16.37
CA HIS B 278 -34.40 -4.59 -16.38
C HIS B 278 -33.98 -6.04 -16.32
N PRO B 279 -33.00 -6.39 -15.49
CA PRO B 279 -32.44 -7.76 -15.49
C PRO B 279 -33.29 -8.77 -14.71
N ALA B 280 -34.52 -8.97 -15.17
CA ALA B 280 -35.40 -9.96 -14.55
C ALA B 280 -34.81 -11.35 -14.69
N MET B 281 -34.58 -12.03 -13.57
CA MET B 281 -33.93 -13.33 -13.55
C MET B 281 -34.80 -14.44 -12.97
N TYR B 282 -34.54 -15.64 -13.47
CA TYR B 282 -35.22 -16.87 -13.10
C TYR B 282 -34.16 -17.96 -12.98
N TYR B 283 -34.57 -19.16 -12.60
CA TYR B 283 -33.60 -20.25 -12.58
C TYR B 283 -34.34 -21.55 -12.83
N VAL B 284 -33.57 -22.56 -13.21
CA VAL B 284 -34.08 -23.90 -13.41
C VAL B 284 -33.55 -24.72 -12.26
N GLU B 285 -34.47 -25.21 -11.43
CA GLU B 285 -34.17 -26.18 -10.40
C GLU B 285 -34.27 -27.58 -11.01
N SER B 286 -33.26 -28.41 -10.77
CA SER B 286 -33.21 -29.78 -11.29
C SER B 286 -32.93 -30.75 -10.15
N LEU B 287 -33.82 -31.71 -9.97
CA LEU B 287 -33.63 -32.75 -8.95
C LEU B 287 -33.59 -34.11 -9.63
N LEU B 288 -32.58 -34.90 -9.28
CA LEU B 288 -32.48 -36.28 -9.73
C LEU B 288 -32.78 -37.20 -8.55
N LYS B 289 -33.68 -38.15 -8.75
CA LYS B 289 -34.14 -39.00 -7.66
C LYS B 289 -34.09 -40.47 -8.05
N GLN B 290 -33.83 -41.29 -7.05
CA GLN B 290 -33.83 -42.74 -7.16
C GLN B 290 -34.84 -43.25 -6.15
N SER B 291 -35.91 -43.89 -6.63
CA SER B 291 -37.01 -44.28 -5.75
C SER B 291 -37.47 -43.12 -4.89
N GLY B 292 -37.59 -41.93 -5.50
CA GLY B 292 -38.10 -40.77 -4.82
C GLY B 292 -37.11 -40.04 -3.91
N LYS B 293 -35.93 -40.60 -3.66
CA LYS B 293 -34.93 -39.98 -2.79
C LYS B 293 -33.92 -39.22 -3.64
N ARG B 294 -33.59 -37.99 -3.22
CA ARG B 294 -32.71 -37.13 -4.01
C ARG B 294 -31.30 -37.70 -4.04
N VAL B 295 -30.77 -37.89 -5.25
CA VAL B 295 -29.37 -38.25 -5.42
C VAL B 295 -28.52 -37.13 -5.98
N ASP B 296 -29.12 -36.12 -6.62
CA ASP B 296 -28.38 -34.96 -7.06
C ASP B 296 -29.34 -33.80 -7.22
N ASN B 297 -28.84 -32.58 -7.11
CA ASN B 297 -29.67 -31.41 -7.36
C ASN B 297 -28.75 -30.22 -7.66
N LEU B 298 -29.18 -29.42 -8.64
CA LEU B 298 -28.35 -28.34 -9.16
C LEU B 298 -29.26 -27.33 -9.83
N SER B 299 -29.21 -26.09 -9.37
CA SER B 299 -29.97 -25.02 -9.98
C SER B 299 -29.07 -24.26 -10.92
N GLN B 300 -29.66 -23.67 -11.94
CA GLN B 300 -28.90 -22.96 -12.94
C GLN B 300 -29.65 -21.71 -13.35
N PRO B 301 -28.94 -20.66 -13.73
CA PRO B 301 -29.60 -19.39 -14.09
C PRO B 301 -30.37 -19.51 -15.41
N LEU B 302 -31.36 -18.63 -15.55
CA LEU B 302 -32.21 -18.57 -16.73
C LEU B 302 -32.76 -17.16 -16.86
N GLY B 303 -32.53 -16.54 -18.01
CA GLY B 303 -33.21 -15.31 -18.35
C GLY B 303 -33.82 -15.41 -19.74
N PHE B 304 -34.92 -14.68 -19.92
CA PHE B 304 -35.68 -14.70 -21.18
C PHE B 304 -35.38 -13.43 -21.97
N ARG B 305 -34.80 -13.60 -23.17
CA ARG B 305 -34.53 -12.45 -24.02
C ARG B 305 -34.34 -12.91 -25.46
N TRP B 306 -34.57 -11.99 -26.38
CA TRP B 306 -34.13 -12.15 -27.77
C TRP B 306 -33.40 -10.88 -28.17
N PHE B 307 -32.39 -11.03 -29.04
CA PHE B 307 -31.57 -9.88 -29.37
C PHE B 307 -30.95 -10.07 -30.73
N ARG B 308 -30.44 -8.98 -31.29
CA ARG B 308 -29.80 -9.02 -32.60
C ARG B 308 -28.88 -7.82 -32.72
N PHE B 309 -27.91 -7.94 -33.62
CA PHE B 309 -27.05 -6.83 -34.00
C PHE B 309 -27.35 -6.44 -35.44
N ASP B 310 -27.55 -5.16 -35.67
CA ASP B 310 -27.89 -4.64 -36.99
C ASP B 310 -26.73 -3.82 -37.54
N PRO B 311 -26.39 -4.00 -38.83
CA PRO B 311 -25.24 -3.26 -39.39
C PRO B 311 -25.37 -1.76 -39.30
N GLU B 312 -26.57 -1.22 -39.48
CA GLU B 312 -26.79 0.22 -39.54
C GLU B 312 -27.12 0.83 -38.19
N LYS B 313 -27.93 0.15 -37.38
CA LYS B 313 -28.46 0.75 -36.15
C LYS B 313 -27.92 0.14 -34.87
N GLY B 314 -27.25 -1.02 -34.92
CA GLY B 314 -26.61 -1.57 -33.74
C GLY B 314 -27.39 -2.63 -32.98
N PHE B 315 -27.31 -2.58 -31.67
CA PHE B 315 -27.84 -3.64 -30.81
C PHE B 315 -29.31 -3.41 -30.48
N PHE B 316 -30.07 -4.50 -30.56
CA PHE B 316 -31.48 -4.55 -30.18
C PHE B 316 -31.66 -5.70 -29.19
N ILE B 317 -32.43 -5.47 -28.13
CA ILE B 317 -32.75 -6.54 -27.19
C ILE B 317 -34.21 -6.41 -26.80
N ASN B 318 -34.95 -7.51 -26.94
CA ASN B 318 -36.39 -7.56 -26.70
C ASN B 318 -37.12 -6.50 -27.52
N GLY B 319 -36.58 -6.19 -28.69
CA GLY B 319 -37.21 -5.27 -29.62
C GLY B 319 -36.79 -3.82 -29.49
N LYS B 320 -35.91 -3.49 -28.53
CA LYS B 320 -35.54 -2.10 -28.27
C LYS B 320 -34.07 -1.86 -28.62
N ASN B 321 -33.83 -0.85 -29.45
CA ASN B 321 -32.48 -0.42 -29.80
C ASN B 321 -31.82 0.19 -28.58
N ILE B 322 -30.72 -0.39 -28.09
CA ILE B 322 -29.95 0.24 -27.01
C ILE B 322 -28.47 0.27 -27.36
N LYS B 323 -27.82 1.34 -26.92
CA LYS B 323 -26.39 1.50 -27.09
C LYS B 323 -25.65 0.74 -25.98
N LEU B 324 -24.80 -0.21 -26.36
CA LEU B 324 -23.94 -0.89 -25.40
C LEU B 324 -22.71 -0.02 -25.10
N MET B 325 -22.61 0.47 -23.89
CA MET B 325 -21.46 1.27 -23.46
C MET B 325 -21.03 0.75 -22.10
N GLY B 326 -19.77 0.35 -21.98
CA GLY B 326 -19.30 -0.13 -20.70
C GLY B 326 -17.80 -0.23 -20.64
N ALA B 327 -17.27 -1.36 -20.17
CA ALA B 327 -15.86 -1.40 -19.89
C ALA B 327 -15.33 -2.83 -19.97
N ASN B 328 -14.04 -2.92 -20.22
CA ASN B 328 -13.26 -4.12 -19.97
C ASN B 328 -12.91 -4.22 -18.49
N ARG B 329 -12.78 -5.45 -18.01
CA ARG B 329 -12.43 -5.71 -16.61
C ARG B 329 -11.42 -6.84 -16.56
N HIS B 330 -10.25 -6.60 -15.97
CA HIS B 330 -9.29 -7.64 -15.67
C HIS B 330 -9.54 -8.18 -14.26
N GLN B 331 -9.16 -9.44 -14.02
CA GLN B 331 -9.50 -10.11 -12.76
C GLN B 331 -8.42 -9.98 -11.70
N ASP B 332 -7.62 -8.92 -11.73
CA ASP B 332 -6.55 -8.74 -10.75
C ASP B 332 -6.84 -7.51 -9.89
N ARG B 333 -6.17 -7.42 -8.73
CA ARG B 333 -6.22 -6.19 -7.94
C ARG B 333 -4.91 -6.02 -7.15
N ILE B 334 -4.12 -5.04 -7.54
CA ILE B 334 -2.86 -4.81 -6.83
C ILE B 334 -3.18 -4.39 -5.41
N PRO B 335 -2.50 -4.91 -4.37
CA PRO B 335 -1.36 -5.83 -4.42
C PRO B 335 -1.69 -7.29 -4.14
N TYR B 336 -2.84 -7.79 -4.57
CA TYR B 336 -3.27 -9.14 -4.23
C TYR B 336 -3.12 -10.09 -5.39
N GLY B 337 -2.39 -9.70 -6.42
CA GLY B 337 -2.37 -10.50 -7.63
C GLY B 337 -3.78 -10.65 -8.17
N ASN B 338 -4.09 -11.86 -8.65
CA ASN B 338 -5.42 -12.19 -9.12
C ASN B 338 -6.20 -13.07 -8.14
N ALA B 339 -5.71 -13.21 -6.91
CA ALA B 339 -6.34 -14.08 -5.92
C ALA B 339 -7.44 -13.32 -5.19
N LEU B 340 -8.50 -13.01 -5.92
CA LEU B 340 -9.52 -12.09 -5.42
C LEU B 340 -10.66 -12.84 -4.75
N SER B 341 -11.33 -12.16 -3.83
CA SER B 341 -12.53 -12.69 -3.20
C SER B 341 -13.75 -12.42 -4.09
N ASN B 342 -14.82 -13.17 -3.81
CA ASN B 342 -16.07 -12.89 -4.51
C ASN B 342 -16.58 -11.49 -4.16
N ASP B 343 -16.33 -11.01 -2.93
CA ASP B 343 -16.65 -9.63 -2.57
C ASP B 343 -16.01 -8.64 -3.53
N MET B 344 -14.78 -8.93 -3.98
CA MET B 344 -14.08 -8.01 -4.87
C MET B 344 -14.68 -8.04 -6.27
N HIS B 345 -15.08 -9.23 -6.76
CA HIS B 345 -15.80 -9.29 -8.03
C HIS B 345 -17.07 -8.45 -7.97
N ARG B 346 -17.85 -8.61 -6.89
CA ARG B 346 -19.09 -7.85 -6.81
C ARG B 346 -18.80 -6.35 -6.79
N GLN B 347 -17.75 -5.93 -6.06
CA GLN B 347 -17.43 -4.50 -5.99
C GLN B 347 -17.07 -3.94 -7.35
N ASP B 348 -16.26 -4.68 -8.13
CA ASP B 348 -15.88 -4.21 -9.45
C ASP B 348 -17.10 -3.98 -10.32
N LEU B 349 -18.04 -4.95 -10.31
CA LEU B 349 -19.16 -4.82 -11.24
C LEU B 349 -20.18 -3.81 -10.75
N SER B 350 -20.33 -3.65 -9.43
CA SER B 350 -21.19 -2.59 -8.91
C SER B 350 -20.68 -1.21 -9.34
N LEU B 351 -19.35 -1.01 -9.31
CA LEU B 351 -18.77 0.22 -9.83
C LEU B 351 -19.16 0.46 -11.28
N LEU B 352 -19.10 -0.58 -12.11
CA LEU B 352 -19.46 -0.43 -13.52
C LEU B 352 -20.92 -0.06 -13.68
N LYS B 353 -21.80 -0.68 -12.90
CA LYS B 353 -23.22 -0.36 -12.98
C LYS B 353 -23.48 1.07 -12.55
N GLU B 354 -22.81 1.52 -11.49
CA GLU B 354 -23.00 2.89 -11.00
C GLU B 354 -22.41 3.91 -11.95
N MET B 355 -21.50 3.49 -12.84
CA MET B 355 -21.01 4.35 -13.89
C MET B 355 -22.03 4.57 -15.01
N GLY B 356 -23.14 3.84 -14.99
CA GLY B 356 -24.05 3.82 -16.12
C GLY B 356 -23.71 2.81 -17.19
N GLY B 357 -22.81 1.85 -16.91
CA GLY B 357 -22.47 0.85 -17.91
C GLY B 357 -23.54 -0.23 -18.03
N ASN B 358 -23.70 -0.74 -19.26
CA ASN B 358 -24.64 -1.83 -19.52
C ASN B 358 -23.98 -2.92 -20.35
N PHE B 359 -22.65 -2.94 -20.37
CA PHE B 359 -21.87 -3.72 -21.29
C PHE B 359 -20.55 -4.06 -20.60
N LEU B 360 -20.19 -5.33 -20.60
CA LEU B 360 -18.99 -5.79 -19.95
C LEU B 360 -18.25 -6.75 -20.88
N ARG B 361 -16.99 -6.48 -21.14
CA ARG B 361 -16.10 -7.44 -21.78
C ARG B 361 -15.09 -7.91 -20.74
N ASN B 362 -14.99 -9.23 -20.59
CA ASN B 362 -14.16 -9.82 -19.54
C ASN B 362 -12.68 -9.88 -19.92
N ALA B 363 -12.16 -8.78 -20.47
CA ALA B 363 -10.75 -8.72 -20.90
C ALA B 363 -10.53 -9.91 -21.82
N HIS B 364 -9.44 -10.67 -21.67
CA HIS B 364 -9.11 -11.65 -22.68
C HIS B 364 -9.37 -13.09 -22.25
N TYR B 365 -10.12 -13.33 -21.18
CA TYR B 365 -10.22 -14.69 -20.66
C TYR B 365 -11.58 -14.88 -20.01
N PRO B 366 -12.04 -16.12 -19.85
CA PRO B 366 -13.28 -16.34 -19.10
C PRO B 366 -13.04 -16.09 -17.61
N GLN B 367 -14.05 -15.58 -16.96
CA GLN B 367 -13.88 -15.15 -15.59
C GLN B 367 -14.67 -16.04 -14.66
N ALA B 368 -14.63 -15.68 -13.37
CA ALA B 368 -15.26 -16.47 -12.34
C ALA B 368 -16.79 -16.43 -12.49
N ASP B 369 -17.45 -17.51 -12.05
CA ASP B 369 -18.91 -17.58 -12.09
C ASP B 369 -19.54 -16.39 -11.38
N GLU B 370 -18.93 -15.95 -10.27
CA GLU B 370 -19.44 -14.77 -9.56
C GLU B 370 -19.53 -13.55 -10.48
N VAL B 371 -18.53 -13.36 -11.37
CA VAL B 371 -18.60 -12.24 -12.31
C VAL B 371 -19.85 -12.38 -13.17
N LEU B 372 -20.12 -13.59 -13.66
CA LEU B 372 -21.23 -13.81 -14.56
C LEU B 372 -22.57 -13.72 -13.83
N ASP B 373 -22.64 -14.24 -12.60
CA ASP B 373 -23.89 -14.14 -11.81
C ASP B 373 -24.24 -12.68 -11.56
N GLN B 374 -23.22 -11.87 -11.26
CA GLN B 374 -23.42 -10.45 -11.04
C GLN B 374 -23.77 -9.72 -12.34
N ALA B 375 -23.27 -10.18 -13.49
CA ALA B 375 -23.73 -9.59 -14.75
C ALA B 375 -25.19 -9.93 -15.01
N ASP B 376 -25.60 -11.18 -14.76
CA ASP B 376 -27.01 -11.53 -14.84
C ASP B 376 -27.85 -10.65 -13.93
N ARG B 377 -27.43 -10.51 -12.67
CA ARG B 377 -28.25 -9.86 -11.66
C ARG B 377 -28.27 -8.34 -11.82
N LEU B 378 -27.10 -7.72 -12.02
CA LEU B 378 -27.03 -6.28 -12.19
C LEU B 378 -27.49 -5.84 -13.59
N GLY B 379 -27.16 -6.62 -14.62
CA GLY B 379 -27.55 -6.22 -15.96
C GLY B 379 -26.43 -5.63 -16.79
N PHE B 380 -25.60 -6.50 -17.36
CA PHE B 380 -24.64 -6.15 -18.40
C PHE B 380 -24.76 -7.20 -19.49
N ALA B 381 -24.76 -6.77 -20.74
CA ALA B 381 -24.49 -7.70 -21.83
C ALA B 381 -23.00 -8.00 -21.83
N VAL B 382 -22.65 -9.27 -21.94
CA VAL B 382 -21.28 -9.71 -21.72
C VAL B 382 -20.69 -10.23 -23.02
N TRP B 383 -19.44 -9.84 -23.25
CA TRP B 383 -18.56 -10.41 -24.24
C TRP B 383 -17.50 -11.19 -23.48
N GLU B 384 -17.31 -12.45 -23.83
CA GLU B 384 -16.32 -13.28 -23.14
C GLU B 384 -15.54 -14.07 -24.17
N GLU B 385 -14.22 -14.15 -23.97
CA GLU B 385 -13.33 -14.76 -24.96
C GLU B 385 -12.28 -15.62 -24.26
N ILE B 386 -11.63 -16.50 -25.02
CA ILE B 386 -10.48 -17.26 -24.54
C ILE B 386 -9.17 -16.58 -24.95
N PRO B 387 -8.08 -16.75 -24.22
CA PRO B 387 -6.92 -15.85 -24.37
C PRO B 387 -5.93 -16.27 -25.46
N LEU B 388 -6.42 -16.36 -26.70
CA LEU B 388 -5.53 -16.35 -27.86
C LEU B 388 -5.18 -14.90 -28.17
N VAL B 389 -4.04 -14.45 -27.64
CA VAL B 389 -3.59 -13.06 -27.79
C VAL B 389 -2.30 -13.04 -28.60
N ASN B 390 -2.19 -12.05 -29.50
CA ASN B 390 -0.93 -11.63 -30.11
C ASN B 390 -0.37 -12.56 -31.19
N GLU B 391 -0.63 -13.87 -31.09
CA GLU B 391 0.13 -14.83 -31.87
C GLU B 391 -0.50 -16.21 -31.73
N VAL B 392 -0.16 -17.08 -32.67
CA VAL B 392 -0.66 -18.45 -32.73
C VAL B 392 0.55 -19.36 -32.89
N THR B 393 0.53 -20.51 -32.24
CA THR B 393 1.58 -21.50 -32.46
C THR B 393 1.08 -22.53 -33.48
N VAL B 394 1.88 -22.77 -34.51
CA VAL B 394 1.51 -23.76 -35.51
C VAL B 394 1.45 -25.14 -34.89
N GLY B 395 0.45 -25.93 -35.25
CA GLY B 395 0.46 -27.32 -34.85
C GLY B 395 -0.80 -27.86 -34.20
N PRO B 396 -0.95 -29.19 -34.20
CA PRO B 396 -2.17 -29.79 -33.65
C PRO B 396 -2.27 -29.67 -32.13
N ARG B 397 -1.15 -29.62 -31.40
CA ARG B 397 -1.23 -29.47 -29.96
C ARG B 397 -1.83 -28.13 -29.57
N HIS B 398 -1.37 -27.05 -30.21
CA HIS B 398 -1.98 -25.74 -29.97
C HIS B 398 -3.44 -25.73 -30.41
N THR B 399 -3.72 -26.29 -31.58
CA THR B 399 -5.10 -26.37 -32.04
C THR B 399 -5.98 -27.11 -31.03
N GLU B 400 -5.50 -28.26 -30.56
CA GLU B 400 -6.27 -29.07 -29.62
C GLU B 400 -6.54 -28.30 -28.33
N ASN B 401 -5.50 -27.70 -27.76
CA ASN B 401 -5.66 -27.04 -26.48
C ASN B 401 -6.62 -25.86 -26.59
N THR B 402 -6.53 -25.10 -27.68
CA THR B 402 -7.42 -23.96 -27.82
C THR B 402 -8.84 -24.41 -28.08
N THR B 403 -9.02 -25.52 -28.79
CA THR B 403 -10.35 -26.08 -29.03
C THR B 403 -11.01 -26.49 -27.72
N VAL B 404 -10.28 -27.24 -26.89
CA VAL B 404 -10.78 -27.64 -25.59
C VAL B 404 -11.16 -26.41 -24.76
N MET B 405 -10.28 -25.41 -24.71
CA MET B 405 -10.54 -24.23 -23.90
C MET B 405 -11.82 -23.54 -24.36
N LEU B 406 -12.05 -23.52 -25.66
CA LEU B 406 -13.28 -22.94 -26.18
C LEU B 406 -14.49 -23.73 -25.73
N LYS B 407 -14.42 -25.05 -25.80
CA LYS B 407 -15.55 -25.84 -25.35
C LYS B 407 -15.79 -25.63 -23.85
N GLU B 408 -14.71 -25.50 -23.07
CA GLU B 408 -14.84 -25.31 -21.62
C GLU B 408 -15.51 -23.98 -21.31
N MET B 409 -15.06 -22.89 -21.95
CA MET B 409 -15.68 -21.58 -21.71
C MET B 409 -17.17 -21.61 -22.04
N ILE B 410 -17.51 -22.04 -23.25
CA ILE B 410 -18.90 -22.01 -23.68
C ILE B 410 -19.77 -22.90 -22.80
N LYS B 411 -19.28 -24.09 -22.47
CA LYS B 411 -20.11 -25.02 -21.68
C LYS B 411 -20.26 -24.55 -20.24
N GLN B 412 -19.18 -24.04 -19.66
CA GLN B 412 -19.21 -23.62 -18.27
C GLN B 412 -20.09 -22.41 -18.06
N HIS B 413 -20.12 -21.48 -19.03
CA HIS B 413 -20.87 -20.25 -18.89
C HIS B 413 -22.11 -20.23 -19.76
N TYR B 414 -22.55 -21.40 -20.20
CA TYR B 414 -23.59 -21.52 -21.22
C TYR B 414 -24.88 -20.83 -20.82
N ASN B 415 -25.25 -20.94 -19.55
CA ASN B 415 -26.60 -20.62 -19.10
C ASN B 415 -26.78 -19.16 -18.71
N HIS B 416 -25.74 -18.37 -18.72
CA HIS B 416 -25.84 -16.99 -18.26
C HIS B 416 -26.53 -16.10 -19.28
N PRO B 417 -27.74 -15.61 -18.98
CA PRO B 417 -28.44 -14.77 -19.96
C PRO B 417 -27.67 -13.50 -20.31
N SER B 418 -26.75 -13.05 -19.44
CA SER B 418 -25.97 -11.85 -19.73
C SER B 418 -25.00 -12.02 -20.90
N VAL B 419 -24.54 -13.23 -21.20
CA VAL B 419 -23.59 -13.39 -22.29
C VAL B 419 -24.34 -13.25 -23.62
N VAL B 420 -23.90 -12.32 -24.48
CA VAL B 420 -24.41 -12.25 -25.84
C VAL B 420 -23.34 -12.49 -26.88
N ILE B 421 -22.06 -12.43 -26.52
CA ILE B 421 -20.99 -12.58 -27.49
C ILE B 421 -19.93 -13.52 -26.95
N TRP B 422 -19.53 -14.50 -27.76
CA TRP B 422 -18.37 -15.35 -27.55
C TRP B 422 -17.28 -14.93 -28.52
N ALA B 423 -16.03 -14.97 -28.07
CA ALA B 423 -14.90 -14.63 -28.94
C ALA B 423 -13.72 -15.53 -28.62
N TYR B 424 -12.70 -15.48 -29.48
CA TYR B 424 -11.62 -16.46 -29.36
C TYR B 424 -10.26 -15.96 -29.84
N MET B 425 -10.14 -14.78 -30.42
CA MET B 425 -8.81 -14.23 -30.67
C MET B 425 -8.81 -12.74 -30.42
N ASN B 426 -7.65 -12.22 -29.99
CA ASN B 426 -7.45 -10.81 -29.69
C ASN B 426 -6.13 -10.35 -30.28
N GLU B 427 -6.18 -9.33 -31.13
CA GLU B 427 -5.00 -8.78 -31.84
C GLU B 427 -4.04 -9.89 -32.25
N ILE B 428 -4.59 -10.89 -32.94
CA ILE B 428 -3.86 -12.12 -33.22
C ILE B 428 -2.65 -11.92 -34.14
N TYR B 429 -2.52 -10.76 -34.77
CA TYR B 429 -1.37 -10.49 -35.62
C TYR B 429 -0.36 -9.54 -34.97
N TRP B 430 -0.60 -9.12 -33.72
CA TRP B 430 0.27 -8.14 -33.07
C TRP B 430 1.75 -8.57 -33.06
N ALA B 431 2.04 -9.81 -32.66
CA ALA B 431 3.43 -10.22 -32.47
C ALA B 431 4.21 -10.42 -33.79
N HIS B 432 3.55 -10.29 -34.95
CA HIS B 432 4.20 -10.56 -36.24
C HIS B 432 5.47 -9.74 -36.46
N ARG B 433 5.45 -8.45 -36.09
CA ARG B 433 6.63 -7.60 -36.23
C ARG B 433 7.86 -8.19 -35.58
N TYR B 434 7.69 -9.08 -34.61
CA TYR B 434 8.80 -9.65 -33.85
C TYR B 434 9.07 -11.10 -34.21
N LYS B 435 8.36 -11.67 -35.16
CA LYS B 435 8.61 -13.07 -35.47
C LYS B 435 9.53 -13.18 -36.69
N PRO B 436 10.27 -14.28 -36.80
CA PRO B 436 11.15 -14.45 -37.96
C PRO B 436 10.33 -14.51 -39.23
N GLN B 437 10.85 -13.85 -40.28
CA GLN B 437 10.14 -13.76 -41.55
C GLN B 437 9.70 -15.12 -42.06
N GLU B 438 10.57 -16.12 -41.94
CA GLU B 438 10.28 -17.45 -42.47
C GLU B 438 9.15 -18.14 -41.74
N GLU B 439 8.69 -17.61 -40.61
CA GLU B 439 7.55 -18.18 -39.91
C GLU B 439 6.20 -17.57 -40.31
N ILE B 440 6.20 -16.46 -41.06
CA ILE B 440 4.98 -15.65 -41.18
C ILE B 440 3.92 -16.38 -41.99
N ALA B 441 4.30 -16.97 -43.13
CA ALA B 441 3.29 -17.59 -43.99
C ALA B 441 2.55 -18.69 -43.24
N GLY B 442 3.29 -19.55 -42.54
CA GLY B 442 2.66 -20.63 -41.81
C GLY B 442 1.88 -20.15 -40.59
N ARG B 443 2.35 -19.07 -39.97
CA ARG B 443 1.57 -18.44 -38.91
C ARG B 443 0.25 -17.90 -39.44
N ASN B 444 0.28 -17.22 -40.60
CA ASN B 444 -0.94 -16.71 -41.21
C ASN B 444 -1.90 -17.84 -41.55
N ARG B 445 -1.41 -18.95 -42.07
CA ARG B 445 -2.32 -20.04 -42.40
C ARG B 445 -2.79 -20.76 -41.15
N ALA B 446 -1.92 -20.87 -40.14
CA ALA B 446 -2.36 -21.48 -38.89
C ALA B 446 -3.46 -20.62 -38.25
N THR B 447 -3.33 -19.29 -38.35
CA THR B 447 -4.33 -18.41 -37.78
C THR B 447 -5.66 -18.55 -38.52
N LEU B 448 -5.61 -18.50 -39.85
CA LEU B 448 -6.81 -18.60 -40.66
C LEU B 448 -7.57 -19.89 -40.38
N GLU B 449 -6.88 -21.03 -40.41
CA GLU B 449 -7.56 -22.30 -40.23
C GLU B 449 -7.99 -22.54 -38.78
N LEU B 450 -7.27 -21.98 -37.81
CA LEU B 450 -7.76 -22.12 -36.44
C LEU B 450 -9.00 -21.26 -36.22
N ALA B 451 -9.00 -20.05 -36.78
CA ALA B 451 -10.17 -19.19 -36.61
C ALA B 451 -11.42 -19.82 -37.21
N ARG B 452 -11.28 -20.49 -38.37
CA ARG B 452 -12.41 -21.16 -38.97
C ARG B 452 -12.92 -22.31 -38.10
N ARG B 453 -12.01 -23.09 -37.53
CA ARG B 453 -12.44 -24.21 -36.69
C ARG B 453 -13.13 -23.73 -35.41
N LEU B 454 -12.57 -22.71 -34.76
CA LEU B 454 -13.19 -22.17 -33.54
C LEU B 454 -14.53 -21.54 -33.85
N GLU B 455 -14.64 -20.83 -34.98
CA GLU B 455 -15.91 -20.23 -35.37
C GLU B 455 -16.96 -21.30 -35.57
N HIS B 456 -16.58 -22.38 -36.27
CA HIS B 456 -17.50 -23.48 -36.49
C HIS B 456 -17.97 -24.08 -35.17
N ILE B 457 -17.06 -24.23 -34.21
CA ILE B 457 -17.44 -24.86 -32.94
C ILE B 457 -18.42 -23.97 -32.17
N VAL B 458 -18.19 -22.66 -32.14
CA VAL B 458 -19.13 -21.79 -31.43
C VAL B 458 -20.52 -21.94 -32.02
N ARG B 459 -20.63 -21.82 -33.34
CA ARG B 459 -21.92 -21.89 -34.00
C ARG B 459 -22.61 -23.23 -33.74
N GLU B 460 -21.84 -24.31 -33.64
CA GLU B 460 -22.43 -25.62 -33.39
C GLU B 460 -22.85 -25.75 -31.93
N LEU B 461 -22.03 -25.26 -31.00
CA LEU B 461 -22.34 -25.39 -29.58
C LEU B 461 -23.46 -24.45 -29.17
N ASP B 462 -23.47 -23.24 -29.72
CA ASP B 462 -24.36 -22.18 -29.24
C ASP B 462 -24.85 -21.39 -30.43
N PRO B 463 -25.94 -21.84 -31.07
CA PRO B 463 -26.53 -21.07 -32.17
C PRO B 463 -27.19 -19.78 -31.74
N TYR B 464 -27.32 -19.49 -30.45
CA TYR B 464 -28.12 -18.37 -29.98
C TYR B 464 -27.29 -17.21 -29.46
N ARG B 465 -26.02 -17.14 -29.81
CA ARG B 465 -25.18 -16.02 -29.43
C ARG B 465 -24.33 -15.63 -30.62
N TYR B 466 -23.82 -14.41 -30.58
CA TYR B 466 -22.97 -13.92 -31.65
C TYR B 466 -21.52 -14.26 -31.36
N THR B 467 -20.74 -14.40 -32.43
CA THR B 467 -19.29 -14.43 -32.36
C THR B 467 -18.71 -13.06 -32.68
N ALA B 468 -17.55 -12.77 -32.08
CA ALA B 468 -16.82 -11.56 -32.40
C ALA B 468 -15.32 -11.84 -32.41
N MET B 469 -14.56 -10.83 -32.80
CA MET B 469 -13.11 -10.82 -32.72
C MET B 469 -12.65 -9.38 -32.51
N ALA B 470 -11.67 -9.20 -31.62
CA ALA B 470 -11.04 -7.90 -31.42
C ALA B 470 -9.85 -7.76 -32.34
N MET B 471 -9.84 -6.69 -33.14
CA MET B 471 -8.74 -6.40 -34.04
C MET B 471 -8.14 -5.05 -33.66
N HIS B 472 -6.93 -4.77 -34.16
CA HIS B 472 -6.30 -3.48 -33.85
C HIS B 472 -5.85 -2.82 -35.15
N ASN B 473 -5.38 -1.58 -35.01
CA ASN B 473 -5.10 -0.76 -36.18
C ASN B 473 -3.83 -1.25 -36.88
N ASP B 474 -3.99 -2.24 -37.76
CA ASP B 474 -2.90 -2.89 -38.47
C ASP B 474 -3.51 -3.42 -39.75
N PRO B 475 -2.84 -3.27 -40.91
CA PRO B 475 -3.48 -3.70 -42.17
C PRO B 475 -3.61 -5.22 -42.33
N ALA B 476 -2.97 -6.02 -41.48
CA ALA B 476 -3.02 -7.47 -41.63
C ALA B 476 -4.45 -8.00 -41.76
N TYR B 477 -5.36 -7.55 -40.91
CA TYR B 477 -6.71 -8.11 -40.92
C TYR B 477 -7.39 -7.91 -42.26
N GLU B 478 -7.23 -6.72 -42.84
CA GLU B 478 -7.78 -6.46 -44.16
C GLU B 478 -7.16 -7.38 -45.22
N GLU B 479 -5.84 -7.58 -45.16
CA GLU B 479 -5.18 -8.40 -46.17
C GLU B 479 -5.66 -9.84 -46.13
N THR B 480 -5.87 -10.40 -44.92
CA THR B 480 -6.16 -11.82 -44.82
C THR B 480 -7.64 -12.15 -44.85
N GLY B 481 -8.51 -11.16 -44.67
CA GLY B 481 -9.92 -11.44 -44.52
C GLY B 481 -10.32 -12.09 -43.22
N LEU B 482 -9.42 -12.09 -42.21
CA LEU B 482 -9.77 -12.70 -40.94
C LEU B 482 -11.02 -12.09 -40.32
N GLY B 483 -11.24 -10.78 -40.53
CA GLY B 483 -12.39 -10.08 -39.99
C GLY B 483 -13.72 -10.50 -40.58
N ASP B 484 -13.71 -11.25 -41.69
CA ASP B 484 -14.95 -11.76 -42.25
C ASP B 484 -15.46 -13.00 -41.54
N ILE B 485 -14.64 -13.66 -40.74
CA ILE B 485 -15.04 -14.93 -40.12
C ILE B 485 -16.06 -14.77 -38.99
N PRO B 486 -15.86 -13.90 -38.00
CA PRO B 486 -16.88 -13.78 -36.94
C PRO B 486 -18.05 -12.94 -37.44
N MET B 487 -19.15 -13.01 -36.71
CA MET B 487 -20.28 -12.17 -37.11
C MET B 487 -20.10 -10.71 -36.70
N ILE B 488 -19.23 -10.41 -35.73
CA ILE B 488 -19.03 -9.05 -35.24
C ILE B 488 -17.55 -8.69 -35.37
N ALA B 489 -17.28 -7.49 -35.89
CA ALA B 489 -15.91 -7.02 -36.07
C ALA B 489 -15.60 -6.01 -34.97
N GLY B 490 -14.77 -6.40 -34.01
CA GLY B 490 -14.38 -5.53 -32.91
C GLY B 490 -13.05 -4.85 -33.19
N TRP B 491 -12.98 -3.56 -32.86
CA TRP B 491 -11.75 -2.80 -33.06
C TRP B 491 -11.26 -2.26 -31.72
N ASN B 492 -9.98 -2.52 -31.42
CA ASN B 492 -9.29 -1.85 -30.34
C ASN B 492 -8.56 -0.67 -30.94
N LEU B 493 -8.96 0.54 -30.56
CA LEU B 493 -8.54 1.76 -31.25
C LEU B 493 -8.11 2.81 -30.23
N TYR B 494 -7.11 3.60 -30.63
CA TYR B 494 -6.38 4.46 -29.70
C TYR B 494 -5.97 5.76 -30.37
N HIS B 495 -6.80 6.27 -31.27
CA HIS B 495 -6.48 7.51 -31.97
C HIS B 495 -6.31 8.66 -30.99
N GLY B 496 -5.25 9.46 -31.20
CA GLY B 496 -4.85 10.48 -30.26
C GLY B 496 -3.96 9.97 -29.14
N TRP B 497 -3.79 8.65 -29.03
CA TRP B 497 -2.86 8.07 -28.08
C TRP B 497 -1.70 7.46 -28.84
N TYR B 498 -1.88 6.25 -29.38
CA TYR B 498 -0.77 5.56 -30.04
C TYR B 498 -0.49 6.09 -31.44
N TYR B 499 -1.50 6.66 -32.10
CA TYR B 499 -1.37 7.10 -33.48
C TYR B 499 -2.38 8.21 -33.68
N GLY B 500 -2.13 9.05 -34.68
CA GLY B 500 -3.12 10.01 -35.16
C GLY B 500 -3.59 11.00 -34.09
N ILE B 501 -4.70 11.66 -34.40
CA ILE B 501 -5.38 12.55 -33.47
C ILE B 501 -6.78 11.98 -33.22
N TYR B 502 -7.46 12.50 -32.18
CA TYR B 502 -8.74 11.95 -31.76
C TYR B 502 -9.70 11.80 -32.94
N GLU B 503 -9.82 12.85 -33.75
CA GLU B 503 -10.81 12.86 -34.83
C GLU B 503 -10.53 11.79 -35.87
N ASP B 504 -9.34 11.22 -35.89
CA ASP B 504 -9.08 10.12 -36.80
C ASP B 504 -9.81 8.86 -36.41
N PHE B 505 -10.36 8.80 -35.19
CA PHE B 505 -11.17 7.65 -34.79
C PHE B 505 -12.44 7.58 -35.62
N GLY B 506 -13.18 8.69 -35.71
CA GLY B 506 -14.37 8.71 -36.55
C GLY B 506 -14.09 8.50 -38.03
N THR B 507 -13.00 9.08 -38.53
CA THR B 507 -12.58 8.81 -39.91
C THR B 507 -12.33 7.31 -40.11
N PHE B 508 -11.57 6.69 -39.20
CA PHE B 508 -11.29 5.26 -39.30
C PHE B 508 -12.58 4.46 -39.38
N MET B 509 -13.49 4.70 -38.43
CA MET B 509 -14.69 3.89 -38.34
C MET B 509 -15.64 4.20 -39.50
N ASP B 510 -15.77 5.46 -39.88
CA ASP B 510 -16.60 5.80 -41.03
C ASP B 510 -16.11 5.11 -42.29
N GLU B 511 -14.79 5.02 -42.48
CA GLU B 511 -14.28 4.30 -43.65
C GLU B 511 -14.63 2.82 -43.56
N GLN B 512 -14.53 2.24 -42.36
CA GLN B 512 -14.91 0.84 -42.17
C GLN B 512 -16.39 0.63 -42.49
N ARG B 513 -17.25 1.52 -42.03
CA ARG B 513 -18.69 1.39 -42.31
C ARG B 513 -18.96 1.52 -43.81
N ARG B 514 -18.25 2.43 -44.49
CA ARG B 514 -18.42 2.56 -45.93
C ARG B 514 -17.90 1.33 -46.67
N LYS B 515 -16.77 0.79 -46.24
CA LYS B 515 -16.18 -0.33 -46.96
C LYS B 515 -16.96 -1.62 -46.72
N TYR B 516 -17.56 -1.78 -45.54
CA TYR B 516 -18.23 -3.02 -45.15
C TYR B 516 -19.62 -2.71 -44.65
N PRO B 517 -20.57 -2.40 -45.55
CA PRO B 517 -21.92 -2.06 -45.10
C PRO B 517 -22.65 -3.22 -44.43
N LYS B 518 -22.14 -4.43 -44.57
CA LYS B 518 -22.80 -5.57 -43.97
C LYS B 518 -22.21 -5.97 -42.62
N ARG B 519 -21.12 -5.34 -42.20
CA ARG B 519 -20.52 -5.78 -40.94
C ARG B 519 -21.23 -5.16 -39.74
N ILE B 520 -20.97 -5.74 -38.59
CA ILE B 520 -21.40 -5.19 -37.31
C ILE B 520 -20.16 -4.68 -36.60
N HIS B 521 -20.13 -3.39 -36.29
CA HIS B 521 -18.94 -2.78 -35.72
C HIS B 521 -19.15 -2.48 -34.24
N LEU B 522 -18.12 -2.77 -33.45
CA LEU B 522 -18.15 -2.58 -32.01
C LEU B 522 -16.74 -2.22 -31.59
N ILE B 523 -16.62 -1.20 -30.72
CA ILE B 523 -15.32 -0.78 -30.22
C ILE B 523 -15.03 -1.62 -28.98
N SER B 524 -14.25 -2.68 -29.16
CA SER B 524 -13.98 -3.58 -28.06
C SER B 524 -12.96 -3.03 -27.07
N GLU B 525 -12.20 -2.00 -27.42
CA GLU B 525 -11.24 -1.38 -26.50
C GLU B 525 -10.96 0.04 -26.95
N TYR B 526 -10.89 0.95 -25.99
CA TYR B 526 -10.28 2.25 -26.21
C TYR B 526 -10.00 2.88 -24.85
N GLY B 527 -8.85 3.52 -24.73
CA GLY B 527 -8.54 4.20 -23.47
C GLY B 527 -7.16 4.83 -23.50
N ALA B 528 -6.89 5.62 -22.48
CA ALA B 528 -5.59 6.25 -22.31
C ALA B 528 -5.18 6.10 -20.85
N GLY B 529 -3.87 6.26 -20.61
CA GLY B 529 -3.32 6.03 -19.28
C GLY B 529 -3.20 7.29 -18.46
N SER B 530 -3.35 7.15 -17.14
CA SER B 530 -3.15 8.29 -16.27
C SER B 530 -2.57 7.86 -14.92
N ASP B 531 -1.74 8.73 -14.38
CA ASP B 531 -1.26 8.66 -12.99
C ASP B 531 -1.96 9.77 -12.21
N VAL B 532 -2.51 9.45 -11.05
CA VAL B 532 -3.34 10.41 -10.34
C VAL B 532 -2.47 11.41 -9.57
N ARG B 533 -1.15 11.31 -9.73
CA ARG B 533 -0.25 12.33 -9.22
C ARG B 533 0.20 13.33 -10.29
N LEU B 534 -0.17 13.14 -11.54
CA LEU B 534 0.31 13.98 -12.65
C LEU B 534 -0.79 14.91 -13.15
N TYR B 535 -0.54 16.22 -13.12
CA TYR B 535 -1.52 17.24 -13.54
C TYR B 535 -0.85 18.28 -14.43
N SER B 536 -1.59 18.76 -15.44
CA SER B 536 -1.10 19.78 -16.37
C SER B 536 -2.26 20.65 -16.84
N GLU B 537 -1.98 21.94 -17.01
CA GLU B 537 -2.86 22.83 -17.75
C GLU B 537 -2.66 22.70 -19.24
N LYS B 538 -1.53 22.15 -19.67
CA LYS B 538 -1.25 21.86 -21.08
C LYS B 538 -1.07 20.36 -21.23
N PRO B 539 -2.13 19.56 -21.08
CA PRO B 539 -1.98 18.12 -21.24
C PRO B 539 -1.48 17.79 -22.64
N GLU B 540 -0.80 16.64 -22.74
CA GLU B 540 -0.34 16.14 -24.03
C GLU B 540 -0.19 14.63 -23.93
N LYS B 541 -0.31 13.95 -25.06
CA LYS B 541 -0.33 12.50 -25.02
C LYS B 541 0.96 11.96 -24.44
N PHE B 542 0.83 10.91 -23.63
CA PHE B 542 1.90 10.19 -22.94
C PHE B 542 2.59 11.00 -21.86
N ASP B 543 2.02 12.13 -21.43
CA ASP B 543 2.53 12.66 -20.17
C ASP B 543 1.89 11.97 -18.98
N PHE B 544 0.89 11.12 -19.23
CA PHE B 544 0.15 10.35 -18.22
C PHE B 544 -0.56 11.25 -17.20
N THR B 545 -0.91 12.48 -17.59
CA THR B 545 -1.67 13.34 -16.69
C THR B 545 -3.12 12.88 -16.63
N VAL B 546 -3.81 13.32 -15.58
CA VAL B 546 -5.24 13.05 -15.46
C VAL B 546 -6.00 13.75 -16.59
N GLU B 547 -5.66 15.01 -16.86
CA GLU B 547 -6.43 15.81 -17.83
C GLU B 547 -6.36 15.20 -19.23
N GLU B 548 -5.21 14.67 -19.65
CA GLU B 548 -5.13 14.08 -20.99
C GLU B 548 -6.05 12.86 -21.11
N GLN B 549 -6.13 12.03 -20.06
CA GLN B 549 -7.03 10.88 -20.09
C GLN B 549 -8.49 11.33 -20.23
N THR B 550 -8.89 12.31 -19.43
CA THR B 550 -10.24 12.85 -19.52
C THR B 550 -10.55 13.35 -20.94
N ARG B 551 -9.60 14.08 -21.54
CA ARG B 551 -9.85 14.61 -22.88
C ARG B 551 -9.91 13.50 -23.92
N PHE B 552 -9.04 12.50 -23.82
CA PHE B 552 -9.14 11.37 -24.75
C PHE B 552 -10.48 10.68 -24.58
N THR B 553 -10.88 10.42 -23.34
CA THR B 553 -12.09 9.66 -23.08
C THR B 553 -13.32 10.40 -23.56
N ARG B 554 -13.39 11.70 -23.27
CA ARG B 554 -14.51 12.52 -23.73
C ARG B 554 -14.63 12.49 -25.26
N SER B 555 -13.52 12.60 -25.97
CA SER B 555 -13.59 12.69 -27.43
C SER B 555 -14.04 11.38 -28.06
N ILE B 556 -13.40 10.26 -27.71
CA ILE B 556 -13.77 9.00 -28.35
C ILE B 556 -15.20 8.60 -27.96
N THR B 557 -15.57 8.80 -26.69
CA THR B 557 -16.92 8.40 -26.27
C THR B 557 -17.99 9.15 -27.06
N THR B 558 -17.83 10.46 -27.22
CA THR B 558 -18.88 11.18 -27.92
C THR B 558 -18.85 10.87 -29.41
N GLN B 559 -17.67 10.58 -29.97
CA GLN B 559 -17.62 10.11 -31.35
C GLN B 559 -18.35 8.78 -31.49
N ILE B 560 -18.25 7.91 -30.48
CA ILE B 560 -19.00 6.66 -30.51
C ILE B 560 -20.49 6.92 -30.35
N LEU B 561 -20.86 7.82 -29.44
CA LEU B 561 -22.27 8.09 -29.22
C LEU B 561 -22.92 8.69 -30.45
N ASP B 562 -22.14 9.36 -31.31
CA ASP B 562 -22.69 9.97 -32.51
C ASP B 562 -22.91 8.98 -33.65
N ARG B 563 -22.54 7.70 -33.52
CA ARG B 563 -22.53 6.78 -34.66
C ARG B 563 -23.38 5.54 -34.40
N PRO B 564 -24.65 5.54 -34.80
CA PRO B 564 -25.51 4.39 -34.52
C PRO B 564 -24.98 3.09 -35.08
N TYR B 565 -24.17 3.11 -36.16
CA TYR B 565 -23.67 1.86 -36.71
C TYR B 565 -22.64 1.21 -35.78
N ILE B 566 -22.09 1.97 -34.83
CA ILE B 566 -21.21 1.41 -33.80
C ILE B 566 -22.12 0.89 -32.71
N ALA B 567 -22.30 -0.43 -32.66
CA ALA B 567 -23.26 -1.02 -31.74
C ALA B 567 -22.87 -0.79 -30.29
N GLY B 568 -21.57 -0.62 -30.03
CA GLY B 568 -21.16 -0.46 -28.65
C GLY B 568 -19.68 -0.16 -28.53
N GLY B 569 -19.30 0.20 -27.30
CA GLY B 569 -17.93 0.48 -26.93
C GLY B 569 -17.62 0.11 -25.50
N ALA B 570 -16.46 -0.52 -25.29
CA ALA B 570 -15.99 -0.91 -23.96
C ALA B 570 -14.68 -0.20 -23.67
N LEU B 571 -14.67 0.61 -22.63
CA LEU B 571 -13.45 1.27 -22.22
C LEU B 571 -12.39 0.25 -21.84
N TRP B 572 -11.15 0.56 -22.18
CA TRP B 572 -9.97 -0.12 -21.66
C TRP B 572 -9.30 0.85 -20.70
N ASN B 573 -9.42 0.60 -19.39
CA ASN B 573 -9.93 -0.61 -18.75
C ASN B 573 -10.63 -0.11 -17.47
N LEU B 574 -11.44 -0.93 -16.79
CA LEU B 574 -12.16 -0.45 -15.61
C LEU B 574 -11.20 0.05 -14.52
N ALA B 575 -10.15 -0.72 -14.21
CA ALA B 575 -9.19 -0.38 -13.17
C ALA B 575 -7.75 -0.53 -13.64
N ASP B 576 -6.84 0.27 -13.08
CA ASP B 576 -5.41 0.01 -13.27
C ASP B 576 -5.13 -1.45 -12.91
N PHE B 577 -4.30 -2.11 -13.71
CA PHE B 577 -4.11 -3.55 -13.53
C PHE B 577 -2.65 -3.93 -13.75
N SER B 578 -2.27 -5.08 -13.20
CA SER B 578 -0.90 -5.56 -13.28
C SER B 578 -0.57 -6.04 -14.70
N SER B 579 0.52 -5.51 -15.25
CA SER B 579 1.10 -5.99 -16.52
C SER B 579 2.62 -5.82 -16.36
N GLU B 580 3.27 -6.87 -15.88
CA GLU B 580 4.59 -6.75 -15.26
C GLU B 580 5.62 -6.16 -16.20
N ARG B 581 5.48 -6.40 -17.50
CA ARG B 581 6.53 -5.97 -18.41
C ARG B 581 6.47 -4.50 -18.74
N ARG B 582 5.47 -3.77 -18.23
CA ARG B 582 5.33 -2.37 -18.60
C ARG B 582 6.37 -1.49 -17.91
N VAL B 583 6.66 -0.36 -18.56
CA VAL B 583 7.54 0.68 -18.03
C VAL B 583 6.72 1.95 -17.83
N ASP B 584 7.07 3.05 -18.52
CA ASP B 584 6.28 4.29 -18.44
C ASP B 584 6.31 4.88 -17.01
N ALA B 585 5.27 5.64 -16.66
CA ALA B 585 5.28 6.39 -15.41
C ALA B 585 5.34 5.46 -14.20
N THR B 586 4.61 4.34 -14.23
CA THR B 586 4.54 3.38 -13.14
C THR B 586 4.80 1.99 -13.73
N SER B 587 6.05 1.54 -13.66
CA SER B 587 6.43 0.22 -14.15
C SER B 587 5.52 -0.86 -13.57
N HIS B 588 5.28 -1.89 -14.40
CA HIS B 588 4.53 -3.10 -14.08
C HIS B 588 3.02 -2.86 -13.99
N ILE B 589 2.54 -1.63 -14.11
CA ILE B 589 1.12 -1.31 -13.97
C ILE B 589 0.63 -0.67 -15.26
N ASN B 590 -0.41 -1.25 -15.86
CA ASN B 590 -1.15 -0.57 -16.91
C ASN B 590 -2.11 0.42 -16.26
N ASN B 591 -1.91 1.71 -16.51
CA ASN B 591 -2.61 2.77 -15.82
C ASN B 591 -3.81 3.29 -16.60
N LYS B 592 -4.38 2.49 -17.48
CA LYS B 592 -5.53 2.93 -18.24
C LYS B 592 -6.85 2.76 -17.48
N GLY B 593 -6.79 2.47 -16.18
CA GLY B 593 -8.02 2.33 -15.41
C GLY B 593 -8.84 3.60 -15.41
N LEU B 594 -10.16 3.43 -15.35
CA LEU B 594 -11.05 4.51 -14.94
C LEU B 594 -11.00 4.70 -13.42
N VAL B 595 -10.69 3.63 -12.70
CA VAL B 595 -10.45 3.65 -11.26
C VAL B 595 -9.03 3.15 -11.01
N THR B 596 -8.50 3.50 -9.84
CA THR B 596 -7.19 3.03 -9.42
C THR B 596 -7.24 1.53 -9.12
N ALA B 597 -6.07 0.97 -8.77
CA ALA B 597 -6.00 -0.45 -8.48
C ALA B 597 -6.81 -0.81 -7.22
N ASP B 598 -6.86 0.07 -6.21
CA ASP B 598 -7.72 -0.16 -5.07
C ASP B 598 -9.12 0.41 -5.28
N ARG B 599 -9.51 0.63 -6.54
CA ARG B 599 -10.90 0.82 -6.95
C ARG B 599 -11.46 2.19 -6.55
N LYS B 600 -10.61 3.25 -6.61
CA LYS B 600 -11.11 4.61 -6.39
C LYS B 600 -11.24 5.34 -7.72
N PRO B 601 -12.38 5.96 -7.99
CA PRO B 601 -12.61 6.55 -9.33
C PRO B 601 -11.68 7.72 -9.62
N LYS B 602 -11.07 7.69 -10.81
CA LYS B 602 -10.42 8.85 -11.41
C LYS B 602 -11.47 9.76 -12.06
N ASP B 603 -11.01 10.93 -12.52
CA ASP B 603 -11.88 11.84 -13.26
C ASP B 603 -12.60 11.14 -14.39
N ALA B 604 -11.89 10.29 -15.14
CA ALA B 604 -12.50 9.70 -16.32
C ALA B 604 -13.68 8.82 -15.97
N TYR B 605 -13.69 8.21 -14.78
CA TYR B 605 -14.86 7.45 -14.34
C TYR B 605 -16.08 8.35 -14.23
N TYR B 606 -15.90 9.51 -13.60
CA TYR B 606 -17.01 10.43 -13.41
C TYR B 606 -17.42 11.07 -14.73
N LEU B 607 -16.48 11.21 -15.67
CA LEU B 607 -16.85 11.65 -17.02
C LEU B 607 -17.79 10.64 -17.66
N MET B 608 -17.39 9.36 -17.64
CA MET B 608 -18.24 8.30 -18.18
C MET B 608 -19.60 8.27 -17.50
N GLN B 609 -19.63 8.47 -16.18
CA GLN B 609 -20.91 8.48 -15.48
C GLN B 609 -21.80 9.61 -16.00
N ALA B 610 -21.23 10.79 -16.20
CA ALA B 610 -21.98 11.91 -16.74
C ALA B 610 -22.43 11.66 -18.17
N LEU B 611 -21.66 10.89 -18.94
CA LEU B 611 -22.03 10.69 -20.33
C LEU B 611 -23.04 9.55 -20.50
N LEU B 612 -23.12 8.63 -19.54
CA LEU B 612 -23.90 7.40 -19.67
C LEU B 612 -25.11 7.32 -18.76
N SER B 613 -25.05 7.90 -17.57
CA SER B 613 -26.10 7.66 -16.59
C SER B 613 -27.41 8.30 -17.02
N GLU B 614 -28.51 7.59 -16.75
CA GLU B 614 -29.83 8.19 -16.90
C GLU B 614 -30.18 9.10 -15.73
N LYS B 615 -29.72 8.77 -14.51
CA LYS B 615 -29.94 9.64 -13.37
C LYS B 615 -29.27 10.99 -13.59
N PRO B 616 -29.72 12.03 -12.89
CA PRO B 616 -29.02 13.33 -12.99
C PRO B 616 -27.67 13.27 -12.29
N VAL B 617 -26.67 13.85 -12.94
CA VAL B 617 -25.29 13.78 -12.48
C VAL B 617 -24.74 15.19 -12.46
N ALA B 618 -24.09 15.56 -11.36
CA ALA B 618 -23.37 16.84 -11.33
C ALA B 618 -22.35 16.77 -10.20
N ARG B 619 -21.07 16.83 -10.52
CA ARG B 619 -20.10 16.73 -9.45
C ARG B 619 -18.74 17.25 -9.92
N LEU B 620 -18.01 17.80 -8.95
CA LEU B 620 -16.68 18.35 -9.19
C LEU B 620 -15.69 17.27 -9.58
N GLY B 621 -14.77 17.64 -10.45
CA GLY B 621 -13.67 16.78 -10.83
C GLY B 621 -12.56 16.83 -9.81
N TYR B 622 -11.39 16.28 -10.20
CA TYR B 622 -10.18 16.22 -9.40
C TYR B 622 -10.37 15.50 -8.07
N PRO B 623 -10.83 14.24 -8.06
CA PRO B 623 -10.96 13.54 -6.77
C PRO B 623 -9.65 13.27 -6.09
N PHE B 624 -8.53 13.21 -6.81
CA PHE B 624 -7.23 12.91 -6.24
C PHE B 624 -6.33 14.14 -6.11
N ARG B 625 -6.90 15.35 -6.17
CA ARG B 625 -6.09 16.56 -6.09
C ARG B 625 -6.76 17.62 -5.23
N ASN B 626 -6.01 18.14 -4.26
CA ASN B 626 -6.46 19.27 -3.45
C ASN B 626 -5.47 20.42 -3.40
N ARG B 627 -4.36 20.34 -4.14
CA ARG B 627 -3.32 21.35 -4.08
C ARG B 627 -3.08 21.96 -5.46
N TRP B 628 -2.94 23.29 -5.48
CA TRP B 628 -2.55 24.07 -6.65
C TRP B 628 -1.41 24.99 -6.24
N VAL B 629 -0.29 24.93 -6.95
CA VAL B 629 0.81 25.84 -6.69
C VAL B 629 1.19 26.53 -7.99
N HIS B 630 1.32 27.85 -7.95
CA HIS B 630 1.64 28.64 -9.12
C HIS B 630 2.88 29.49 -8.84
N ALA B 631 3.84 29.45 -9.76
CA ALA B 631 4.97 30.37 -9.75
C ALA B 631 4.54 31.68 -10.39
N ALA B 632 4.63 32.77 -9.64
CA ALA B 632 4.19 34.05 -10.17
C ALA B 632 4.95 34.38 -11.46
N THR B 633 4.20 34.84 -12.47
CA THR B 633 4.79 35.19 -13.76
C THR B 633 5.30 36.63 -13.83
N SER B 634 5.03 37.45 -12.82
CA SER B 634 5.52 38.83 -12.77
C SER B 634 5.48 39.29 -11.32
N PRO B 635 6.23 40.35 -10.99
CA PRO B 635 6.26 40.81 -9.58
C PRO B 635 4.92 41.27 -9.03
N SER B 636 4.00 41.72 -9.88
CA SER B 636 2.71 42.19 -9.39
C SER B 636 1.69 41.06 -9.18
N ASP B 637 1.94 39.87 -9.72
CA ASP B 637 1.04 38.72 -9.56
C ASP B 637 0.64 38.56 -8.11
N THR B 638 -0.65 38.34 -7.88
CA THR B 638 -1.12 38.08 -6.53
C THR B 638 -2.07 36.92 -6.44
N LEU B 639 -2.52 36.35 -7.56
CA LEU B 639 -3.58 35.36 -7.55
C LEU B 639 -3.08 34.07 -8.20
N VAL B 640 -3.62 32.94 -7.74
CA VAL B 640 -3.27 31.63 -8.28
C VAL B 640 -4.31 31.26 -9.33
N PRO B 641 -3.90 31.01 -10.57
CA PRO B 641 -4.87 30.56 -11.58
C PRO B 641 -5.26 29.12 -11.32
N VAL B 642 -6.57 28.87 -11.23
CA VAL B 642 -7.10 27.54 -10.95
C VAL B 642 -8.21 27.28 -11.96
N ARG B 643 -7.99 26.30 -12.83
CA ARG B 643 -9.03 25.85 -13.74
C ARG B 643 -9.74 24.67 -13.07
N MET B 644 -11.03 24.84 -12.81
CA MET B 644 -11.88 23.83 -12.21
C MET B 644 -12.83 23.27 -13.27
N HIS B 645 -13.16 21.99 -13.16
CA HIS B 645 -14.12 21.37 -14.04
C HIS B 645 -15.10 20.54 -13.21
N ALA B 646 -16.26 20.26 -13.79
CA ALA B 646 -17.22 19.34 -13.20
C ALA B 646 -17.81 18.46 -14.29
N PHE B 647 -18.30 17.30 -13.86
CA PHE B 647 -18.94 16.34 -14.75
C PHE B 647 -20.45 16.41 -14.55
N SER B 648 -21.19 16.53 -15.65
CA SER B 648 -22.63 16.68 -15.54
C SER B 648 -23.33 16.27 -16.83
N ASN B 649 -24.56 15.79 -16.70
CA ASN B 649 -25.46 15.64 -17.83
C ASN B 649 -26.59 16.66 -17.81
N GLN B 650 -26.52 17.65 -16.92
CA GLN B 650 -27.53 18.70 -16.90
C GLN B 650 -27.23 19.72 -17.99
N LYS B 651 -28.10 20.72 -18.12
CA LYS B 651 -27.88 21.73 -19.15
C LYS B 651 -26.76 22.68 -18.73
N SER B 652 -26.74 23.08 -17.46
CA SER B 652 -25.67 23.91 -16.96
C SER B 652 -25.49 23.62 -15.47
N VAL B 653 -24.40 24.13 -14.89
CA VAL B 653 -24.15 24.00 -13.46
C VAL B 653 -23.42 25.24 -12.98
N SER B 654 -23.45 25.46 -11.66
CA SER B 654 -22.91 26.64 -11.06
C SER B 654 -21.82 26.30 -10.05
N LEU B 655 -20.66 26.93 -10.19
CA LEU B 655 -19.58 26.78 -9.23
C LEU B 655 -19.69 27.84 -8.14
N TYR B 656 -19.53 27.41 -6.88
CA TYR B 656 -19.53 28.31 -5.72
C TYR B 656 -18.19 28.22 -5.02
N VAL B 657 -17.59 29.37 -4.73
CA VAL B 657 -16.30 29.47 -4.06
C VAL B 657 -16.53 30.06 -2.68
N ASP B 658 -16.23 29.28 -1.64
CA ASP B 658 -16.55 29.67 -0.26
C ASP B 658 -18.03 30.06 -0.15
N ASN B 659 -18.86 29.35 -0.90
CA ASN B 659 -20.31 29.40 -0.83
C ASN B 659 -20.91 30.69 -1.38
N ARG B 660 -20.13 31.53 -2.04
CA ARG B 660 -20.64 32.57 -2.91
C ARG B 660 -20.61 32.09 -4.36
N LEU B 661 -21.56 32.54 -5.15
CA LEU B 661 -21.63 32.15 -6.55
C LEU B 661 -20.43 32.71 -7.31
N PHE B 662 -19.72 31.83 -8.02
CA PHE B 662 -18.68 32.28 -8.92
C PHE B 662 -19.18 32.45 -10.36
N GLY B 663 -20.02 31.54 -10.83
CA GLY B 663 -20.47 31.61 -12.20
C GLY B 663 -21.15 30.36 -12.71
N GLU B 664 -22.14 30.54 -13.57
CA GLU B 664 -22.86 29.44 -14.18
C GLU B 664 -22.20 29.11 -15.50
N ALA B 665 -22.02 27.82 -15.75
CA ALA B 665 -21.34 27.36 -16.96
C ALA B 665 -22.25 26.39 -17.71
N GLU B 666 -22.19 26.45 -19.04
CA GLU B 666 -22.95 25.53 -19.86
C GLU B 666 -22.22 24.20 -19.96
N VAL B 667 -22.96 23.11 -19.92
CA VAL B 667 -22.37 21.79 -20.02
C VAL B 667 -22.31 21.39 -21.49
N LYS B 668 -21.13 20.95 -21.93
CA LYS B 668 -20.91 20.45 -23.29
C LYS B 668 -20.19 19.12 -23.18
N ASP B 669 -20.84 18.05 -23.67
CA ASP B 669 -20.27 16.71 -23.68
C ASP B 669 -19.77 16.30 -22.29
N GLY B 670 -20.65 16.44 -21.31
CA GLY B 670 -20.41 15.93 -19.98
C GLY B 670 -19.58 16.79 -19.05
N MET B 671 -19.12 17.96 -19.50
CA MET B 671 -18.21 18.79 -18.71
C MET B 671 -18.59 20.26 -18.72
N ALA B 672 -18.51 20.86 -17.54
CA ALA B 672 -18.49 22.31 -17.36
C ALA B 672 -17.13 22.72 -16.79
N GLU B 673 -16.71 23.95 -17.11
CA GLU B 673 -15.37 24.40 -16.74
C GLU B 673 -15.40 25.87 -16.37
N TRP B 674 -14.51 26.25 -15.45
CA TRP B 674 -14.40 27.61 -14.93
C TRP B 674 -12.94 27.97 -14.79
N GLU B 675 -12.61 29.22 -15.04
CA GLU B 675 -11.25 29.74 -14.88
C GLU B 675 -11.27 30.71 -13.71
N MET B 676 -10.75 30.28 -12.57
CA MET B 676 -10.69 31.12 -11.38
C MET B 676 -9.30 31.72 -11.22
N LYS B 677 -9.24 32.80 -10.45
CA LYS B 677 -7.99 33.39 -9.98
C LYS B 677 -8.19 33.71 -8.50
N LEU B 678 -7.53 32.94 -7.62
CA LEU B 678 -7.87 32.93 -6.20
C LEU B 678 -6.70 33.43 -5.36
N ILE B 679 -7.05 34.02 -4.22
CA ILE B 679 -6.06 34.46 -3.24
C ILE B 679 -5.47 33.24 -2.55
N PRO B 680 -4.16 33.17 -2.38
CA PRO B 680 -3.55 32.03 -1.68
C PRO B 680 -4.21 31.77 -0.34
N GLY B 681 -4.40 30.49 -0.02
CA GLY B 681 -5.06 30.04 1.18
C GLY B 681 -5.93 28.84 0.88
N ARG B 682 -6.73 28.45 1.85
CA ARG B 682 -7.64 27.33 1.71
C ARG B 682 -9.00 27.86 1.28
N HIS B 683 -9.62 27.18 0.32
CA HIS B 683 -10.90 27.57 -0.25
C HIS B 683 -11.82 26.37 -0.35
N LEU B 684 -13.13 26.63 -0.29
CA LEU B 684 -14.14 25.62 -0.51
C LEU B 684 -14.72 25.75 -1.92
N LEU B 685 -14.91 24.60 -2.57
CA LEU B 685 -15.63 24.54 -3.83
C LEU B 685 -16.88 23.68 -3.67
N SER B 686 -17.92 24.02 -4.42
CA SER B 686 -19.20 23.33 -4.35
C SER B 686 -20.04 23.68 -5.56
N LEU B 687 -21.06 22.88 -5.82
CA LEU B 687 -21.99 23.11 -6.92
C LEU B 687 -23.33 23.67 -6.45
N ALA B 688 -23.44 24.01 -5.16
CA ALA B 688 -24.62 24.62 -4.57
C ALA B 688 -24.13 25.48 -3.41
N PRO B 689 -24.80 26.59 -3.12
CA PRO B 689 -24.42 27.38 -1.94
C PRO B 689 -24.93 26.69 -0.66
N ASN B 690 -23.99 26.34 0.22
CA ASN B 690 -24.31 25.74 1.52
C ASN B 690 -25.20 24.51 1.35
N SER B 691 -24.66 23.53 0.63
CA SER B 691 -25.41 22.31 0.38
C SER B 691 -25.74 21.62 1.70
N PRO B 692 -26.98 21.14 1.85
CA PRO B 692 -27.35 20.45 3.09
C PRO B 692 -26.94 18.98 3.12
N ASP B 693 -26.51 18.40 1.99
CA ASP B 693 -26.15 16.98 1.94
C ASP B 693 -24.84 16.66 1.25
N THR B 694 -24.08 17.64 0.77
CA THR B 694 -22.81 17.38 0.08
C THR B 694 -21.70 18.20 0.71
N PRO B 695 -20.72 17.57 1.37
CA PRO B 695 -19.57 18.34 1.85
C PRO B 695 -18.87 19.00 0.68
N GLU B 696 -18.43 20.24 0.88
CA GLU B 696 -17.67 20.93 -0.14
C GLU B 696 -16.32 20.24 -0.35
N LYS B 697 -15.70 20.54 -1.48
CA LYS B 697 -14.32 20.14 -1.74
C LYS B 697 -13.41 21.24 -1.21
N GLN B 698 -12.46 20.88 -0.34
CA GLN B 698 -11.50 21.84 0.19
C GLN B 698 -10.20 21.78 -0.62
N ILE B 699 -9.78 22.92 -1.12
CA ILE B 699 -8.55 22.99 -1.89
C ILE B 699 -7.57 23.92 -1.20
N ASP B 700 -6.30 23.73 -1.54
CA ASP B 700 -5.17 24.40 -0.93
C ASP B 700 -4.37 25.04 -2.04
N VAL B 701 -4.22 26.37 -1.99
CA VAL B 701 -3.79 27.14 -3.14
C VAL B 701 -2.66 28.08 -2.72
N ARG B 702 -1.55 28.07 -3.46
CA ARG B 702 -0.35 28.79 -3.03
C ARG B 702 0.35 29.46 -4.20
N LEU B 703 0.97 30.60 -3.92
CA LEU B 703 1.70 31.40 -4.89
C LEU B 703 3.15 31.51 -4.45
N ILE B 704 4.06 31.08 -5.31
CA ILE B 704 5.49 31.29 -5.10
C ILE B 704 5.80 32.67 -5.67
N PRO B 705 6.37 33.58 -4.89
CA PRO B 705 6.56 34.95 -5.40
C PRO B 705 7.52 34.95 -6.58
N PHE B 706 7.38 35.98 -7.42
CA PHE B 706 8.23 36.12 -8.59
C PHE B 706 9.70 36.08 -8.20
N ARG B 707 10.08 36.85 -7.17
CA ARG B 707 11.41 36.74 -6.58
C ARG B 707 11.34 35.78 -5.41
N PRO B 708 12.10 34.70 -5.42
CA PRO B 708 11.97 33.69 -4.36
C PRO B 708 12.80 34.00 -3.12
N ASP B 709 12.41 33.36 -2.01
CA ASP B 709 13.27 33.29 -0.84
C ASP B 709 13.44 31.86 -0.34
N GLY B 710 12.91 30.86 -1.05
CA GLY B 710 13.10 29.46 -0.72
C GLY B 710 12.51 28.99 0.60
N LYS B 711 11.70 29.83 1.23
CA LYS B 711 11.01 29.45 2.45
C LYS B 711 9.91 28.42 2.13
N LEU B 716 9.91 25.46 -3.32
CA LEU B 716 10.72 25.77 -4.51
C LEU B 716 11.33 24.51 -5.19
N ALA B 717 10.49 23.86 -5.98
CA ALA B 717 10.77 22.55 -6.56
C ALA B 717 10.17 22.49 -7.95
N MET B 718 10.97 22.09 -8.93
CA MET B 718 10.59 22.23 -10.33
C MET B 718 10.85 20.94 -11.09
N ASN B 719 9.83 20.47 -11.78
CA ASN B 719 9.94 19.33 -12.70
C ASN B 719 10.45 19.87 -14.03
N VAL B 720 11.76 19.71 -14.29
CA VAL B 720 12.38 20.23 -15.50
C VAL B 720 12.00 19.35 -16.69
N GLY B 721 11.81 19.98 -17.85
CA GLY B 721 11.55 19.23 -19.07
C GLY B 721 10.12 18.83 -19.30
N ALA B 722 9.16 19.33 -18.50
CA ALA B 722 7.77 18.88 -18.57
C ALA B 722 6.84 20.02 -18.20
N ASN B 723 5.63 19.98 -18.78
CA ASN B 723 4.58 20.93 -18.43
C ASN B 723 3.58 20.37 -17.43
N TYR B 724 3.92 19.28 -16.75
CA TYR B 724 3.02 18.79 -15.73
C TYR B 724 3.64 18.90 -14.35
N ALA B 725 2.78 19.04 -13.36
CA ALA B 725 3.20 18.95 -11.98
C ALA B 725 3.26 17.48 -11.56
N PHE B 726 4.20 17.19 -10.66
CA PHE B 726 4.28 15.88 -10.02
C PHE B 726 4.10 16.09 -8.51
N ILE B 727 3.00 15.55 -7.98
CA ILE B 727 2.64 15.69 -6.58
C ILE B 727 2.95 14.37 -5.88
N ASP B 728 4.13 14.31 -5.25
CA ASP B 728 4.63 13.10 -4.58
C ASP B 728 3.84 12.90 -3.29
N THR B 729 2.98 11.89 -3.27
CA THR B 729 2.06 11.71 -2.15
C THR B 729 2.75 11.25 -0.87
N ARG B 730 3.93 10.63 -0.93
CA ARG B 730 4.56 10.13 0.29
C ARG B 730 4.71 11.24 1.34
N THR B 731 4.81 12.45 0.89
CA THR B 731 5.21 13.56 1.76
C THR B 731 4.50 14.85 1.34
N ASP B 732 3.59 14.79 0.36
CA ASP B 732 2.89 15.96 -0.19
C ASP B 732 3.87 16.99 -0.73
N LEU B 733 4.79 16.54 -1.56
CA LEU B 733 5.82 17.41 -2.13
C LEU B 733 5.45 17.66 -3.60
N TYR B 734 5.24 18.93 -3.93
CA TYR B 734 4.64 19.36 -5.18
C TYR B 734 5.75 19.95 -6.05
N TRP B 735 6.11 19.24 -7.12
CA TRP B 735 7.12 19.70 -8.07
C TRP B 735 6.43 20.44 -9.21
N LEU B 736 6.70 21.74 -9.34
CA LEU B 736 6.03 22.60 -10.31
C LEU B 736 6.38 22.17 -11.74
N PRO B 737 5.52 22.46 -12.71
CA PRO B 737 5.96 22.31 -14.11
C PRO B 737 7.10 23.28 -14.40
N GLU B 738 7.87 22.98 -15.44
CA GLU B 738 9.08 23.73 -15.69
C GLU B 738 8.78 25.19 -16.03
N ARG B 739 9.73 26.07 -15.68
CA ARG B 739 9.66 27.48 -16.04
C ARG B 739 11.08 27.97 -16.36
N THR B 740 11.23 28.59 -17.53
CA THR B 740 12.51 29.16 -17.95
C THR B 740 12.90 30.30 -17.02
N TYR B 741 14.20 30.39 -16.71
CA TYR B 741 14.68 31.48 -15.87
C TYR B 741 14.50 32.81 -16.60
N GLU B 742 14.06 33.82 -15.86
CA GLU B 742 14.19 35.20 -16.32
C GLU B 742 14.70 36.06 -15.18
N LYS B 743 15.40 37.13 -15.54
CA LYS B 743 16.06 37.99 -14.56
C LYS B 743 15.08 38.40 -13.48
N GLY B 744 15.54 38.30 -12.22
CA GLY B 744 14.71 38.64 -11.08
C GLY B 744 13.85 37.51 -10.54
N SER B 745 13.95 36.31 -11.11
CA SER B 745 13.10 35.21 -10.66
C SER B 745 13.91 33.94 -10.50
N TRP B 746 13.38 32.82 -10.99
CA TRP B 746 14.06 31.53 -10.89
C TRP B 746 13.55 30.58 -11.97
N GLY B 747 14.46 29.72 -12.43
CA GLY B 747 14.11 28.74 -13.43
C GLY B 747 15.33 28.18 -14.13
N VAL B 748 15.05 27.28 -15.05
CA VAL B 748 16.10 26.62 -15.82
C VAL B 748 16.58 27.53 -16.94
N VAL B 749 17.87 27.50 -17.22
CA VAL B 749 18.52 28.34 -18.22
C VAL B 749 18.93 27.46 -19.40
N GLY B 750 18.43 27.80 -20.60
CA GLY B 750 18.76 27.08 -21.80
C GLY B 750 18.19 25.66 -21.86
N GLY B 751 18.66 24.91 -22.85
CA GLY B 751 18.24 23.54 -23.04
C GLY B 751 16.96 23.38 -23.85
N GLU B 752 16.64 22.12 -24.15
CA GLU B 752 15.44 21.72 -24.86
C GLU B 752 14.81 20.54 -24.13
N PRO B 753 13.49 20.53 -23.94
CA PRO B 753 12.84 19.35 -23.35
C PRO B 753 13.07 18.10 -24.19
N LEU B 754 13.28 16.98 -23.53
CA LEU B 754 13.61 15.75 -24.22
C LEU B 754 12.36 15.11 -24.80
N TYR B 755 12.46 14.65 -26.05
CA TYR B 755 11.43 13.86 -26.71
C TYR B 755 12.09 12.65 -27.33
N VAL B 756 11.52 11.47 -27.09
CA VAL B 756 12.01 10.22 -27.67
C VAL B 756 10.82 9.51 -28.28
N GLY B 757 10.93 9.14 -29.55
CA GLY B 757 9.84 8.44 -30.22
C GLY B 757 8.52 9.16 -30.25
N GLY B 758 8.53 10.48 -30.37
CA GLY B 758 7.29 11.24 -30.40
C GLY B 758 6.63 11.46 -29.04
N LYS B 759 7.26 11.03 -27.96
CA LYS B 759 6.67 11.14 -26.63
C LYS B 759 7.59 11.96 -25.73
N VAL B 760 6.98 12.80 -24.88
CA VAL B 760 7.75 13.62 -23.95
C VAL B 760 8.58 12.74 -23.02
N GLY B 761 9.86 13.10 -22.83
CA GLY B 761 10.73 12.40 -21.90
C GLY B 761 11.03 10.98 -22.37
N THR B 762 11.71 10.22 -21.50
CA THR B 762 11.96 8.81 -21.75
C THR B 762 10.97 7.95 -20.96
N LYS B 763 10.51 6.87 -21.58
CA LYS B 763 9.55 5.97 -20.94
C LYS B 763 10.22 4.76 -20.30
N GLU B 764 11.54 4.73 -20.25
CA GLU B 764 12.26 3.63 -19.62
C GLU B 764 12.05 3.62 -18.11
N ASP B 765 12.12 2.42 -17.54
CA ASP B 765 12.14 2.25 -16.09
C ASP B 765 13.37 2.93 -15.51
N ILE B 766 13.19 4.01 -14.76
CA ILE B 766 14.31 4.65 -14.08
C ILE B 766 14.72 3.76 -12.92
N LEU B 767 15.96 3.26 -12.95
CA LEU B 767 16.34 2.27 -11.96
C LEU B 767 16.41 2.89 -10.56
N ALA B 768 16.38 2.02 -9.55
CA ALA B 768 16.68 2.39 -8.16
C ALA B 768 15.63 3.29 -7.50
N VAL B 769 14.73 3.90 -8.27
CA VAL B 769 13.63 4.64 -7.67
C VAL B 769 12.32 4.09 -8.21
N ASP B 770 11.24 4.36 -7.46
CA ASP B 770 9.92 3.90 -7.85
C ASP B 770 8.99 5.09 -8.03
N GLU B 771 8.66 5.82 -6.96
CA GLU B 771 7.67 6.88 -7.03
C GLU B 771 8.12 8.00 -7.96
N GLU B 772 9.41 8.26 -8.04
CA GLU B 772 9.89 9.42 -8.75
C GLU B 772 10.20 9.17 -10.22
N ASP B 773 9.87 8.00 -10.76
CA ASP B 773 10.11 7.77 -12.19
C ASP B 773 9.61 8.90 -13.08
N PRO B 774 8.36 9.38 -12.97
CA PRO B 774 7.90 10.43 -13.90
C PRO B 774 8.59 11.77 -13.70
N LEU B 775 9.25 11.98 -12.56
CA LEU B 775 10.03 13.18 -12.35
C LEU B 775 11.35 13.09 -13.11
N TYR B 776 12.07 11.97 -12.96
CA TYR B 776 13.34 11.78 -13.65
C TYR B 776 13.15 11.69 -15.17
N GLN B 777 12.05 11.07 -15.61
CA GLN B 777 11.90 10.70 -17.01
C GLN B 777 11.85 11.92 -17.95
N THR B 778 11.32 13.04 -17.48
CA THR B 778 11.36 14.29 -18.25
C THR B 778 12.57 15.11 -17.83
N MET B 779 13.13 15.85 -18.79
CA MET B 779 14.38 16.56 -18.55
C MET B 779 14.62 17.55 -19.68
N ARG B 780 15.46 18.54 -19.40
CA ARG B 780 16.02 19.35 -20.46
C ARG B 780 17.39 18.82 -20.83
N VAL B 781 17.64 18.76 -22.14
CA VAL B 781 18.90 18.31 -22.72
C VAL B 781 19.72 19.54 -23.09
N ASN B 782 21.01 19.50 -22.79
CA ASN B 782 21.91 20.62 -22.97
C ASN B 782 21.42 21.94 -22.36
N PRO B 783 21.04 21.95 -21.08
CA PRO B 783 20.80 23.23 -20.42
C PRO B 783 22.10 23.85 -19.94
N GLU B 784 22.13 25.19 -19.86
CA GLU B 784 23.32 25.85 -19.35
C GLU B 784 23.41 25.72 -17.84
N GLY B 785 22.27 25.61 -17.17
CA GLY B 785 22.23 25.53 -15.72
C GLY B 785 20.91 26.05 -15.20
N PHE B 786 20.94 26.56 -13.97
CA PHE B 786 19.74 26.96 -13.25
C PHE B 786 20.01 28.24 -12.48
N GLY B 787 18.99 29.09 -12.36
CA GLY B 787 19.13 30.35 -11.66
C GLY B 787 18.02 30.62 -10.65
N ALA B 788 18.38 31.33 -9.58
CA ALA B 788 17.43 31.73 -8.56
C ALA B 788 17.94 33.00 -7.90
N ASP B 789 17.20 34.11 -8.08
CA ASP B 789 17.61 35.41 -7.51
C ASP B 789 17.23 35.47 -6.02
N LEU B 790 17.94 34.65 -5.24
CA LEU B 790 17.66 34.44 -3.83
C LEU B 790 18.40 35.45 -2.97
N PRO B 791 17.83 35.79 -1.81
CA PRO B 791 18.56 36.62 -0.85
C PRO B 791 19.79 35.90 -0.34
N ASP B 792 20.69 36.68 0.26
CA ASP B 792 21.83 36.08 0.93
C ASP B 792 21.34 35.09 1.99
N GLY B 793 22.00 33.93 2.04
CA GLY B 793 21.59 32.89 2.95
C GLY B 793 22.24 31.57 2.55
N THR B 794 21.95 30.54 3.35
CA THR B 794 22.38 29.20 3.03
C THR B 794 21.19 28.41 2.51
N TYR B 795 21.44 27.59 1.47
CA TYR B 795 20.39 26.86 0.78
C TYR B 795 20.85 25.44 0.53
N GLU B 796 19.94 24.50 0.71
CA GLU B 796 20.13 23.14 0.24
C GLU B 796 19.64 23.04 -1.19
N ILE B 797 20.49 22.51 -2.07
CA ILE B 797 20.20 22.43 -3.51
C ILE B 797 20.26 20.99 -3.94
N GLU B 798 19.29 20.57 -4.75
CA GLU B 798 19.20 19.23 -5.30
C GLU B 798 19.06 19.33 -6.81
N LEU B 799 19.91 18.60 -7.53
CA LEU B 799 19.81 18.48 -8.98
C LEU B 799 19.59 17.01 -9.31
N LEU B 800 18.55 16.70 -10.07
CA LEU B 800 18.23 15.33 -10.44
C LEU B 800 18.50 15.12 -11.91
N MET B 801 19.20 14.03 -12.24
CA MET B 801 19.84 13.88 -13.53
C MET B 801 19.87 12.40 -13.87
N VAL B 802 19.61 12.06 -15.13
CA VAL B 802 19.75 10.66 -15.54
C VAL B 802 20.08 10.61 -17.03
N ASP B 803 21.03 9.74 -17.38
CA ASP B 803 21.36 9.48 -18.78
C ASP B 803 20.33 8.52 -19.37
N TYR B 804 19.90 8.81 -20.59
CA TYR B 804 18.70 8.19 -21.13
C TYR B 804 19.03 7.32 -22.34
N VAL B 805 18.19 6.31 -22.56
CA VAL B 805 18.22 5.55 -23.80
C VAL B 805 17.70 6.43 -24.94
N LYS B 806 18.49 6.53 -26.02
CA LYS B 806 18.22 7.50 -27.07
C LYS B 806 17.14 7.08 -28.05
N LYS B 807 16.89 5.78 -28.19
CA LYS B 807 15.92 5.26 -29.15
C LYS B 807 14.87 4.46 -28.39
N SER B 808 13.60 4.68 -28.70
CA SER B 808 12.57 3.89 -28.05
C SER B 808 12.69 2.42 -28.46
N ARG B 809 12.15 1.56 -27.62
CA ARG B 809 12.16 0.14 -27.95
C ARG B 809 10.89 -0.50 -27.42
N ARG B 810 10.51 -1.60 -28.05
CA ARG B 810 9.26 -2.26 -27.72
C ARG B 810 9.28 -2.73 -26.27
N PHE B 811 10.33 -3.45 -25.87
CA PHE B 811 10.41 -4.03 -24.55
C PHE B 811 11.73 -3.61 -23.90
N ALA B 812 11.62 -2.78 -22.86
CA ALA B 812 12.75 -2.17 -22.18
C ALA B 812 13.05 -2.84 -20.83
N ASP B 813 12.61 -4.08 -20.63
CA ASP B 813 12.74 -4.74 -19.35
C ASP B 813 13.71 -5.91 -19.36
N GLU B 814 14.46 -6.12 -20.43
CA GLU B 814 15.29 -7.32 -20.54
C GLU B 814 16.79 -7.04 -20.41
N ASP B 815 17.17 -5.84 -20.00
CA ASP B 815 18.59 -5.53 -19.87
C ASP B 815 19.23 -6.41 -18.81
N LYS B 816 20.37 -7.00 -19.15
CA LYS B 816 21.12 -7.86 -18.23
C LYS B 816 22.25 -7.00 -17.70
N GLY B 817 21.98 -6.31 -16.60
CA GLY B 817 22.94 -5.38 -16.02
C GLY B 817 22.74 -3.97 -16.56
N ILE B 818 23.61 -3.09 -16.10
CA ILE B 818 23.58 -1.68 -16.44
C ILE B 818 24.41 -1.42 -17.69
N THR B 819 23.90 -0.57 -18.57
CA THR B 819 24.58 -0.12 -19.78
C THR B 819 25.39 1.13 -19.45
N TYR B 820 26.72 1.04 -19.48
CA TYR B 820 27.60 2.16 -19.16
C TYR B 820 28.12 2.79 -20.45
N GLU B 821 28.12 4.11 -20.48
CA GLU B 821 28.54 4.87 -21.67
C GLU B 821 29.59 5.90 -21.25
N PRO B 822 30.77 5.44 -20.84
CA PRO B 822 31.78 6.37 -20.34
C PRO B 822 32.26 7.33 -21.40
N GLY B 823 32.71 8.50 -20.96
CA GLY B 823 33.27 9.49 -21.85
C GLY B 823 32.29 10.12 -22.81
N GLN B 824 31.00 9.83 -22.70
CA GLN B 824 30.03 10.35 -23.66
C GLN B 824 29.25 11.55 -23.16
N ARG B 825 28.93 11.58 -21.86
CA ARG B 825 28.11 12.63 -21.24
C ARG B 825 28.80 13.04 -19.94
N VAL B 826 29.77 13.95 -20.06
CA VAL B 826 30.66 14.35 -18.98
C VAL B 826 30.57 15.86 -18.84
N PHE B 827 30.45 16.35 -17.60
CA PHE B 827 30.38 17.79 -17.37
C PHE B 827 30.67 18.12 -15.90
N GLY B 828 30.98 19.40 -15.65
CA GLY B 828 31.19 19.89 -14.31
C GLY B 828 30.05 20.79 -13.84
N VAL B 829 29.92 20.99 -12.53
CA VAL B 829 28.89 21.85 -11.97
C VAL B 829 29.55 22.89 -11.07
N SER B 830 29.23 24.16 -11.31
CA SER B 830 29.67 25.22 -10.44
C SER B 830 28.48 26.02 -9.94
N VAL B 831 28.67 26.70 -8.81
CA VAL B 831 27.67 27.61 -8.25
C VAL B 831 28.36 28.93 -7.92
N ASN B 832 27.93 30.01 -8.58
CA ASN B 832 28.54 31.34 -8.39
C ASN B 832 30.06 31.28 -8.47
N GLY B 833 30.57 30.62 -9.51
CA GLY B 833 32.00 30.47 -9.69
C GLY B 833 32.67 29.47 -8.79
N THR B 834 31.99 28.94 -7.78
CA THR B 834 32.59 27.91 -6.94
C THR B 834 32.37 26.55 -7.58
N SER B 835 33.44 25.76 -7.67
CA SER B 835 33.37 24.43 -8.26
C SER B 835 32.74 23.47 -7.26
N ILE B 836 31.58 22.92 -7.61
CA ILE B 836 30.92 21.95 -6.75
C ILE B 836 31.39 20.54 -7.06
N LEU B 837 31.28 20.16 -8.33
CA LEU B 837 31.64 18.83 -8.79
C LEU B 837 32.60 19.01 -9.95
N PRO B 838 33.88 18.71 -9.78
CA PRO B 838 34.85 18.97 -10.86
C PRO B 838 34.47 18.29 -12.17
N GLU B 839 34.01 17.05 -12.11
CA GLU B 839 33.50 16.36 -13.30
C GLU B 839 32.63 15.20 -12.84
N ILE B 840 31.51 15.03 -13.54
CA ILE B 840 30.63 13.88 -13.35
C ILE B 840 30.49 13.19 -14.71
N ASP B 841 30.82 11.90 -14.76
CA ASP B 841 30.66 11.11 -15.98
C ASP B 841 29.35 10.36 -15.82
N LEU B 842 28.27 10.97 -16.34
CA LEU B 842 26.93 10.43 -16.09
C LEU B 842 26.79 9.03 -16.69
N GLY B 843 27.07 8.89 -17.98
CA GLY B 843 27.02 7.59 -18.61
C GLY B 843 28.03 6.60 -18.05
N GLY B 844 29.16 7.10 -17.56
CA GLY B 844 30.23 6.20 -17.17
C GLY B 844 30.17 5.75 -15.72
N SER B 845 29.88 6.67 -14.80
CA SER B 845 29.85 6.33 -13.37
C SER B 845 28.48 5.89 -12.88
N TYR B 846 27.41 6.28 -13.57
CA TYR B 846 26.07 5.87 -13.17
C TYR B 846 25.45 4.94 -14.19
N GLY B 847 25.31 5.35 -15.43
CA GLY B 847 24.78 4.49 -16.47
C GLY B 847 23.41 4.93 -16.94
N LEU B 848 23.01 4.37 -18.08
CA LEU B 848 21.68 4.67 -18.61
C LEU B 848 20.62 4.21 -17.62
N ASN B 849 19.64 5.07 -17.40
CA ASN B 849 18.49 4.87 -16.51
C ASN B 849 18.86 4.84 -15.03
N VAL B 850 20.10 5.15 -14.66
CA VAL B 850 20.52 5.18 -13.26
C VAL B 850 20.40 6.62 -12.73
N PRO B 851 19.52 6.88 -11.78
CA PRO B 851 19.35 8.26 -11.32
C PRO B 851 20.57 8.77 -10.57
N CYS B 852 20.81 10.08 -10.71
CA CYS B 852 21.87 10.77 -9.99
C CYS B 852 21.25 11.99 -9.32
N ARG B 853 21.14 11.98 -7.99
CA ARG B 853 20.59 13.11 -7.26
C ARG B 853 21.72 13.82 -6.53
N LEU B 854 22.09 14.98 -7.01
CA LEU B 854 23.21 15.73 -6.47
C LEU B 854 22.68 16.74 -5.44
N THR B 855 23.05 16.54 -4.17
CA THR B 855 22.50 17.32 -3.06
C THR B 855 23.64 17.98 -2.30
N PHE B 856 23.51 19.28 -2.03
CA PHE B 856 24.57 20.00 -1.33
C PHE B 856 24.01 21.32 -0.79
N ARG B 857 24.81 21.96 0.06
CA ARG B 857 24.47 23.26 0.63
C ARG B 857 25.46 24.31 0.14
N TYR B 858 24.95 25.50 -0.16
CA TYR B 858 25.71 26.63 -0.63
C TYR B 858 25.21 27.86 0.12
N THR B 859 26.13 28.76 0.47
CA THR B 859 25.82 30.00 1.16
C THR B 859 25.98 31.14 0.15
N VAL B 860 24.87 31.79 -0.18
CA VAL B 860 24.86 32.95 -1.06
C VAL B 860 25.32 34.17 -0.29
N THR B 861 26.30 34.91 -0.82
CA THR B 861 26.75 36.16 -0.22
C THR B 861 26.75 37.30 -1.22
N ASP B 862 26.95 38.51 -0.69
CA ASP B 862 27.28 39.69 -1.50
C ASP B 862 26.20 40.02 -2.52
N ASN B 863 24.94 39.82 -2.13
CA ASN B 863 23.77 40.12 -2.98
C ASN B 863 23.84 39.41 -4.34
N ALA B 864 24.47 38.25 -4.39
CA ALA B 864 24.82 37.61 -5.65
C ALA B 864 23.71 36.74 -6.26
N GLY B 865 22.66 36.40 -5.51
CA GLY B 865 21.71 35.42 -6.01
C GLY B 865 22.37 34.05 -6.18
N LEU B 866 21.66 33.15 -6.88
CA LEU B 866 22.12 31.77 -7.03
C LEU B 866 22.24 31.40 -8.51
N SER B 867 23.45 31.11 -8.95
CA SER B 867 23.70 30.80 -10.36
C SER B 867 24.44 29.47 -10.47
N ILE B 868 23.74 28.44 -10.94
CA ILE B 868 24.27 27.09 -11.07
C ILE B 868 24.55 26.87 -12.55
N LYS B 869 25.80 26.57 -12.89
CA LYS B 869 26.22 26.44 -14.27
C LYS B 869 26.79 25.06 -14.52
N PHE B 870 26.45 24.49 -15.69
CA PHE B 870 27.06 23.26 -16.17
C PHE B 870 28.23 23.59 -17.09
N HIS B 871 29.29 22.78 -17.01
CA HIS B 871 30.50 22.97 -17.81
C HIS B 871 30.72 21.74 -18.69
N PRO B 872 30.23 21.76 -19.93
CA PRO B 872 30.40 20.60 -20.82
C PRO B 872 31.86 20.19 -21.00
N VAL B 873 32.08 18.88 -20.99
CA VAL B 873 33.35 18.26 -21.36
C VAL B 873 33.20 17.35 -22.56
N SER B 874 32.25 16.42 -22.51
CA SER B 874 31.86 15.60 -23.66
C SER B 874 30.35 15.49 -23.65
N GLY B 875 29.74 15.64 -24.84
CA GLY B 875 28.30 15.55 -24.94
C GLY B 875 27.63 16.71 -24.24
N GLU B 876 26.34 16.53 -23.94
CA GLU B 876 25.55 17.60 -23.35
C GLU B 876 25.03 17.23 -21.97
N PRO B 877 25.02 18.17 -21.04
CA PRO B 877 24.43 17.90 -19.73
C PRO B 877 22.93 17.67 -19.88
N VAL B 878 22.34 17.11 -18.82
CA VAL B 878 20.90 16.89 -18.76
C VAL B 878 20.43 17.27 -17.35
N LEU B 879 19.13 17.49 -17.22
CA LEU B 879 18.58 17.94 -15.93
C LEU B 879 17.10 17.63 -15.88
N SER B 880 16.67 16.77 -14.93
CA SER B 880 15.27 16.38 -14.80
C SER B 880 14.48 17.17 -13.77
N ALA B 881 15.13 17.67 -12.71
CA ALA B 881 14.42 18.36 -11.65
C ALA B 881 15.41 19.13 -10.79
N VAL B 882 14.93 20.22 -10.20
CA VAL B 882 15.69 21.07 -9.28
C VAL B 882 14.81 21.35 -8.07
N ARG B 883 15.42 21.29 -6.87
CA ARG B 883 14.77 21.75 -5.66
C ARG B 883 15.75 22.58 -4.85
N ILE B 884 15.27 23.71 -4.33
CA ILE B 884 16.08 24.63 -3.54
C ILE B 884 15.32 24.96 -2.26
N ARG B 885 15.97 24.76 -1.10
CA ARG B 885 15.36 24.97 0.21
C ARG B 885 16.28 25.83 1.07
N LYS B 886 15.74 26.92 1.62
CA LYS B 886 16.49 27.70 2.60
C LYS B 886 16.69 26.87 3.86
N VAL B 887 17.93 26.83 4.35
CA VAL B 887 18.23 26.21 5.63
C VAL B 887 19.00 27.24 6.47
N GLU B 888 19.16 26.93 7.76
CA GLU B 888 19.70 27.92 8.68
C GLU B 888 21.21 28.03 8.55
N PHE B 889 21.86 26.94 8.16
CA PHE B 889 23.30 26.88 7.98
C PHE B 889 23.65 25.51 7.40
#